data_2D6F
#
_entry.id   2D6F
#
_cell.length_a   118.812
_cell.length_b   140.706
_cell.length_c   186.044
_cell.angle_alpha   90.00
_cell.angle_beta   90.00
_cell.angle_gamma   90.00
#
_symmetry.space_group_name_H-M   'P 21 21 21'
#
loop_
_entity.id
_entity.type
_entity.pdbx_description
1 polymer tRNA
2 polymer 'Glutamyl-tRNA(Gln) amidotransferase subunit D'
3 polymer 'Glutamyl-tRNA(Gln) amidotransferase subunit E'
4 non-polymer 'ZINC ION'
5 water water
#
loop_
_entity_poly.entity_id
_entity_poly.type
_entity_poly.pdbx_seq_one_letter_code
_entity_poly.pdbx_strand_id
1 'polyribonucleotide' AGUCCCGUGGGGUAGUGGUAAUCCUGCUGGGCUUUGGACCCGGCGACAGCGGUUCGACUCCGCUCGGGACUACC E,F
2 'polypeptide(L)'
;MSYQGRARKFLESASIDVGDMVLVEKPDVTYEGMVLDRADDADDRHIVLKLENGYNIGVEISDARIELLEKGSEPRIELP
PVEAAEDPELPDVSIISTGGTVASIIDYRTGAVHPAFTADDLLRANPELLDIANIRGRAVFNILSENMKPEYWVETARAV
YGEIKDGADGVVVAHGTDTMHYTSAALSFMLRTPVPVVFTGAQRSSDRPSSDASLNIQCSVRAATSEIAEVTVCMHATMD
DLSCHLHRGVKVRKMHTSRRDTFRSMNALPLAEVTPDGIKILEENYRKRGSDELELSDRVEERVAFIKSYPGISPDIIKW
HLDEGYRGIVIEGTGLGHCPDTLIPVIGEAHDMGVPVAMTSQCLNGRVNMNVYSTGRRLLQAGVIPCDDMLPEVAYVKMC
WVLGQTDDPEMAREMMRENIAGEINERTSIAYFRG
;
A,B
3 'polypeptide(L)'
;MDWEKVGLKMGLEIHQQLDTESKLFCPCRTELTDSEPDHDIVRNLRPTQSELGKFDRAAFEEAMRKLHFHYENYHEETCL
VEADEEPPHPLNPEALEIAVTIALLLNMRVVDEFHTMRKQVIDGSNTGGFQRTGLVATDGHLETPQGTVKIENLCLEEDA
ARRIRETGDGVVFRLDRLGIPLVEITTDPSMSDPQQLREVAYQIGQILRSTRVKRGLGTIRQDLNISIRDGARVEVKGVQ
DLDLIPEIVEREVKRQLSLVEIRDTLQERGAVVEDKIFDVSEVFADTESRIISSAESVLAVKLRGFDGLIGVEIQPGRRL
GTEMADYAKKRGVSGIFHTDELPAYGITEEEVRGLRDAVGASQGDAVVMVAHERVTAENALREVIRRAEMAIQGVPEETR
KALPDGNTQYLRPLPTSSRMYLETDIPLFRIEDDLLEGIRRNLPELPSEKKERIMRDYGLSEDLASQLVKRNLVDEFEAL
TEFRVDTTVIASLLAYTLRELRREGHDVDGLGLDELRDAIKLLEVGKISKDALRDIVACMADEGLAAEDAARKLNLLLLA
EDEIESIIQEIVEGNLDMISERGMGAMGPLMGQAMGRLRGRADGKVVNRILREKIQERL
;
C,D
#
# COMPACT_ATOMS: atom_id res chain seq x y z
N SER C 2 17.77 15.50 38.54
CA SER C 2 18.94 16.14 37.87
C SER C 2 18.69 17.60 37.55
N TYR C 3 18.44 18.40 38.58
CA TYR C 3 18.22 19.84 38.40
C TYR C 3 19.57 20.43 38.02
N GLN C 4 19.59 21.72 37.73
CA GLN C 4 20.84 22.36 37.35
C GLN C 4 20.91 23.78 37.87
N GLY C 5 22.10 24.38 37.76
CA GLY C 5 22.32 25.75 38.20
C GLY C 5 21.42 26.29 39.30
N ARG C 6 20.97 27.53 39.13
CA ARG C 6 20.12 28.20 40.10
C ARG C 6 19.17 27.26 40.82
N ALA C 7 18.46 26.43 40.05
CA ALA C 7 17.52 25.50 40.63
C ALA C 7 18.16 24.69 41.75
N ARG C 8 19.18 23.93 41.40
CA ARG C 8 19.90 23.08 42.36
C ARG C 8 20.46 23.92 43.51
N LYS C 9 21.04 25.06 43.14
CA LYS C 9 21.63 25.97 44.10
C LYS C 9 20.73 26.22 45.30
N PHE C 10 19.52 26.74 45.07
CA PHE C 10 18.64 27.00 46.19
C PHE C 10 17.70 25.86 46.58
N LEU C 11 17.91 24.70 45.97
CA LEU C 11 17.10 23.54 46.32
C LEU C 11 18.02 22.78 47.26
N GLU C 12 19.31 23.06 47.13
CA GLU C 12 20.36 22.47 47.94
C GLU C 12 20.47 23.26 49.24
N SER C 13 20.59 24.58 49.09
CA SER C 13 20.72 25.49 50.21
C SER C 13 19.62 25.36 51.26
N ALA C 14 18.83 24.30 51.15
CA ALA C 14 17.76 24.05 52.11
C ALA C 14 17.74 22.57 52.43
N SER C 15 18.69 21.84 51.87
CA SER C 15 18.84 20.41 52.08
C SER C 15 17.62 19.57 51.71
N ILE C 16 17.04 19.82 50.54
CA ILE C 16 15.88 19.06 50.11
C ILE C 16 16.18 18.25 48.87
N ASP C 17 15.66 17.02 48.85
CA ASP C 17 15.85 16.09 47.74
C ASP C 17 14.54 15.82 47.00
N VAL C 18 14.65 14.94 46.01
CA VAL C 18 13.50 14.52 45.25
C VAL C 18 12.67 13.67 46.20
N GLY C 19 11.35 13.68 46.05
CA GLY C 19 10.49 12.87 46.90
C GLY C 19 10.04 13.55 48.18
N ASP C 20 10.79 14.53 48.65
CA ASP C 20 10.44 15.21 49.88
C ASP C 20 9.25 16.15 49.75
N MET C 21 8.32 16.06 50.69
CA MET C 21 7.17 16.95 50.68
C MET C 21 7.72 18.26 51.19
N VAL C 22 7.48 19.34 50.46
CA VAL C 22 7.99 20.62 50.91
C VAL C 22 6.90 21.66 50.82
N LEU C 23 7.21 22.88 51.22
CA LEU C 23 6.26 23.96 51.16
C LEU C 23 7.00 25.18 50.63
N VAL C 24 6.60 25.63 49.44
CA VAL C 24 7.24 26.78 48.83
C VAL C 24 6.36 27.99 49.03
N GLU C 25 6.97 29.12 49.35
CA GLU C 25 6.20 30.32 49.55
C GLU C 25 6.77 31.43 48.70
N LYS C 26 5.90 32.22 48.12
CA LYS C 26 6.33 33.34 47.31
C LYS C 26 5.48 34.55 47.64
N PRO C 27 5.90 35.72 47.15
CA PRO C 27 5.18 36.98 47.37
C PRO C 27 3.68 36.96 47.05
N ASP C 28 3.26 36.10 46.11
CA ASP C 28 1.86 36.03 45.74
C ASP C 28 1.26 34.63 45.74
N VAL C 29 2.08 33.62 46.04
CA VAL C 29 1.58 32.24 46.05
C VAL C 29 2.28 31.37 47.09
N THR C 30 1.74 30.17 47.29
CA THR C 30 2.29 29.23 48.26
C THR C 30 1.82 27.80 47.98
N TYR C 31 2.72 26.95 47.47
CA TYR C 31 2.37 25.56 47.16
C TYR C 31 2.87 24.55 48.18
N GLU C 32 2.29 23.36 48.13
CA GLU C 32 2.67 22.28 49.03
C GLU C 32 2.58 20.95 48.32
N GLY C 33 3.72 20.42 47.93
CA GLY C 33 3.73 19.13 47.24
C GLY C 33 5.05 18.40 47.26
N MET C 34 5.10 17.29 46.53
CA MET C 34 6.32 16.51 46.45
C MET C 34 7.20 17.07 45.35
N VAL C 35 8.50 17.12 45.61
CA VAL C 35 9.44 17.59 44.62
C VAL C 35 9.62 16.42 43.68
N LEU C 36 9.74 16.72 42.39
CA LEU C 36 9.91 15.66 41.41
C LEU C 36 11.19 15.90 40.61
N ASP C 37 11.77 14.82 40.10
CA ASP C 37 12.98 14.93 39.31
C ASP C 37 12.65 15.82 38.11
N ARG C 38 13.58 16.68 37.71
CA ARG C 38 13.39 17.60 36.59
C ARG C 38 14.25 17.20 35.38
N ALA C 39 13.61 16.77 34.30
CA ALA C 39 14.35 16.37 33.11
C ALA C 39 15.46 17.38 32.77
N ASP C 40 16.62 16.86 32.37
CA ASP C 40 17.78 17.68 32.01
C ASP C 40 17.52 18.69 30.91
N ASP C 41 16.79 18.28 29.89
CA ASP C 41 16.46 19.15 28.77
C ASP C 41 15.99 20.48 29.32
N ALA C 42 15.11 20.43 30.31
CA ALA C 42 14.57 21.63 30.93
C ALA C 42 15.64 22.48 31.60
N ASP C 43 15.43 23.79 31.59
CA ASP C 43 16.36 24.73 32.19
C ASP C 43 15.97 24.93 33.65
N ASP C 44 16.91 25.44 34.44
CA ASP C 44 16.67 25.69 35.86
C ASP C 44 15.61 26.78 36.05
N ARG C 45 15.73 27.50 37.17
CA ARG C 45 14.80 28.56 37.54
C ARG C 45 13.50 28.02 38.10
N HIS C 46 13.17 26.76 37.81
CA HIS C 46 11.92 26.20 38.31
C HIS C 46 12.05 24.86 39.00
N ILE C 47 11.12 24.60 39.91
CA ILE C 47 11.10 23.35 40.65
C ILE C 47 9.75 22.67 40.45
N VAL C 48 9.81 21.43 40.00
CA VAL C 48 8.63 20.62 39.75
C VAL C 48 8.07 20.07 41.05
N LEU C 49 6.86 20.49 41.39
CA LEU C 49 6.20 20.02 42.59
C LEU C 49 5.00 19.22 42.15
N LYS C 50 4.55 18.30 42.98
CA LYS C 50 3.38 17.50 42.68
C LYS C 50 2.35 17.80 43.75
N LEU C 51 1.47 18.77 43.46
CA LEU C 51 0.42 19.20 44.39
C LEU C 51 -0.38 18.03 44.99
N GLU C 52 -1.18 18.33 46.00
CA GLU C 52 -1.99 17.28 46.65
C GLU C 52 -3.06 16.73 45.72
N ASN C 53 -3.56 17.57 44.83
CA ASN C 53 -4.62 17.19 43.89
C ASN C 53 -4.15 16.20 42.86
N GLY C 54 -2.83 16.03 42.76
CA GLY C 54 -2.28 15.09 41.80
C GLY C 54 -1.56 15.76 40.65
N TYR C 55 -1.79 17.05 40.46
CA TYR C 55 -1.19 17.81 39.37
C TYR C 55 0.22 18.32 39.61
N ASN C 56 1.11 18.01 38.69
CA ASN C 56 2.49 18.45 38.80
C ASN C 56 2.53 19.85 38.23
N ILE C 57 3.32 20.73 38.85
CA ILE C 57 3.44 22.11 38.38
C ILE C 57 4.86 22.65 38.55
N GLY C 58 5.20 23.67 37.78
CA GLY C 58 6.53 24.25 37.87
C GLY C 58 6.47 25.60 38.58
N VAL C 59 7.38 25.84 39.50
CA VAL C 59 7.39 27.09 40.23
C VAL C 59 8.75 27.82 40.23
N GLU C 60 8.73 29.05 39.69
CA GLU C 60 9.90 29.91 39.60
C GLU C 60 10.39 30.22 41.01
N ILE C 61 11.62 29.85 41.32
CA ILE C 61 12.18 30.06 42.65
C ILE C 61 13.02 31.31 42.86
N SER C 62 13.19 32.11 41.81
CA SER C 62 13.96 33.34 41.94
C SER C 62 13.58 34.11 43.21
N ASP C 63 12.34 33.95 43.65
CA ASP C 63 11.85 34.60 44.87
C ASP C 63 11.07 33.62 45.74
N ALA C 64 11.46 32.35 45.68
CA ALA C 64 10.79 31.31 46.45
C ALA C 64 11.34 31.24 47.87
N ARG C 65 11.16 30.08 48.50
CA ARG C 65 11.66 29.82 49.85
C ARG C 65 11.05 28.50 50.28
N ILE C 66 11.89 27.46 50.38
CA ILE C 66 11.39 26.15 50.71
C ILE C 66 11.54 25.77 52.18
N GLU C 67 10.81 24.73 52.57
CA GLU C 67 10.81 24.23 53.93
C GLU C 67 10.39 22.78 53.91
N LEU C 68 11.32 21.88 54.22
CA LEU C 68 10.98 20.46 54.23
C LEU C 68 9.81 20.24 55.16
N LEU C 69 8.92 19.33 54.78
CA LEU C 69 7.75 19.02 55.57
C LEU C 69 7.72 17.53 55.86
N GLU C 70 8.66 16.81 55.27
CA GLU C 70 8.77 15.36 55.44
C GLU C 70 9.76 14.86 54.42
N LYS C 71 10.74 14.07 54.85
CA LYS C 71 11.73 13.53 53.93
C LYS C 71 11.13 12.43 53.07
N GLY C 72 11.78 12.15 51.95
CA GLY C 72 11.31 11.12 51.04
C GLY C 72 11.09 9.78 51.74
N SER C 73 10.78 8.76 50.97
CA SER C 73 10.54 7.44 51.52
C SER C 73 10.63 6.41 50.41
N ALA C 84 6.47 -18.30 38.50
CA ALA C 84 5.07 -18.72 38.35
C ALA C 84 4.97 -20.25 38.31
N ALA C 85 3.76 -20.76 38.05
CA ALA C 85 3.54 -22.20 37.98
C ALA C 85 4.33 -22.72 36.78
N GLU C 86 4.03 -23.93 36.34
CA GLU C 86 4.78 -24.47 35.21
C GLU C 86 4.18 -25.74 34.66
N ASP C 87 2.86 -25.75 34.56
CA ASP C 87 2.14 -26.91 34.05
C ASP C 87 2.63 -27.31 32.65
N PRO C 88 3.24 -28.49 32.51
CA PRO C 88 3.73 -28.95 31.21
C PRO C 88 2.54 -29.15 30.28
N GLU C 89 2.74 -29.88 29.18
CA GLU C 89 1.66 -30.10 28.24
C GLU C 89 1.46 -28.77 27.51
N LEU C 90 2.38 -27.84 27.74
CA LEU C 90 2.34 -26.51 27.14
C LEU C 90 3.77 -26.12 26.75
N PRO C 91 3.97 -25.69 25.50
CA PRO C 91 5.27 -25.27 24.96
C PRO C 91 6.00 -24.26 25.82
N ASP C 92 7.32 -24.28 25.76
CA ASP C 92 8.12 -23.36 26.54
C ASP C 92 8.63 -22.31 25.59
N VAL C 93 8.41 -21.05 25.95
CA VAL C 93 8.83 -19.93 25.12
C VAL C 93 9.64 -18.94 25.92
N SER C 94 10.80 -18.58 25.40
CA SER C 94 11.67 -17.64 26.07
C SER C 94 11.43 -16.21 25.55
N ILE C 95 11.13 -15.27 26.44
CA ILE C 95 10.90 -13.88 26.02
C ILE C 95 12.09 -13.05 26.44
N ILE C 96 12.91 -12.68 25.46
CA ILE C 96 14.10 -11.89 25.70
C ILE C 96 13.89 -10.40 25.41
N SER C 97 14.51 -9.55 26.21
CA SER C 97 14.40 -8.12 25.97
C SER C 97 15.75 -7.48 25.75
N THR C 98 15.90 -6.86 24.58
CA THR C 98 17.12 -6.19 24.14
C THR C 98 17.10 -4.71 24.49
N GLY C 99 15.96 -4.23 24.93
CA GLY C 99 15.81 -2.83 25.28
C GLY C 99 14.37 -2.44 25.04
N GLY C 100 13.65 -3.29 24.31
CA GLY C 100 12.26 -3.02 24.03
C GLY C 100 11.49 -3.43 25.26
N THR C 101 10.50 -2.62 25.64
CA THR C 101 9.67 -2.88 26.81
C THR C 101 8.24 -3.16 26.36
N VAL C 102 7.79 -4.41 26.52
CA VAL C 102 6.44 -4.73 26.12
C VAL C 102 5.52 -5.10 27.28
N ALA C 103 5.56 -4.29 28.34
CA ALA C 103 4.74 -4.49 29.54
C ALA C 103 5.36 -3.69 30.66
N SER C 104 4.58 -3.17 31.59
CA SER C 104 5.15 -2.40 32.69
C SER C 104 4.20 -2.05 33.83
N ILE C 105 4.71 -1.29 34.79
CA ILE C 105 3.94 -0.82 35.94
C ILE C 105 4.30 0.63 36.24
N ILE C 106 3.29 1.40 36.64
CA ILE C 106 3.49 2.81 36.94
C ILE C 106 3.35 3.05 38.43
N ASP C 107 4.20 3.91 38.96
CA ASP C 107 4.13 4.27 40.37
C ASP C 107 3.47 5.65 40.37
N TYR C 108 2.16 5.67 40.64
CA TYR C 108 1.41 6.92 40.66
C TYR C 108 1.71 7.80 41.87
N ARG C 109 2.85 7.54 42.50
CA ARG C 109 3.31 8.30 43.65
C ARG C 109 4.42 9.23 43.20
N THR C 110 4.86 9.05 41.96
CA THR C 110 5.95 9.84 41.40
C THR C 110 5.56 10.39 40.03
N GLY C 111 4.71 9.65 39.34
CA GLY C 111 4.27 10.05 38.01
C GLY C 111 5.19 9.43 36.98
N ALA C 112 6.23 8.77 37.48
CA ALA C 112 7.22 8.13 36.62
C ALA C 112 6.88 6.66 36.41
N VAL C 113 7.04 6.24 35.16
CA VAL C 113 6.78 4.88 34.73
C VAL C 113 8.10 4.13 34.70
N HIS C 114 8.12 2.88 35.15
CA HIS C 114 9.36 2.13 35.09
C HIS C 114 9.11 0.75 34.50
N PRO C 115 9.98 0.35 33.55
CA PRO C 115 9.97 -0.91 32.83
C PRO C 115 9.61 -2.07 33.71
N ALA C 116 9.71 -3.27 33.15
CA ALA C 116 9.40 -4.47 33.90
C ALA C 116 9.43 -5.63 32.94
N PHE C 117 10.47 -6.44 33.03
CA PHE C 117 10.56 -7.57 32.13
C PHE C 117 10.90 -8.89 32.81
N THR C 118 9.96 -9.40 33.59
CA THR C 118 10.11 -10.65 34.33
C THR C 118 9.07 -11.68 33.91
N ALA C 119 9.47 -12.94 33.86
CA ALA C 119 8.54 -13.97 33.48
C ALA C 119 7.23 -13.80 34.24
N ASP C 120 7.25 -13.09 35.37
CA ASP C 120 6.02 -12.92 36.09
C ASP C 120 5.39 -11.57 35.84
N ASP C 121 6.20 -10.52 35.75
CA ASP C 121 5.67 -9.20 35.46
C ASP C 121 4.81 -9.29 34.18
N LEU C 122 5.40 -9.85 33.13
CA LEU C 122 4.69 -10.02 31.86
C LEU C 122 3.39 -10.74 32.16
N LEU C 123 3.49 -11.78 32.98
CA LEU C 123 2.34 -12.59 33.38
C LEU C 123 1.27 -11.75 34.08
N ARG C 124 1.72 -10.88 34.97
CA ARG C 124 0.81 -10.00 35.70
C ARG C 124 0.05 -9.12 34.72
N ALA C 125 0.76 -8.62 33.71
CA ALA C 125 0.14 -7.75 32.72
C ALA C 125 -0.45 -8.51 31.52
N ASN C 126 -0.11 -9.78 31.40
CA ASN C 126 -0.61 -10.56 30.28
C ASN C 126 -0.95 -11.99 30.67
N PRO C 127 -1.86 -12.13 31.63
CA PRO C 127 -2.26 -13.45 32.09
C PRO C 127 -2.59 -14.39 30.94
N GLU C 128 -3.22 -13.87 29.89
CA GLU C 128 -3.59 -14.72 28.76
C GLU C 128 -2.46 -15.64 28.33
N LEU C 129 -1.23 -15.19 28.53
CA LEU C 129 -0.10 -16.00 28.12
C LEU C 129 -0.11 -17.37 28.77
N LEU C 130 -0.51 -17.41 30.03
CA LEU C 130 -0.54 -18.65 30.80
C LEU C 130 -1.14 -19.84 30.06
N ASP C 131 -1.95 -19.59 29.04
CA ASP C 131 -2.56 -20.69 28.32
C ASP C 131 -1.95 -20.93 26.96
N ILE C 132 -0.96 -20.12 26.61
CA ILE C 132 -0.29 -20.26 25.33
C ILE C 132 0.96 -21.10 25.51
N ALA C 133 1.79 -20.69 26.46
CA ALA C 133 3.04 -21.39 26.72
C ALA C 133 3.63 -21.03 28.07
N ASN C 134 4.70 -21.73 28.42
CA ASN C 134 5.41 -21.51 29.69
C ASN C 134 6.48 -20.43 29.53
N ILE C 135 6.17 -19.24 30.04
CA ILE C 135 7.06 -18.09 29.95
C ILE C 135 8.36 -18.12 30.76
N ARG C 136 9.43 -17.69 30.11
CA ARG C 136 10.75 -17.60 30.70
C ARG C 136 11.24 -16.28 30.13
N GLY C 137 11.34 -15.24 30.95
CA GLY C 137 11.75 -13.97 30.40
C GLY C 137 12.86 -13.21 31.10
N ARG C 138 14.09 -13.48 30.70
CA ARG C 138 15.25 -12.80 31.26
C ARG C 138 15.29 -11.44 30.56
N ALA C 139 16.39 -10.71 30.67
CA ALA C 139 16.48 -9.42 29.98
C ALA C 139 17.91 -9.19 29.50
N VAL C 140 18.41 -10.10 28.68
CA VAL C 140 19.76 -10.05 28.11
C VAL C 140 20.51 -8.73 28.30
N PHE C 141 20.05 -7.65 27.68
CA PHE C 141 20.71 -6.36 27.85
C PHE C 141 19.76 -5.23 27.55
N ASN C 142 20.24 -4.00 27.46
CA ASN C 142 19.31 -2.90 27.23
C ASN C 142 19.85 -1.73 26.42
N ILE C 143 19.37 -1.60 25.19
CA ILE C 143 19.82 -0.51 24.34
C ILE C 143 18.65 -0.03 23.52
N LEU C 144 18.47 1.29 23.54
CA LEU C 144 17.39 1.90 22.81
C LEU C 144 17.55 1.61 21.32
N SER C 145 16.47 1.13 20.70
CA SER C 145 16.47 0.81 19.28
C SER C 145 17.16 1.86 18.42
N GLU C 146 17.20 3.11 18.87
CA GLU C 146 17.84 4.19 18.11
C GLU C 146 19.35 4.00 18.08
N ASN C 147 19.88 3.66 19.26
CA ASN C 147 21.30 3.48 19.49
C ASN C 147 21.82 2.10 19.20
N MET C 148 21.06 1.32 18.46
CA MET C 148 21.45 -0.03 18.12
C MET C 148 22.64 0.00 17.16
N LYS C 149 23.55 -0.97 17.28
CA LYS C 149 24.73 -1.05 16.41
C LYS C 149 25.02 -2.52 16.06
N PRO C 150 25.79 -2.76 15.00
CA PRO C 150 26.12 -4.13 14.60
C PRO C 150 26.61 -5.04 15.72
N GLU C 151 27.37 -4.49 16.66
CA GLU C 151 27.89 -5.32 17.75
C GLU C 151 26.77 -5.92 18.58
N TYR C 152 25.67 -5.17 18.68
CA TYR C 152 24.54 -5.64 19.46
C TYR C 152 23.70 -6.61 18.63
N TRP C 153 23.83 -6.56 17.32
CA TRP C 153 23.06 -7.51 16.50
C TRP C 153 23.58 -8.86 16.96
N VAL C 154 24.91 -8.95 17.03
CA VAL C 154 25.59 -10.17 17.47
C VAL C 154 25.18 -10.54 18.89
N GLU C 155 25.43 -9.64 19.83
CA GLU C 155 25.11 -9.89 21.24
C GLU C 155 23.71 -10.51 21.40
N THR C 156 22.81 -10.14 20.49
CA THR C 156 21.44 -10.63 20.47
C THR C 156 21.50 -12.01 19.85
N ALA C 157 22.15 -12.07 18.71
CA ALA C 157 22.32 -13.32 17.97
C ALA C 157 22.77 -14.38 18.97
N ARG C 158 23.71 -13.97 19.83
CA ARG C 158 24.25 -14.84 20.86
C ARG C 158 23.18 -15.13 21.90
N ALA C 159 22.59 -14.07 22.43
CA ALA C 159 21.56 -14.20 23.45
C ALA C 159 20.50 -15.24 23.08
N VAL C 160 19.92 -15.10 21.88
CA VAL C 160 18.88 -16.03 21.42
C VAL C 160 19.42 -17.45 21.35
N TYR C 161 20.50 -17.63 20.60
CA TYR C 161 21.13 -18.93 20.46
C TYR C 161 21.13 -19.62 21.81
N GLY C 162 21.35 -18.84 22.86
CA GLY C 162 21.35 -19.39 24.20
C GLY C 162 20.02 -20.03 24.51
N GLU C 163 19.03 -19.19 24.84
CA GLU C 163 17.70 -19.66 25.17
C GLU C 163 17.29 -20.86 24.31
N ILE C 164 17.44 -20.73 23.00
CA ILE C 164 17.06 -21.80 22.07
C ILE C 164 17.90 -23.05 22.29
N LYS C 165 19.07 -22.88 22.88
CA LYS C 165 19.95 -24.01 23.16
C LYS C 165 19.57 -24.64 24.50
N ASP C 166 19.18 -23.78 25.45
CA ASP C 166 18.80 -24.24 26.78
C ASP C 166 17.37 -24.78 26.76
N GLY C 167 16.97 -25.27 25.59
CA GLY C 167 15.64 -25.84 25.45
C GLY C 167 14.50 -24.85 25.50
N ALA C 168 14.19 -24.27 24.36
CA ALA C 168 13.10 -23.30 24.23
C ALA C 168 12.41 -23.60 22.90
N ASP C 169 11.11 -23.90 22.95
CA ASP C 169 10.37 -24.23 21.74
C ASP C 169 10.24 -23.04 20.80
N GLY C 170 10.47 -21.86 21.38
CA GLY C 170 10.38 -20.62 20.65
C GLY C 170 11.04 -19.51 21.46
N VAL C 171 11.45 -18.44 20.78
CA VAL C 171 12.10 -17.33 21.43
C VAL C 171 11.56 -16.01 20.92
N VAL C 172 11.12 -15.16 21.84
CA VAL C 172 10.58 -13.86 21.47
C VAL C 172 11.49 -12.75 21.97
N VAL C 173 11.98 -11.92 21.07
CA VAL C 173 12.87 -10.83 21.44
C VAL C 173 12.11 -9.51 21.46
N ALA C 174 12.03 -8.89 22.64
CA ALA C 174 11.34 -7.60 22.81
C ALA C 174 12.29 -6.47 22.46
N HIS C 175 12.24 -6.04 21.22
CA HIS C 175 13.14 -5.02 20.68
C HIS C 175 12.43 -3.69 20.51
N GLY C 176 13.20 -2.64 20.27
CA GLY C 176 12.61 -1.32 20.05
C GLY C 176 12.17 -1.24 18.60
N THR C 177 11.18 -0.42 18.30
CA THR C 177 10.68 -0.31 16.93
C THR C 177 11.68 0.26 15.92
N ASP C 178 12.06 1.52 16.08
CA ASP C 178 13.00 2.18 15.17
C ASP C 178 13.86 1.33 14.23
N THR C 179 14.70 0.50 14.81
CA THR C 179 15.63 -0.33 14.06
C THR C 179 15.36 -1.84 14.05
N MET C 180 14.21 -2.24 14.60
CA MET C 180 13.85 -3.64 14.67
C MET C 180 14.14 -4.39 13.38
N HIS C 181 13.66 -3.86 12.28
CA HIS C 181 13.88 -4.53 11.02
C HIS C 181 15.36 -4.73 10.72
N TYR C 182 16.23 -3.79 11.08
CA TYR C 182 17.66 -4.01 10.81
C TYR C 182 18.14 -5.26 11.51
N THR C 183 17.86 -5.34 12.81
CA THR C 183 18.25 -6.46 13.65
C THR C 183 17.69 -7.79 13.18
N SER C 184 16.38 -7.86 13.00
CA SER C 184 15.76 -9.11 12.53
C SER C 184 16.53 -9.55 11.30
N ALA C 185 16.85 -8.59 10.44
CA ALA C 185 17.60 -8.88 9.24
C ALA C 185 18.86 -9.61 9.68
N ALA C 186 19.59 -9.02 10.60
CA ALA C 186 20.83 -9.59 11.11
C ALA C 186 20.66 -11.02 11.65
N LEU C 187 19.76 -11.23 12.60
CA LEU C 187 19.54 -12.57 13.17
C LEU C 187 19.18 -13.60 12.11
N SER C 188 18.64 -13.13 10.99
CA SER C 188 18.25 -14.02 9.89
C SER C 188 19.49 -14.66 9.30
N PHE C 189 20.49 -13.83 9.03
CA PHE C 189 21.77 -14.26 8.46
C PHE C 189 22.65 -15.00 9.47
N MET C 190 22.71 -14.49 10.70
CA MET C 190 23.51 -15.08 11.75
C MET C 190 22.97 -16.38 12.36
N LEU C 191 21.65 -16.52 12.41
CA LEU C 191 21.06 -17.73 12.99
C LEU C 191 20.34 -18.68 12.05
N ARG C 192 20.43 -19.96 12.39
CA ARG C 192 19.73 -20.99 11.65
C ARG C 192 18.92 -21.55 12.83
N THR C 193 17.64 -21.85 12.65
CA THR C 193 16.84 -22.31 13.79
C THR C 193 15.84 -23.43 13.61
N PRO C 194 15.65 -24.23 14.66
CA PRO C 194 14.72 -25.35 14.69
C PRO C 194 13.37 -24.82 15.19
N VAL C 195 13.44 -23.69 15.87
CA VAL C 195 12.26 -23.05 16.42
C VAL C 195 12.17 -21.61 15.98
N PRO C 196 10.99 -20.99 16.13
CA PRO C 196 10.72 -19.61 15.75
C PRO C 196 11.47 -18.63 16.64
N VAL C 197 11.79 -17.48 16.07
CA VAL C 197 12.48 -16.42 16.78
C VAL C 197 11.73 -15.19 16.33
N VAL C 198 10.80 -14.71 17.15
CA VAL C 198 10.03 -13.55 16.76
C VAL C 198 10.27 -12.26 17.54
N PHE C 199 10.67 -11.22 16.82
CA PHE C 199 10.92 -9.90 17.38
C PHE C 199 9.62 -9.17 17.53
N THR C 200 9.54 -8.27 18.51
CA THR C 200 8.31 -7.50 18.68
C THR C 200 8.58 -6.29 19.51
N GLY C 201 7.54 -5.48 19.70
CA GLY C 201 7.64 -4.26 20.49
C GLY C 201 6.34 -3.47 20.42
N ALA C 202 6.37 -2.22 20.84
CA ALA C 202 5.17 -1.41 20.80
C ALA C 202 5.48 -0.02 20.29
N GLN C 203 4.57 0.49 19.47
CA GLN C 203 4.68 1.81 18.92
C GLN C 203 4.20 2.73 20.02
N ARG C 204 3.29 2.20 20.84
CA ARG C 204 2.74 2.94 21.97
C ARG C 204 3.32 2.39 23.28
N SER C 205 3.94 3.28 24.06
CA SER C 205 4.54 2.91 25.34
C SER C 205 3.68 1.86 26.04
N SER C 206 4.33 0.89 26.67
CA SER C 206 3.59 -0.17 27.37
C SER C 206 2.84 0.40 28.56
N ASP C 207 3.34 1.50 29.11
CA ASP C 207 2.69 2.09 30.25
C ASP C 207 1.27 2.55 29.94
N ARG C 208 0.96 2.80 28.67
CA ARG C 208 -0.39 3.25 28.31
C ARG C 208 -1.42 2.12 28.34
N PRO C 209 -2.68 2.44 28.65
CA PRO C 209 -3.70 1.39 28.69
C PRO C 209 -4.03 0.97 27.26
N SER C 210 -3.63 1.79 26.29
CA SER C 210 -3.92 1.49 24.91
C SER C 210 -2.75 0.87 24.14
N SER C 211 -1.60 0.75 24.80
CA SER C 211 -0.41 0.19 24.14
C SER C 211 -0.69 -1.07 23.32
N ASP C 212 -0.02 -1.16 22.18
CA ASP C 212 -0.16 -2.32 21.33
C ASP C 212 0.63 -3.46 21.92
N ALA C 213 1.48 -3.14 22.88
CA ALA C 213 2.33 -4.13 23.53
C ALA C 213 1.63 -5.41 23.92
N SER C 214 0.40 -5.31 24.42
CA SER C 214 -0.33 -6.47 24.88
C SER C 214 -0.63 -7.50 23.78
N LEU C 215 -1.36 -7.07 22.76
CA LEU C 215 -1.72 -7.95 21.67
C LEU C 215 -0.48 -8.43 20.93
N ASN C 216 0.51 -7.56 20.84
CA ASN C 216 1.73 -7.89 20.16
C ASN C 216 2.52 -8.97 20.89
N ILE C 217 2.63 -8.84 22.19
CA ILE C 217 3.40 -9.80 22.95
C ILE C 217 2.74 -11.18 22.95
N GLN C 218 1.44 -11.22 23.17
CA GLN C 218 0.76 -12.50 23.22
C GLN C 218 0.40 -13.07 21.86
N CYS C 219 0.84 -12.40 20.80
CA CYS C 219 0.61 -12.89 19.47
C CYS C 219 1.99 -13.40 19.08
N SER C 220 3.00 -12.68 19.53
CA SER C 220 4.37 -13.07 19.24
C SER C 220 4.58 -14.43 19.91
N VAL C 221 4.17 -14.54 21.17
CA VAL C 221 4.35 -15.79 21.88
C VAL C 221 3.57 -16.87 21.14
N ARG C 222 2.37 -16.52 20.70
CA ARG C 222 1.56 -17.47 19.97
C ARG C 222 2.42 -17.93 18.81
N ALA C 223 2.90 -16.96 18.04
CA ALA C 223 3.72 -17.26 16.89
C ALA C 223 4.91 -18.12 17.30
N ALA C 224 5.57 -17.74 18.38
CA ALA C 224 6.72 -18.46 18.85
C ALA C 224 6.44 -19.96 19.01
N THR C 225 5.17 -20.33 19.01
CA THR C 225 4.82 -21.73 19.15
C THR C 225 4.56 -22.33 17.77
N SER C 226 4.18 -21.48 16.82
CA SER C 226 3.89 -21.90 15.45
C SER C 226 4.97 -22.78 14.81
N GLU C 227 4.68 -23.27 13.62
CA GLU C 227 5.61 -24.14 12.92
C GLU C 227 6.63 -23.36 12.09
N ILE C 228 6.39 -22.08 11.91
CA ILE C 228 7.29 -21.24 11.14
C ILE C 228 8.57 -21.03 11.92
N ALA C 229 9.67 -21.58 11.44
CA ALA C 229 10.93 -21.46 12.17
C ALA C 229 12.02 -20.64 11.49
N GLU C 230 11.87 -19.32 11.49
CA GLU C 230 12.88 -18.43 10.91
C GLU C 230 12.78 -17.14 11.69
N VAL C 231 13.76 -16.25 11.56
CA VAL C 231 13.66 -15.01 12.33
C VAL C 231 12.57 -14.12 11.74
N THR C 232 11.72 -13.59 12.60
CA THR C 232 10.60 -12.79 12.12
C THR C 232 10.18 -11.63 13.01
N VAL C 233 9.25 -10.83 12.48
CA VAL C 233 8.71 -9.68 13.19
C VAL C 233 7.19 -9.82 13.23
N CYS C 234 6.62 -9.78 14.44
CA CYS C 234 5.18 -9.89 14.63
C CYS C 234 4.67 -8.59 15.23
N MET C 235 3.80 -7.90 14.51
CA MET C 235 3.23 -6.64 14.98
C MET C 235 1.79 -6.46 14.48
N HIS C 236 1.12 -5.43 15.01
CA HIS C 236 -0.26 -5.11 14.60
C HIS C 236 -0.37 -5.11 13.09
N ALA C 237 -1.49 -5.62 12.55
CA ALA C 237 -1.68 -5.65 11.11
C ALA C 237 -2.51 -4.45 10.65
N THR C 238 -3.19 -3.81 11.59
CA THR C 238 -4.02 -2.64 11.30
C THR C 238 -4.02 -1.83 12.57
N MET C 239 -4.82 -0.77 12.62
CA MET C 239 -4.88 0.03 13.83
C MET C 239 -5.87 -0.69 14.75
N ASP C 240 -6.53 -1.71 14.25
CA ASP C 240 -7.47 -2.46 15.08
C ASP C 240 -6.69 -3.39 16.02
N ASP C 241 -7.26 -3.66 17.20
CA ASP C 241 -6.63 -4.56 18.15
C ASP C 241 -7.20 -5.96 17.94
N LEU C 242 -7.05 -6.48 16.74
CA LEU C 242 -7.57 -7.81 16.45
C LEU C 242 -6.50 -8.74 15.99
N SER C 243 -5.81 -8.40 14.90
CA SER C 243 -4.76 -9.27 14.38
C SER C 243 -3.35 -8.70 14.32
N CYS C 244 -2.41 -9.61 14.06
CA CYS C 244 -1.00 -9.30 13.91
C CYS C 244 -0.48 -10.04 12.67
N HIS C 245 0.47 -9.44 11.97
CA HIS C 245 1.04 -10.12 10.81
C HIS C 245 2.40 -10.65 11.23
N LEU C 246 2.75 -11.84 10.76
CA LEU C 246 4.06 -12.41 11.06
C LEU C 246 4.85 -12.07 9.81
N HIS C 247 5.83 -11.19 9.96
CA HIS C 247 6.65 -10.78 8.83
C HIS C 247 7.98 -11.53 8.74
N ARG C 248 8.36 -11.98 7.56
CA ARG C 248 9.65 -12.64 7.44
C ARG C 248 10.73 -11.59 7.67
N GLY C 249 11.57 -11.80 8.68
CA GLY C 249 12.61 -10.86 9.04
C GLY C 249 13.41 -10.09 7.99
N VAL C 250 13.90 -10.78 6.97
CA VAL C 250 14.69 -10.15 5.92
C VAL C 250 13.81 -9.45 4.89
N LYS C 251 12.54 -9.25 5.24
CA LYS C 251 11.59 -8.62 4.33
C LYS C 251 10.54 -7.77 5.08
N VAL C 252 10.98 -6.96 6.04
CA VAL C 252 10.08 -6.14 6.81
C VAL C 252 10.70 -4.75 6.89
N ARG C 253 9.88 -3.74 7.15
CA ARG C 253 10.37 -2.36 7.29
C ARG C 253 9.43 -1.49 8.09
N LYS C 254 9.99 -0.64 8.95
CA LYS C 254 9.20 0.28 9.77
C LYS C 254 8.76 1.41 8.84
N MET C 255 7.64 1.20 8.15
CA MET C 255 7.08 2.13 7.15
C MET C 255 6.33 3.38 7.62
N HIS C 256 6.07 3.48 8.93
CA HIS C 256 5.39 4.65 9.44
C HIS C 256 6.01 5.16 10.72
N THR C 257 5.88 6.46 10.91
CA THR C 257 6.45 7.14 12.07
C THR C 257 5.77 6.78 13.37
N SER C 258 4.48 6.49 13.35
CA SER C 258 3.81 6.20 14.61
C SER C 258 2.71 5.18 14.58
N ARG C 259 2.03 5.04 13.46
CA ARG C 259 0.92 4.10 13.40
C ARG C 259 1.21 2.72 13.94
N ARG C 260 0.19 2.13 14.55
CA ARG C 260 0.25 0.82 15.15
C ARG C 260 0.64 -0.23 14.09
N ASP C 261 0.22 0.00 12.86
CA ASP C 261 0.51 -0.94 11.78
C ASP C 261 1.71 -0.48 10.97
N THR C 262 2.66 0.17 11.64
CA THR C 262 3.84 0.68 10.97
C THR C 262 4.65 -0.35 10.19
N PHE C 263 4.81 -1.55 10.71
CA PHE C 263 5.61 -2.59 10.04
C PHE C 263 4.88 -3.32 8.93
N ARG C 264 5.42 -3.21 7.72
CA ARG C 264 4.83 -3.80 6.53
C ARG C 264 5.82 -4.73 5.80
N SER C 265 5.35 -5.85 5.27
CA SER C 265 6.24 -6.72 4.50
C SER C 265 6.55 -5.94 3.22
N MET C 266 7.80 -5.91 2.79
CA MET C 266 8.11 -5.16 1.58
C MET C 266 8.04 -5.95 0.32
N ASN C 267 9.10 -6.60 -0.11
CA ASN C 267 8.95 -7.30 -1.36
C ASN C 267 8.50 -8.72 -1.17
N ALA C 268 7.40 -8.82 -0.42
CA ALA C 268 6.74 -10.08 -0.09
C ALA C 268 5.46 -9.76 0.67
N LEU C 269 4.72 -10.82 1.03
CA LEU C 269 3.47 -10.66 1.76
C LEU C 269 3.71 -11.21 3.14
N PRO C 270 2.85 -10.88 4.11
CA PRO C 270 3.08 -11.42 5.45
C PRO C 270 3.04 -12.96 5.45
N LEU C 271 3.92 -13.56 6.23
CA LEU C 271 3.98 -15.01 6.32
C LEU C 271 2.74 -15.61 6.99
N ALA C 272 2.10 -14.85 7.86
CA ALA C 272 0.93 -15.40 8.55
C ALA C 272 0.05 -14.37 9.25
N GLU C 273 -1.04 -14.87 9.80
CA GLU C 273 -2.01 -14.04 10.50
C GLU C 273 -2.07 -14.54 11.94
N VAL C 274 -1.49 -13.80 12.87
CA VAL C 274 -1.47 -14.25 14.25
C VAL C 274 -2.52 -13.65 15.16
N THR C 275 -2.90 -14.42 16.17
CA THR C 275 -3.91 -14.05 17.15
C THR C 275 -3.51 -14.78 18.43
N PRO C 276 -3.78 -14.18 19.60
CA PRO C 276 -3.38 -14.90 20.81
C PRO C 276 -3.82 -16.37 20.83
N ASP C 277 -4.78 -16.70 19.98
CA ASP C 277 -5.32 -18.05 19.93
C ASP C 277 -4.81 -18.94 18.82
N GLY C 278 -4.32 -18.33 17.75
CA GLY C 278 -3.81 -19.14 16.64
C GLY C 278 -3.15 -18.34 15.55
N ILE C 279 -2.59 -19.04 14.58
CA ILE C 279 -1.92 -18.41 13.47
C ILE C 279 -2.60 -18.92 12.22
N LYS C 280 -2.52 -18.16 11.12
CA LYS C 280 -3.18 -18.55 9.88
C LYS C 280 -2.25 -18.79 8.69
N ILE C 281 -0.96 -18.75 8.91
CA ILE C 281 0.01 -19.02 7.85
C ILE C 281 -0.46 -18.82 6.40
N LEU C 282 -0.34 -17.58 5.91
CA LEU C 282 -0.74 -17.23 4.56
C LEU C 282 0.27 -17.77 3.56
N GLU C 283 1.54 -17.47 3.78
CA GLU C 283 2.58 -17.96 2.90
C GLU C 283 2.63 -19.43 3.19
N GLU C 284 2.99 -20.24 2.21
CA GLU C 284 3.02 -21.67 2.47
C GLU C 284 4.38 -22.33 2.26
N ASN C 285 5.35 -21.55 1.83
CA ASN C 285 6.70 -22.06 1.60
C ASN C 285 7.65 -21.42 2.60
N TYR C 286 7.92 -22.11 3.70
CA TYR C 286 8.81 -21.61 4.75
C TYR C 286 9.59 -22.70 5.47
N ARG C 287 10.65 -22.31 6.17
CA ARG C 287 11.46 -23.27 6.93
C ARG C 287 10.61 -23.84 8.04
N LYS C 288 10.27 -25.12 7.94
CA LYS C 288 9.46 -25.75 8.97
C LYS C 288 10.15 -25.75 10.32
N ARG C 289 9.65 -26.56 11.24
CA ARG C 289 10.21 -26.64 12.59
C ARG C 289 11.56 -27.34 12.66
N GLY C 290 11.55 -28.57 13.17
CA GLY C 290 12.77 -29.34 13.32
C GLY C 290 13.77 -29.29 12.19
N SER C 291 13.28 -29.19 10.97
CA SER C 291 14.09 -29.14 9.75
C SER C 291 15.47 -28.49 9.88
N ASP C 292 15.60 -27.49 10.73
CA ASP C 292 16.86 -26.79 10.91
C ASP C 292 17.66 -27.19 12.17
N GLU C 293 18.98 -27.05 12.08
CA GLU C 293 19.86 -27.37 13.20
C GLU C 293 20.51 -26.07 13.66
N LEU C 294 20.31 -25.74 14.93
CA LEU C 294 20.86 -24.51 15.48
C LEU C 294 22.33 -24.20 15.22
N GLU C 295 22.59 -23.28 14.30
CA GLU C 295 23.94 -22.86 13.96
C GLU C 295 24.00 -21.37 14.27
N LEU C 296 25.19 -20.82 14.46
CA LEU C 296 25.30 -19.39 14.74
C LEU C 296 26.55 -18.72 14.22
N SER C 297 26.46 -18.05 13.09
CA SER C 297 27.63 -17.35 12.60
C SER C 297 27.58 -15.93 13.15
N ASP C 298 28.06 -15.74 14.37
CA ASP C 298 28.03 -14.42 14.99
C ASP C 298 29.11 -13.44 14.55
N ARG C 299 29.89 -13.77 13.51
CA ARG C 299 30.91 -12.82 13.09
C ARG C 299 30.32 -11.74 12.19
N VAL C 300 30.67 -10.49 12.46
CA VAL C 300 30.17 -9.37 11.69
C VAL C 300 31.19 -8.27 11.51
N GLU C 301 31.30 -7.76 10.28
CA GLU C 301 32.24 -6.68 10.00
C GLU C 301 31.48 -5.39 10.28
N GLU C 302 31.75 -4.79 11.42
CA GLU C 302 31.08 -3.57 11.84
C GLU C 302 31.29 -2.35 10.96
N ARG C 303 32.23 -2.40 10.02
CA ARG C 303 32.44 -1.23 9.18
C ARG C 303 32.00 -1.42 7.72
N VAL C 304 30.78 -0.96 7.44
CA VAL C 304 30.23 -1.06 6.10
C VAL C 304 29.50 0.23 5.76
N ALA C 305 29.90 0.87 4.68
CA ALA C 305 29.25 2.11 4.26
C ALA C 305 27.84 1.80 3.75
N PHE C 306 26.90 2.68 4.08
CA PHE C 306 25.52 2.56 3.65
C PHE C 306 25.18 3.99 3.20
N ILE C 307 25.44 4.29 1.93
CA ILE C 307 25.20 5.60 1.40
C ILE C 307 23.99 5.72 0.50
N LYS C 308 23.10 6.65 0.84
CA LYS C 308 21.92 6.88 0.05
C LYS C 308 22.39 7.84 -1.02
N SER C 309 22.07 7.52 -2.27
CA SER C 309 22.44 8.35 -3.40
C SER C 309 21.45 9.50 -3.47
N TYR C 310 21.82 10.58 -4.16
CA TYR C 310 20.93 11.73 -4.30
C TYR C 310 21.50 12.76 -5.28
N PRO C 311 20.66 13.66 -5.82
CA PRO C 311 21.16 14.66 -6.76
C PRO C 311 22.15 15.55 -6.04
N GLY C 312 23.40 15.51 -6.46
CA GLY C 312 24.42 16.34 -5.83
C GLY C 312 25.45 15.57 -5.02
N ILE C 313 25.14 14.35 -4.60
CA ILE C 313 26.09 13.58 -3.82
C ILE C 313 27.46 13.70 -4.50
N SER C 314 28.51 13.86 -3.73
CA SER C 314 29.83 14.02 -4.31
C SER C 314 30.71 12.79 -4.10
N PRO C 315 31.60 12.48 -5.06
CA PRO C 315 32.50 11.33 -4.99
C PRO C 315 33.22 11.30 -3.64
N ASP C 316 33.59 12.48 -3.16
CA ASP C 316 34.31 12.65 -1.93
C ASP C 316 33.78 11.84 -0.76
N ILE C 317 32.47 11.68 -0.68
CA ILE C 317 31.91 10.92 0.42
C ILE C 317 32.33 9.49 0.22
N ILE C 318 32.18 9.00 -1.01
CA ILE C 318 32.55 7.63 -1.29
C ILE C 318 34.04 7.43 -1.02
N LYS C 319 34.87 8.36 -1.47
CA LYS C 319 36.31 8.20 -1.22
C LYS C 319 36.56 8.17 0.27
N TRP C 320 36.15 9.23 0.94
CA TRP C 320 36.32 9.33 2.39
C TRP C 320 36.13 7.96 3.01
N HIS C 321 35.10 7.26 2.55
CA HIS C 321 34.80 5.95 3.07
C HIS C 321 35.88 4.94 2.74
N LEU C 322 36.36 4.96 1.50
CA LEU C 322 37.39 4.03 1.11
C LEU C 322 38.63 4.32 1.93
N ASP C 323 39.01 5.60 1.98
CA ASP C 323 40.18 6.06 2.75
C ASP C 323 40.14 5.68 4.22
N GLU C 324 38.94 5.73 4.80
CA GLU C 324 38.78 5.42 6.20
C GLU C 324 38.93 3.94 6.45
N GLY C 325 39.12 3.18 5.37
CA GLY C 325 39.31 1.75 5.54
C GLY C 325 38.02 0.97 5.62
N TYR C 326 36.98 1.48 4.98
CA TYR C 326 35.69 0.80 4.95
C TYR C 326 35.86 -0.42 4.01
N ARG C 327 35.54 -1.60 4.51
CA ARG C 327 35.68 -2.81 3.70
C ARG C 327 34.57 -3.02 2.68
N GLY C 328 33.45 -2.31 2.84
CA GLY C 328 32.34 -2.47 1.92
C GLY C 328 31.42 -1.26 1.79
N ILE C 329 30.63 -1.21 0.73
CA ILE C 329 29.71 -0.09 0.54
C ILE C 329 28.39 -0.57 -0.04
N VAL C 330 27.28 -0.08 0.52
CA VAL C 330 25.97 -0.41 -0.01
C VAL C 330 25.32 0.94 -0.35
N ILE C 331 25.07 1.14 -1.64
CA ILE C 331 24.50 2.39 -2.11
C ILE C 331 22.99 2.24 -2.17
N GLU C 332 22.27 3.31 -1.82
CA GLU C 332 20.83 3.28 -1.91
C GLU C 332 20.54 4.19 -3.08
N GLY C 333 20.58 3.63 -4.27
CA GLY C 333 20.38 4.42 -5.46
C GLY C 333 18.98 4.76 -5.90
N THR C 334 18.89 5.44 -7.02
CA THR C 334 17.61 5.85 -7.58
C THR C 334 16.99 4.68 -8.35
N GLY C 335 15.66 4.62 -8.34
CA GLY C 335 14.95 3.54 -8.99
C GLY C 335 15.70 2.71 -10.00
N LEU C 336 15.56 1.40 -9.92
CA LEU C 336 16.24 0.47 -10.83
C LEU C 336 17.68 0.24 -10.48
N GLY C 337 18.24 1.10 -9.64
CA GLY C 337 19.61 0.91 -9.20
C GLY C 337 20.67 1.80 -9.80
N HIS C 338 20.45 3.10 -9.77
CA HIS C 338 21.40 4.04 -10.32
C HIS C 338 21.98 4.96 -9.27
N CYS C 339 22.94 5.76 -9.70
CA CYS C 339 23.60 6.77 -8.87
C CYS C 339 24.36 7.59 -9.91
N PRO C 340 24.54 8.89 -9.67
CA PRO C 340 25.22 9.82 -10.58
C PRO C 340 26.45 9.29 -11.31
N ASP C 341 26.54 9.64 -12.58
CA ASP C 341 27.63 9.22 -13.45
C ASP C 341 28.97 9.62 -12.86
N THR C 342 28.96 10.72 -12.11
CA THR C 342 30.18 11.23 -11.52
C THR C 342 30.84 10.38 -10.46
N LEU C 343 30.10 9.42 -9.90
CA LEU C 343 30.67 8.54 -8.87
C LEU C 343 31.31 7.30 -9.49
N ILE C 344 31.17 7.14 -10.81
CA ILE C 344 31.73 5.97 -11.48
C ILE C 344 33.20 5.77 -11.07
N PRO C 345 34.10 6.70 -11.45
CA PRO C 345 35.51 6.60 -11.12
C PRO C 345 35.75 6.13 -9.70
N VAL C 346 35.07 6.76 -8.74
CA VAL C 346 35.23 6.38 -7.33
C VAL C 346 34.78 4.94 -7.14
N ILE C 347 33.62 4.61 -7.70
CA ILE C 347 33.08 3.25 -7.57
C ILE C 347 34.04 2.23 -8.15
N GLY C 348 34.73 2.62 -9.22
CA GLY C 348 35.69 1.72 -9.83
C GLY C 348 36.87 1.59 -8.91
N GLU C 349 37.40 2.72 -8.47
CA GLU C 349 38.55 2.76 -7.58
C GLU C 349 38.28 1.84 -6.39
N ALA C 350 37.04 1.83 -5.92
CA ALA C 350 36.65 1.02 -4.80
C ALA C 350 36.93 -0.42 -5.16
N HIS C 351 36.60 -0.77 -6.39
CA HIS C 351 36.82 -2.12 -6.90
C HIS C 351 38.32 -2.40 -6.93
N ASP C 352 39.09 -1.45 -7.48
CA ASP C 352 40.55 -1.59 -7.55
C ASP C 352 41.12 -1.81 -6.15
N MET C 353 40.32 -1.54 -5.12
CA MET C 353 40.75 -1.70 -3.75
C MET C 353 40.18 -2.93 -3.09
N GLY C 354 39.48 -3.77 -3.84
CA GLY C 354 38.92 -4.97 -3.25
C GLY C 354 37.76 -4.70 -2.29
N VAL C 355 37.13 -3.54 -2.44
CA VAL C 355 36.00 -3.13 -1.62
C VAL C 355 34.69 -3.36 -2.38
N PRO C 356 33.87 -4.32 -1.93
CA PRO C 356 32.59 -4.62 -2.59
C PRO C 356 31.64 -3.44 -2.54
N VAL C 357 30.89 -3.23 -3.62
CA VAL C 357 29.93 -2.15 -3.70
C VAL C 357 28.63 -2.72 -4.21
N ALA C 358 27.58 -2.62 -3.40
CA ALA C 358 26.27 -3.13 -3.78
C ALA C 358 25.28 -2.01 -4.02
N MET C 359 24.37 -2.26 -4.96
CA MET C 359 23.37 -1.30 -5.35
C MET C 359 21.97 -1.78 -4.95
N THR C 360 21.15 -0.86 -4.47
CA THR C 360 19.78 -1.16 -4.07
C THR C 360 19.05 0.12 -4.41
N SER C 361 17.73 0.08 -4.49
CA SER C 361 16.98 1.28 -4.84
C SER C 361 16.26 1.97 -3.70
N GLN C 362 16.19 3.31 -3.76
CA GLN C 362 15.51 4.13 -2.76
C GLN C 362 14.02 3.82 -2.78
N CYS C 363 13.55 3.43 -3.96
CA CYS C 363 12.16 3.12 -4.12
C CYS C 363 11.70 2.14 -3.07
N LEU C 364 12.61 1.30 -2.60
CA LEU C 364 12.23 0.30 -1.62
C LEU C 364 11.44 -0.78 -2.35
N ASN C 365 10.24 -0.46 -2.81
CA ASN C 365 9.44 -1.43 -3.54
C ASN C 365 10.05 -1.70 -4.89
N GLY C 366 10.27 -2.96 -5.25
CA GLY C 366 10.80 -3.24 -6.57
C GLY C 366 12.08 -4.02 -6.70
N ARG C 367 12.43 -4.37 -7.93
CA ARG C 367 13.63 -5.17 -8.22
C ARG C 367 14.58 -4.37 -9.07
N VAL C 368 15.86 -4.38 -8.72
CA VAL C 368 16.83 -3.62 -9.48
C VAL C 368 17.25 -4.36 -10.75
N ASN C 369 17.51 -3.60 -11.82
CA ASN C 369 17.93 -4.18 -13.08
C ASN C 369 18.90 -3.18 -13.69
N MET C 370 20.17 -3.30 -13.35
CA MET C 370 21.18 -2.38 -13.86
C MET C 370 21.55 -2.63 -15.31
N ASN C 371 20.71 -3.37 -16.03
CA ASN C 371 20.97 -3.70 -17.42
C ASN C 371 20.15 -2.81 -18.35
N VAL C 372 18.99 -2.39 -17.89
CA VAL C 372 18.12 -1.59 -18.72
C VAL C 372 18.73 -0.35 -19.30
N TYR C 373 19.21 0.54 -18.45
CA TYR C 373 19.79 1.79 -18.94
C TYR C 373 21.30 1.87 -18.93
N SER C 374 21.83 2.80 -19.70
CA SER C 374 23.26 3.00 -19.79
C SER C 374 23.92 3.17 -18.41
N THR C 375 23.47 4.18 -17.67
CA THR C 375 24.03 4.46 -16.36
C THR C 375 24.21 3.19 -15.55
N GLY C 376 23.22 2.31 -15.65
CA GLY C 376 23.26 1.05 -14.93
C GLY C 376 24.36 0.17 -15.47
N ARG C 377 24.40 0.03 -16.79
CA ARG C 377 25.42 -0.80 -17.40
C ARG C 377 26.81 -0.34 -16.99
N ARG C 378 27.07 0.95 -17.17
CA ARG C 378 28.35 1.56 -16.84
C ARG C 378 28.71 1.28 -15.39
N LEU C 379 27.72 1.38 -14.51
CA LEU C 379 27.94 1.10 -13.09
C LEU C 379 28.28 -0.35 -12.94
N LEU C 380 27.61 -1.19 -13.73
CA LEU C 380 27.87 -2.61 -13.66
C LEU C 380 29.28 -2.84 -14.14
N GLN C 381 29.70 -2.03 -15.11
CA GLN C 381 31.02 -2.17 -15.67
C GLN C 381 32.09 -1.84 -14.64
N ALA C 382 31.75 -0.99 -13.67
CA ALA C 382 32.69 -0.60 -12.62
C ALA C 382 32.69 -1.59 -11.47
N GLY C 383 32.00 -2.72 -11.65
CA GLY C 383 31.98 -3.74 -10.62
C GLY C 383 30.90 -3.70 -9.56
N VAL C 384 29.85 -2.91 -9.76
CA VAL C 384 28.80 -2.86 -8.75
C VAL C 384 27.99 -4.15 -8.76
N ILE C 385 27.54 -4.59 -7.59
CA ILE C 385 26.73 -5.81 -7.43
C ILE C 385 25.25 -5.45 -7.33
N PRO C 386 24.45 -5.77 -8.35
CA PRO C 386 23.03 -5.44 -8.25
C PRO C 386 22.49 -6.39 -7.19
N CYS C 387 21.55 -5.94 -6.36
CA CYS C 387 21.01 -6.78 -5.30
C CYS C 387 19.57 -7.24 -5.48
N ASP C 388 19.18 -7.51 -6.71
CA ASP C 388 17.83 -7.97 -6.99
C ASP C 388 16.78 -7.08 -6.29
N ASP C 389 15.95 -7.66 -5.43
CA ASP C 389 14.94 -6.84 -4.77
C ASP C 389 15.12 -6.78 -3.26
N MET C 390 16.35 -6.93 -2.80
CA MET C 390 16.67 -6.91 -1.38
C MET C 390 16.63 -5.47 -0.83
N LEU C 391 15.89 -5.27 0.26
CA LEU C 391 15.75 -3.93 0.82
C LEU C 391 17.11 -3.31 1.08
N PRO C 392 17.24 -1.99 0.91
CA PRO C 392 18.54 -1.39 1.15
C PRO C 392 19.10 -1.75 2.51
N GLU C 393 18.33 -1.53 3.56
CA GLU C 393 18.84 -1.84 4.90
C GLU C 393 19.25 -3.31 5.12
N VAL C 394 18.63 -4.25 4.41
CA VAL C 394 19.01 -5.64 4.58
C VAL C 394 20.27 -5.91 3.75
N ALA C 395 20.42 -5.24 2.62
CA ALA C 395 21.63 -5.40 1.83
C ALA C 395 22.77 -4.86 2.68
N TYR C 396 22.50 -3.81 3.44
CA TYR C 396 23.50 -3.23 4.32
C TYR C 396 23.78 -4.20 5.45
N VAL C 397 22.73 -4.68 6.11
CA VAL C 397 22.92 -5.63 7.19
C VAL C 397 23.61 -6.85 6.64
N LYS C 398 23.28 -7.22 5.41
CA LYS C 398 23.89 -8.39 4.82
C LYS C 398 25.39 -8.22 4.56
N MET C 399 25.78 -7.08 4.01
CA MET C 399 27.20 -6.83 3.76
C MET C 399 28.02 -7.02 5.03
N CYS C 400 27.49 -6.48 6.12
CA CYS C 400 28.15 -6.58 7.41
C CYS C 400 28.41 -8.04 7.70
N TRP C 401 27.39 -8.87 7.60
CA TRP C 401 27.59 -10.28 7.89
C TRP C 401 28.61 -10.89 6.95
N VAL C 402 28.34 -10.79 5.65
CA VAL C 402 29.21 -11.36 4.63
C VAL C 402 30.67 -10.96 4.76
N LEU C 403 30.96 -9.67 4.88
CA LEU C 403 32.34 -9.22 5.03
C LEU C 403 32.83 -9.67 6.39
N GLY C 404 31.95 -10.35 7.12
CA GLY C 404 32.30 -10.85 8.43
C GLY C 404 32.52 -12.35 8.31
N GLN C 405 32.28 -12.89 7.11
CA GLN C 405 32.47 -14.31 6.85
C GLN C 405 33.60 -14.55 5.88
N THR C 406 34.12 -13.49 5.28
CA THR C 406 35.20 -13.60 4.32
C THR C 406 35.84 -12.24 4.02
N ASP C 407 36.92 -12.26 3.23
CA ASP C 407 37.58 -11.02 2.85
C ASP C 407 37.88 -11.07 1.36
N ASP C 408 37.47 -12.18 0.75
CA ASP C 408 37.64 -12.39 -0.69
C ASP C 408 36.56 -11.56 -1.33
N PRO C 409 36.93 -10.48 -2.03
CA PRO C 409 35.90 -9.68 -2.67
C PRO C 409 34.95 -10.47 -3.56
N GLU C 410 35.47 -11.21 -4.53
CA GLU C 410 34.60 -12.01 -5.41
C GLU C 410 33.64 -12.86 -4.61
N MET C 411 34.16 -13.53 -3.59
CA MET C 411 33.33 -14.37 -2.75
C MET C 411 32.17 -13.59 -2.20
N ALA C 412 32.44 -12.39 -1.71
CA ALA C 412 31.41 -11.51 -1.14
C ALA C 412 30.35 -11.16 -2.18
N ARG C 413 30.78 -10.86 -3.40
CA ARG C 413 29.82 -10.51 -4.45
C ARG C 413 28.92 -11.72 -4.67
N GLU C 414 29.48 -12.91 -4.53
CA GLU C 414 28.69 -14.11 -4.73
C GLU C 414 27.72 -14.32 -3.58
N MET C 415 28.16 -13.98 -2.37
CA MET C 415 27.32 -14.15 -1.20
C MET C 415 26.18 -13.16 -1.14
N MET C 416 26.43 -11.93 -1.57
CA MET C 416 25.39 -10.92 -1.55
C MET C 416 24.23 -11.42 -2.39
N ARG C 417 24.56 -11.75 -3.63
CA ARG C 417 23.60 -12.20 -4.60
C ARG C 417 22.90 -13.50 -4.19
N GLU C 418 23.52 -14.28 -3.33
CA GLU C 418 22.96 -15.54 -2.86
C GLU C 418 21.85 -15.41 -1.84
N ASN C 419 20.67 -15.90 -2.17
CA ASN C 419 19.55 -15.82 -1.26
C ASN C 419 19.80 -16.80 -0.13
N ILE C 420 20.15 -16.25 1.03
CA ILE C 420 20.47 -17.05 2.21
C ILE C 420 19.29 -17.28 3.17
N ALA C 421 18.46 -16.27 3.37
CA ALA C 421 17.35 -16.42 4.28
C ALA C 421 16.04 -15.90 3.73
N GLY C 422 16.01 -15.58 2.44
CA GLY C 422 14.78 -15.08 1.86
C GLY C 422 14.86 -13.62 1.52
N GLU C 423 16.06 -13.05 1.62
CA GLU C 423 16.29 -11.66 1.34
C GLU C 423 15.92 -11.30 -0.06
N ILE C 424 16.11 -12.25 -0.97
CA ILE C 424 15.83 -12.03 -2.39
C ILE C 424 14.72 -12.94 -2.88
N ASN C 425 13.83 -12.37 -3.67
CA ASN C 425 12.70 -13.12 -4.23
C ASN C 425 12.95 -13.15 -5.74
N GLU C 426 12.98 -14.34 -6.35
CA GLU C 426 13.24 -14.42 -7.79
C GLU C 426 12.23 -13.67 -8.62
N ARG C 427 10.96 -13.68 -8.23
CA ARG C 427 9.93 -12.97 -8.98
C ARG C 427 9.13 -12.00 -8.13
N THR C 428 8.64 -10.96 -8.77
CA THR C 428 7.86 -9.96 -8.05
C THR C 428 6.39 -9.98 -8.47
N SER C 429 5.54 -10.40 -7.55
CA SER C 429 4.11 -10.51 -7.79
C SER C 429 3.40 -9.18 -7.74
N ILE C 430 2.31 -9.10 -8.48
CA ILE C 430 1.54 -7.88 -8.51
C ILE C 430 0.99 -7.58 -7.13
N ALA C 431 0.81 -8.62 -6.31
CA ALA C 431 0.27 -8.42 -4.98
C ALA C 431 1.21 -7.68 -4.05
N TYR C 432 2.44 -7.43 -4.49
CA TYR C 432 3.43 -6.77 -3.66
C TYR C 432 3.44 -5.25 -3.64
N PHE C 433 2.57 -4.60 -4.40
CA PHE C 433 2.56 -3.15 -4.41
C PHE C 433 1.13 -2.65 -4.43
N ARG C 434 0.50 -2.68 -3.26
CA ARG C 434 -0.90 -2.26 -3.09
C ARG C 434 -1.08 -0.77 -3.37
N GLY C 435 -0.34 0.03 -2.61
CA GLY C 435 -0.39 1.47 -2.75
C GLY C 435 0.74 2.18 -2.02
N SER D 2 31.68 2.27 -31.46
CA SER D 2 32.57 2.29 -30.26
C SER D 2 33.19 0.91 -29.97
N TYR D 3 33.60 0.20 -31.02
CA TYR D 3 34.22 -1.09 -30.82
C TYR D 3 35.55 -0.81 -30.14
N GLN D 4 36.28 -1.86 -29.74
CA GLN D 4 37.57 -1.67 -29.09
C GLN D 4 38.53 -2.79 -29.42
N GLY D 5 39.76 -2.65 -28.93
CA GLY D 5 40.78 -3.67 -29.14
C GLY D 5 40.71 -4.48 -30.42
N ARG D 6 41.04 -5.77 -30.31
CA ARG D 6 41.05 -6.69 -31.44
C ARG D 6 39.94 -6.46 -32.47
N ALA D 7 38.72 -6.20 -32.01
CA ALA D 7 37.61 -5.99 -32.92
C ALA D 7 37.91 -4.84 -33.88
N ARG D 8 37.97 -3.62 -33.34
CA ARG D 8 38.23 -2.44 -34.15
C ARG D 8 39.46 -2.66 -35.04
N LYS D 9 40.51 -3.23 -34.46
CA LYS D 9 41.71 -3.48 -35.22
C LYS D 9 41.38 -4.36 -36.41
N PHE D 10 40.56 -5.39 -36.17
CA PHE D 10 40.12 -6.33 -37.20
C PHE D 10 39.17 -5.66 -38.18
N LEU D 11 38.34 -4.78 -37.66
CA LEU D 11 37.37 -4.10 -38.48
C LEU D 11 37.99 -2.94 -39.27
N GLU D 12 39.04 -2.33 -38.73
CA GLU D 12 39.69 -1.22 -39.43
C GLU D 12 40.56 -1.74 -40.57
N SER D 13 41.36 -2.76 -40.29
CA SER D 13 42.26 -3.36 -41.28
C SER D 13 41.58 -3.77 -42.58
N ALA D 14 40.30 -3.47 -42.71
CA ALA D 14 39.56 -3.80 -43.92
C ALA D 14 38.80 -2.55 -44.31
N SER D 15 39.05 -1.49 -43.58
CA SER D 15 38.43 -0.19 -43.80
C SER D 15 36.92 -0.27 -43.84
N ILE D 16 36.37 -0.83 -42.77
CA ILE D 16 34.93 -1.01 -42.66
C ILE D 16 34.39 -0.24 -41.45
N ASP D 17 33.22 0.38 -41.64
CA ASP D 17 32.57 1.17 -40.59
C ASP D 17 31.14 0.67 -40.38
N VAL D 18 30.43 1.26 -39.41
CA VAL D 18 29.06 0.84 -39.16
C VAL D 18 28.21 1.20 -40.35
N GLY D 19 27.14 0.46 -40.56
CA GLY D 19 26.26 0.73 -41.68
C GLY D 19 26.68 -0.02 -42.94
N ASP D 20 27.96 -0.33 -43.01
CA ASP D 20 28.52 -1.03 -44.15
C ASP D 20 28.04 -2.45 -44.28
N MET D 21 27.50 -2.78 -45.45
CA MET D 21 27.06 -4.13 -45.74
C MET D 21 28.34 -4.90 -46.01
N VAL D 22 28.62 -5.91 -45.20
CA VAL D 22 29.84 -6.69 -45.37
C VAL D 22 29.53 -8.18 -45.46
N LEU D 23 30.57 -8.95 -45.74
CA LEU D 23 30.43 -10.40 -45.82
C LEU D 23 31.58 -11.01 -45.03
N VAL D 24 31.23 -11.75 -43.96
CA VAL D 24 32.22 -12.39 -43.10
C VAL D 24 32.30 -13.89 -43.37
N GLU D 25 33.53 -14.41 -43.46
CA GLU D 25 33.72 -15.83 -43.71
C GLU D 25 34.52 -16.48 -42.61
N LYS D 26 34.01 -17.61 -42.12
CA LYS D 26 34.65 -18.37 -41.05
C LYS D 26 34.89 -19.79 -41.57
N PRO D 27 35.76 -20.56 -40.90
CA PRO D 27 36.03 -21.93 -41.36
C PRO D 27 34.78 -22.77 -41.50
N ASP D 28 33.70 -22.40 -40.82
CA ASP D 28 32.47 -23.19 -40.93
C ASP D 28 31.20 -22.37 -41.10
N VAL D 29 31.35 -21.07 -41.29
CA VAL D 29 30.20 -20.19 -41.48
C VAL D 29 30.55 -19.07 -42.43
N THR D 30 29.54 -18.27 -42.74
CA THR D 30 29.73 -17.13 -43.63
C THR D 30 28.49 -16.25 -43.62
N TYR D 31 28.54 -15.18 -42.85
CA TYR D 31 27.42 -14.27 -42.72
C TYR D 31 27.45 -13.10 -43.68
N GLU D 32 26.29 -12.48 -43.89
CA GLU D 32 26.15 -11.32 -44.75
C GLU D 32 25.13 -10.37 -44.15
N GLY D 33 25.62 -9.27 -43.60
CA GLY D 33 24.74 -8.31 -42.98
C GLY D 33 25.41 -6.98 -42.76
N MET D 34 24.65 -6.07 -42.15
CA MET D 34 25.15 -4.73 -41.87
C MET D 34 25.82 -4.71 -40.52
N VAL D 35 26.94 -4.00 -40.46
CA VAL D 35 27.68 -3.88 -39.22
C VAL D 35 26.97 -2.90 -38.29
N LEU D 36 26.80 -3.26 -37.02
CA LEU D 36 26.14 -2.38 -36.06
C LEU D 36 27.12 -1.90 -35.01
N ASP D 37 26.89 -0.71 -34.48
CA ASP D 37 27.78 -0.19 -33.46
C ASP D 37 27.66 -1.18 -32.32
N ARG D 38 28.72 -1.32 -31.54
CA ARG D 38 28.71 -2.25 -30.42
C ARG D 38 28.87 -1.51 -29.11
N ALA D 39 27.93 -1.76 -28.19
CA ALA D 39 27.95 -1.13 -26.87
C ALA D 39 29.33 -1.25 -26.23
N ASP D 40 29.81 -0.16 -25.62
CA ASP D 40 31.14 -0.14 -24.97
C ASP D 40 31.29 -1.14 -23.83
N ASP D 41 30.20 -1.33 -23.08
CA ASP D 41 30.21 -2.26 -21.96
C ASP D 41 30.79 -3.56 -22.51
N ALA D 42 30.22 -4.01 -23.62
CA ALA D 42 30.61 -5.24 -24.30
C ALA D 42 32.09 -5.19 -24.66
N ASP D 43 32.72 -6.35 -24.71
CA ASP D 43 34.13 -6.41 -25.04
C ASP D 43 34.36 -6.99 -26.41
N ASP D 44 35.47 -6.61 -27.01
CA ASP D 44 35.87 -7.00 -28.37
C ASP D 44 35.76 -8.47 -28.75
N ARG D 45 36.52 -8.85 -29.76
CA ARG D 45 36.52 -10.21 -30.28
C ARG D 45 35.28 -10.53 -31.10
N HIS D 46 34.25 -9.70 -30.96
CA HIS D 46 33.00 -9.93 -31.67
C HIS D 46 32.54 -8.73 -32.49
N ILE D 47 31.91 -9.02 -33.61
CA ILE D 47 31.40 -7.98 -34.49
C ILE D 47 29.90 -8.17 -34.66
N VAL D 48 29.14 -7.13 -34.35
CA VAL D 48 27.70 -7.25 -34.48
C VAL D 48 27.25 -7.04 -35.93
N LEU D 49 26.53 -8.02 -36.46
CA LEU D 49 26.02 -7.96 -37.82
C LEU D 49 24.52 -8.09 -37.79
N LYS D 50 23.84 -7.41 -38.71
CA LYS D 50 22.39 -7.50 -38.80
C LYS D 50 22.10 -8.27 -40.07
N LEU D 51 21.73 -9.54 -39.91
CA LEU D 51 21.42 -10.41 -41.03
C LEU D 51 20.23 -9.92 -41.83
N GLU D 52 20.08 -10.42 -43.05
CA GLU D 52 18.98 -10.01 -43.90
C GLU D 52 17.60 -10.28 -43.27
N ASN D 53 17.50 -11.38 -42.53
CA ASN D 53 16.24 -11.76 -41.90
C ASN D 53 15.81 -10.82 -40.81
N GLY D 54 16.67 -9.88 -40.45
CA GLY D 54 16.31 -8.94 -39.40
C GLY D 54 17.01 -9.12 -38.07
N TYR D 55 17.53 -10.31 -37.79
CA TYR D 55 18.21 -10.53 -36.52
C TYR D 55 19.67 -10.07 -36.41
N ASN D 56 20.00 -9.47 -35.28
CA ASN D 56 21.37 -9.05 -35.03
C ASN D 56 22.08 -10.31 -34.52
N ILE D 57 23.36 -10.43 -34.84
CA ILE D 57 24.18 -11.57 -34.46
C ILE D 57 25.57 -11.08 -34.05
N GLY D 58 26.24 -11.85 -33.20
CA GLY D 58 27.59 -11.48 -32.81
C GLY D 58 28.54 -12.52 -33.36
N VAL D 59 29.53 -12.11 -34.15
CA VAL D 59 30.46 -13.10 -34.69
C VAL D 59 31.89 -12.85 -34.28
N GLU D 60 32.51 -13.94 -33.82
CA GLU D 60 33.90 -14.01 -33.36
C GLU D 60 34.85 -13.82 -34.56
N ILE D 61 35.68 -12.78 -34.49
CA ILE D 61 36.61 -12.45 -35.57
C ILE D 61 37.95 -13.14 -35.54
N SER D 62 38.33 -13.68 -34.38
CA SER D 62 39.61 -14.37 -34.25
C SER D 62 40.03 -15.04 -35.55
N ASP D 63 39.07 -15.60 -36.27
CA ASP D 63 39.37 -16.26 -37.54
C ASP D 63 38.36 -15.91 -38.63
N ALA D 64 38.00 -14.64 -38.74
CA ALA D 64 37.04 -14.19 -39.73
C ALA D 64 37.73 -13.67 -40.99
N ARG D 65 37.03 -12.83 -41.75
CA ARG D 65 37.59 -12.30 -42.99
C ARG D 65 36.49 -11.47 -43.64
N ILE D 66 36.51 -10.15 -43.48
CA ILE D 66 35.47 -9.33 -44.08
C ILE D 66 35.78 -8.87 -45.50
N GLU D 67 34.75 -8.34 -46.14
CA GLU D 67 34.79 -7.82 -47.50
C GLU D 67 33.62 -6.84 -47.63
N LEU D 68 33.90 -5.54 -47.71
CA LEU D 68 32.82 -4.58 -47.86
C LEU D 68 32.02 -4.90 -49.10
N LEU D 69 30.70 -4.80 -49.03
CA LEU D 69 29.84 -5.08 -50.18
C LEU D 69 29.05 -3.85 -50.58
N GLU D 70 29.14 -2.80 -49.76
CA GLU D 70 28.45 -1.55 -50.02
C GLU D 70 28.70 -0.68 -48.81
N LYS D 71 29.05 0.58 -49.05
CA LYS D 71 29.31 1.48 -47.93
C LYS D 71 28.01 1.93 -47.29
N GLY D 72 28.11 2.58 -46.14
CA GLY D 72 26.93 3.04 -45.44
C GLY D 72 26.09 4.02 -46.23
N SER D 73 25.09 4.60 -45.57
CA SER D 73 24.20 5.55 -46.22
C SER D 73 23.61 6.46 -45.15
N GLU D 74 23.48 7.75 -45.45
CA GLU D 74 22.94 8.71 -44.48
C GLU D 74 21.79 9.55 -45.07
N PRO D 75 20.68 8.90 -45.46
CA PRO D 75 19.53 9.60 -46.04
C PRO D 75 19.14 10.88 -45.30
N GLU D 86 -2.68 25.88 -35.56
CA GLU D 86 -2.55 26.71 -34.36
C GLU D 86 -3.87 27.40 -34.02
N ASP D 87 -4.98 26.67 -34.17
CA ASP D 87 -6.31 27.20 -33.88
C ASP D 87 -6.38 27.84 -32.52
N PRO D 88 -6.84 29.09 -32.45
CA PRO D 88 -6.93 29.72 -31.13
C PRO D 88 -8.10 29.03 -30.46
N GLU D 89 -8.70 29.67 -29.47
CA GLU D 89 -9.84 29.08 -28.78
C GLU D 89 -9.35 27.88 -27.95
N LEU D 90 -8.05 27.59 -28.06
CA LEU D 90 -7.41 26.50 -27.33
C LEU D 90 -6.20 27.03 -26.59
N PRO D 91 -6.06 26.66 -25.30
CA PRO D 91 -4.97 27.07 -24.42
C PRO D 91 -3.58 26.86 -24.99
N ASP D 92 -2.63 27.64 -24.49
CA ASP D 92 -1.23 27.54 -24.91
C ASP D 92 -0.47 26.76 -23.86
N VAL D 93 0.17 25.68 -24.28
CA VAL D 93 0.91 24.85 -23.35
C VAL D 93 2.28 24.53 -23.88
N SER D 94 3.30 24.77 -23.06
CA SER D 94 4.65 24.49 -23.46
C SER D 94 5.12 23.16 -22.87
N ILE D 95 5.69 22.31 -23.73
CA ILE D 95 6.22 21.03 -23.32
C ILE D 95 7.76 21.09 -23.33
N ILE D 96 8.34 21.24 -22.15
CA ILE D 96 9.79 21.32 -21.94
C ILE D 96 10.43 19.95 -21.68
N SER D 97 11.54 19.67 -22.35
CA SER D 97 12.24 18.42 -22.10
C SER D 97 13.55 18.72 -21.38
N THR D 98 13.70 18.14 -20.20
CA THR D 98 14.88 18.31 -19.37
C THR D 98 15.87 17.18 -19.60
N GLY D 99 15.40 16.13 -20.25
CA GLY D 99 16.22 14.98 -20.55
C GLY D 99 15.28 13.80 -20.62
N GLY D 100 14.04 14.01 -20.18
CA GLY D 100 13.05 12.95 -20.23
C GLY D 100 12.50 12.85 -21.63
N THR D 101 12.32 11.63 -22.13
CA THR D 101 11.80 11.40 -23.47
C THR D 101 10.41 10.76 -23.41
N VAL D 102 9.38 11.56 -23.70
CA VAL D 102 8.02 11.05 -23.64
C VAL D 102 7.39 10.85 -25.01
N ALA D 103 8.21 10.42 -25.96
CA ALA D 103 7.74 10.19 -27.31
C ALA D 103 8.97 9.99 -28.16
N SER D 104 8.84 9.30 -29.29
CA SER D 104 9.99 9.06 -30.14
C SER D 104 9.69 8.35 -31.44
N ILE D 105 10.76 7.97 -32.13
CA ILE D 105 10.69 7.25 -33.40
C ILE D 105 11.90 6.30 -33.55
N ILE D 106 11.65 5.14 -34.15
CA ILE D 106 12.68 4.14 -34.34
C ILE D 106 13.07 3.94 -35.80
N ASP D 107 14.38 3.77 -36.02
CA ASP D 107 14.94 3.53 -37.35
C ASP D 107 15.11 2.02 -37.42
N TYR D 108 14.14 1.34 -38.02
CA TYR D 108 14.19 -0.12 -38.15
C TYR D 108 15.28 -0.63 -39.08
N ARG D 109 16.21 0.23 -39.46
CA ARG D 109 17.28 -0.19 -40.35
C ARG D 109 18.58 -0.29 -39.57
N THR D 110 18.55 0.14 -38.32
CA THR D 110 19.72 0.10 -37.46
C THR D 110 19.39 -0.67 -36.20
N GLY D 111 18.13 -0.60 -35.81
CA GLY D 111 17.68 -1.27 -34.60
C GLY D 111 17.80 -0.27 -33.47
N ALA D 112 18.36 0.89 -33.80
CA ALA D 112 18.56 1.96 -32.83
C ALA D 112 17.37 2.89 -32.69
N VAL D 113 17.01 3.18 -31.44
CA VAL D 113 15.90 4.06 -31.12
C VAL D 113 16.44 5.49 -30.96
N HIS D 114 15.72 6.45 -31.52
CA HIS D 114 16.12 7.86 -31.47
C HIS D 114 15.06 8.79 -30.91
N PRO D 115 15.40 9.53 -29.83
CA PRO D 115 14.53 10.48 -29.16
C PRO D 115 13.77 11.36 -30.12
N ALA D 116 13.01 12.30 -29.59
CA ALA D 116 12.23 13.19 -30.43
C ALA D 116 11.35 14.10 -29.57
N PHE D 117 11.79 15.34 -29.38
CA PHE D 117 11.03 16.29 -28.57
C PHE D 117 10.72 17.57 -29.33
N THR D 118 9.74 17.50 -30.22
CA THR D 118 9.33 18.66 -31.02
C THR D 118 7.83 18.81 -31.02
N ALA D 119 7.37 20.05 -31.04
CA ALA D 119 5.94 20.33 -31.05
C ALA D 119 5.27 19.51 -32.14
N ASP D 120 6.06 19.13 -33.13
CA ASP D 120 5.58 18.35 -34.26
C ASP D 120 5.65 16.86 -33.94
N ASP D 121 6.85 16.39 -33.63
CA ASP D 121 7.07 15.00 -33.31
C ASP D 121 6.06 14.53 -32.29
N LEU D 122 5.96 15.25 -31.18
CA LEU D 122 5.02 14.89 -30.12
C LEU D 122 3.64 14.70 -30.73
N LEU D 123 3.22 15.68 -31.54
CA LEU D 123 1.92 15.64 -32.18
C LEU D 123 1.79 14.42 -33.08
N ARG D 124 2.89 14.09 -33.75
CA ARG D 124 2.92 12.95 -34.64
C ARG D 124 2.64 11.70 -33.83
N ALA D 125 3.15 11.67 -32.62
CA ALA D 125 2.97 10.51 -31.76
C ALA D 125 1.75 10.60 -30.86
N ASN D 126 1.29 11.82 -30.61
CA ASN D 126 0.13 12.03 -29.74
C ASN D 126 -0.89 12.99 -30.30
N PRO D 127 -1.44 12.67 -31.47
CA PRO D 127 -2.43 13.52 -32.12
C PRO D 127 -3.50 14.04 -31.15
N GLU D 128 -3.95 13.17 -30.26
CA GLU D 128 -4.98 13.56 -29.28
C GLU D 128 -4.74 14.95 -28.70
N LEU D 129 -3.47 15.35 -28.67
CA LEU D 129 -3.08 16.63 -28.15
C LEU D 129 -3.78 17.80 -28.83
N LEU D 130 -3.94 17.72 -30.15
CA LEU D 130 -4.58 18.80 -30.91
C LEU D 130 -5.94 19.26 -30.44
N ASP D 131 -6.60 18.47 -29.61
CA ASP D 131 -7.89 18.90 -29.15
C ASP D 131 -7.79 19.39 -27.72
N ILE D 132 -6.60 19.30 -27.13
CA ILE D 132 -6.45 19.74 -25.76
C ILE D 132 -5.86 21.13 -25.69
N ALA D 133 -4.79 21.38 -26.44
CA ALA D 133 -4.15 22.69 -26.40
C ALA D 133 -3.18 22.87 -27.55
N ASN D 134 -2.64 24.07 -27.66
CA ASN D 134 -1.67 24.40 -28.71
C ASN D 134 -0.28 24.14 -28.18
N ILE D 135 0.33 23.09 -28.69
CA ILE D 135 1.66 22.69 -28.27
C ILE D 135 2.82 23.58 -28.74
N ARG D 136 3.79 23.70 -27.84
CA ARG D 136 5.02 24.45 -28.06
C ARG D 136 6.03 23.55 -27.33
N GLY D 137 6.89 22.85 -28.05
CA GLY D 137 7.80 21.98 -27.33
C GLY D 137 9.28 21.96 -27.68
N ARG D 138 10.06 22.86 -27.11
CA ARG D 138 11.50 22.88 -27.38
C ARG D 138 12.14 21.90 -26.41
N ALA D 139 13.48 21.83 -26.39
CA ALA D 139 14.16 20.91 -25.47
C ALA D 139 15.27 21.58 -24.65
N VAL D 140 14.87 22.45 -23.74
CA VAL D 140 15.78 23.18 -22.87
C VAL D 140 17.19 22.59 -22.73
N PHE D 141 17.29 21.37 -22.22
CA PHE D 141 18.59 20.71 -22.11
C PHE D 141 18.39 19.20 -22.00
N ASN D 142 19.43 18.47 -21.59
CA ASN D 142 19.25 17.02 -21.50
C ASN D 142 20.18 16.27 -20.56
N ILE D 143 19.64 15.85 -19.43
CA ILE D 143 20.40 15.12 -18.44
C ILE D 143 19.61 13.94 -17.96
N LEU D 144 20.26 12.78 -17.88
CA LEU D 144 19.56 11.61 -17.40
C LEU D 144 19.12 11.90 -15.98
N SER D 145 17.88 11.53 -15.67
CA SER D 145 17.32 11.75 -14.35
C SER D 145 18.26 11.39 -13.22
N GLU D 146 19.10 10.38 -13.44
CA GLU D 146 20.02 9.92 -12.42
C GLU D 146 21.16 10.90 -12.14
N ASN D 147 21.75 11.43 -13.21
CA ASN D 147 22.89 12.35 -13.12
C ASN D 147 22.50 13.78 -12.80
N MET D 148 21.26 13.99 -12.40
CA MET D 148 20.76 15.33 -12.10
C MET D 148 21.30 15.88 -10.78
N LYS D 149 21.56 17.18 -10.74
CA LYS D 149 22.07 17.82 -9.53
C LYS D 149 21.44 19.21 -9.28
N PRO D 150 21.65 19.77 -8.08
CA PRO D 150 21.11 21.07 -7.68
C PRO D 150 21.19 22.16 -8.76
N GLU D 151 22.36 22.27 -9.39
CA GLU D 151 22.58 23.23 -10.45
C GLU D 151 21.47 23.17 -11.50
N TYR D 152 21.09 21.97 -11.90
CA TYR D 152 20.05 21.81 -12.91
C TYR D 152 18.64 22.04 -12.41
N TRP D 153 18.45 22.05 -11.09
CA TRP D 153 17.12 22.32 -10.57
C TRP D 153 16.87 23.73 -11.04
N VAL D 154 17.83 24.61 -10.72
CA VAL D 154 17.77 26.03 -11.11
C VAL D 154 17.55 26.10 -12.62
N GLU D 155 18.54 25.65 -13.38
CA GLU D 155 18.46 25.67 -14.84
C GLU D 155 17.07 25.32 -15.39
N THR D 156 16.35 24.47 -14.69
CA THR D 156 15.00 24.10 -15.12
C THR D 156 14.04 25.20 -14.67
N ALA D 157 14.15 25.61 -13.40
CA ALA D 157 13.29 26.64 -12.84
C ALA D 157 13.39 27.86 -13.75
N ARG D 158 14.59 28.11 -14.23
CA ARG D 158 14.83 29.22 -15.14
C ARG D 158 14.13 28.93 -16.46
N ALA D 159 14.28 27.70 -16.95
CA ALA D 159 13.66 27.28 -18.21
C ALA D 159 12.12 27.36 -18.20
N VAL D 160 11.50 26.94 -17.09
CA VAL D 160 10.04 26.98 -16.95
C VAL D 160 9.62 28.44 -16.86
N TYR D 161 10.30 29.18 -15.99
CA TYR D 161 10.02 30.61 -15.80
C TYR D 161 9.88 31.28 -17.17
N GLY D 162 10.78 30.93 -18.08
CA GLY D 162 10.74 31.49 -19.41
C GLY D 162 9.41 31.24 -20.10
N GLU D 163 9.19 30.01 -20.53
CA GLU D 163 7.96 29.62 -21.21
C GLU D 163 6.74 30.27 -20.62
N ILE D 164 6.66 30.21 -19.29
CA ILE D 164 5.53 30.75 -18.55
C ILE D 164 5.45 32.28 -18.67
N LYS D 165 6.61 32.92 -18.89
CA LYS D 165 6.71 34.37 -19.05
C LYS D 165 6.42 34.81 -20.48
N ASP D 166 6.66 33.90 -21.41
CA ASP D 166 6.45 34.20 -22.83
C ASP D 166 5.03 33.84 -23.27
N GLY D 167 4.11 33.87 -22.30
CA GLY D 167 2.73 33.58 -22.59
C GLY D 167 2.39 32.12 -22.77
N ALA D 168 2.35 31.39 -21.66
CA ALA D 168 2.04 29.97 -21.68
C ALA D 168 1.04 29.67 -20.58
N ASP D 169 -0.10 29.09 -20.96
CA ASP D 169 -1.17 28.75 -20.02
C ASP D 169 -0.81 27.61 -19.06
N GLY D 170 0.25 26.90 -19.40
CA GLY D 170 0.69 25.79 -18.59
C GLY D 170 2.01 25.34 -19.14
N VAL D 171 2.81 24.71 -18.29
CA VAL D 171 4.09 24.21 -18.71
C VAL D 171 4.25 22.80 -18.22
N VAL D 172 4.65 21.90 -19.11
CA VAL D 172 4.88 20.50 -18.77
C VAL D 172 6.37 20.25 -18.92
N VAL D 173 7.04 19.73 -17.89
CA VAL D 173 8.46 19.45 -17.98
C VAL D 173 8.66 17.94 -18.13
N ALA D 174 9.26 17.52 -19.24
CA ALA D 174 9.52 16.10 -19.53
C ALA D 174 10.81 15.66 -18.87
N HIS D 175 10.69 15.26 -17.61
CA HIS D 175 11.80 14.85 -16.76
C HIS D 175 11.91 13.32 -16.67
N GLY D 176 13.07 12.85 -16.25
CA GLY D 176 13.27 11.42 -16.08
C GLY D 176 12.69 11.01 -14.74
N THR D 177 12.23 9.77 -14.62
CA THR D 177 11.61 9.27 -13.40
C THR D 177 12.43 9.28 -12.12
N ASP D 178 13.56 8.58 -12.15
CA ASP D 178 14.43 8.43 -10.99
C ASP D 178 14.48 9.55 -9.96
N THR D 179 14.71 10.77 -10.41
CA THR D 179 14.84 11.92 -9.54
C THR D 179 13.69 12.91 -9.65
N MET D 180 12.80 12.69 -10.61
CA MET D 180 11.67 13.58 -10.82
C MET D 180 11.11 14.23 -9.58
N HIS D 181 10.83 13.44 -8.54
CA HIS D 181 10.30 14.05 -7.34
C HIS D 181 11.24 15.09 -6.73
N TYR D 182 12.54 14.82 -6.70
CA TYR D 182 13.48 15.80 -6.13
C TYR D 182 13.32 17.11 -6.88
N THR D 183 13.37 17.03 -8.20
CA THR D 183 13.25 18.20 -9.04
C THR D 183 11.96 18.97 -8.80
N SER D 184 10.83 18.27 -8.80
CA SER D 184 9.55 18.94 -8.59
C SER D 184 9.63 19.68 -7.27
N ALA D 185 10.28 19.08 -6.29
CA ALA D 185 10.40 19.73 -5.00
C ALA D 185 11.06 21.08 -5.29
N ALA D 186 12.26 21.05 -5.85
CA ALA D 186 12.98 22.27 -6.15
C ALA D 186 12.08 23.33 -6.80
N LEU D 187 11.57 23.03 -7.98
CA LEU D 187 10.69 23.94 -8.70
C LEU D 187 9.56 24.49 -7.80
N SER D 188 9.14 23.74 -6.79
CA SER D 188 8.07 24.23 -5.92
C SER D 188 8.53 25.41 -5.08
N PHE D 189 9.72 25.28 -4.51
CA PHE D 189 10.26 26.33 -3.67
C PHE D 189 10.79 27.52 -4.48
N MET D 190 11.42 27.23 -5.62
CA MET D 190 12.00 28.28 -6.46
C MET D 190 11.03 28.99 -7.39
N LEU D 191 9.86 28.40 -7.63
CA LEU D 191 8.90 29.01 -8.55
C LEU D 191 7.59 29.35 -7.85
N ARG D 192 6.99 30.43 -8.30
CA ARG D 192 5.72 30.90 -7.76
C ARG D 192 4.95 31.00 -9.07
N THR D 193 3.79 30.37 -9.16
CA THR D 193 3.14 30.39 -10.46
C THR D 193 1.64 30.67 -10.55
N PRO D 194 1.24 31.36 -11.62
CA PRO D 194 -0.12 31.76 -11.97
C PRO D 194 -0.72 30.65 -12.85
N VAL D 195 0.18 29.82 -13.37
CA VAL D 195 -0.13 28.72 -14.27
C VAL D 195 0.44 27.39 -13.74
N PRO D 196 -0.11 26.25 -14.20
CA PRO D 196 0.31 24.90 -13.80
C PRO D 196 1.67 24.54 -14.42
N VAL D 197 2.43 23.74 -13.70
CA VAL D 197 3.73 23.28 -14.18
C VAL D 197 3.72 21.80 -13.79
N VAL D 198 3.46 20.94 -14.77
CA VAL D 198 3.36 19.51 -14.53
C VAL D 198 4.52 18.66 -15.04
N PHE D 199 5.25 18.03 -14.14
CA PHE D 199 6.37 17.16 -14.49
C PHE D 199 5.85 15.78 -14.90
N THR D 200 6.49 15.16 -15.89
CA THR D 200 6.08 13.83 -16.34
C THR D 200 7.23 13.09 -17.01
N GLY D 201 6.97 11.83 -17.34
CA GLY D 201 7.96 10.99 -17.98
C GLY D 201 7.32 9.64 -18.16
N ALA D 202 8.12 8.63 -18.47
CA ALA D 202 7.59 7.30 -18.65
C ALA D 202 8.48 6.31 -17.94
N GLN D 203 7.86 5.26 -17.41
CA GLN D 203 8.60 4.21 -16.73
C GLN D 203 9.06 3.29 -17.85
N ARG D 204 8.24 3.20 -18.90
CA ARG D 204 8.53 2.39 -20.08
C ARG D 204 9.01 3.25 -21.26
N SER D 205 10.24 3.02 -21.71
CA SER D 205 10.81 3.74 -22.85
C SER D 205 9.68 4.15 -23.78
N SER D 206 9.76 5.33 -24.37
CA SER D 206 8.70 5.79 -25.28
C SER D 206 8.67 5.06 -26.61
N ASP D 207 9.75 4.36 -26.94
CA ASP D 207 9.79 3.67 -28.21
C ASP D 207 8.92 2.43 -28.20
N ARG D 208 8.57 1.96 -27.01
CA ARG D 208 7.75 0.76 -26.89
C ARG D 208 6.28 1.09 -27.15
N PRO D 209 5.56 0.20 -27.84
CA PRO D 209 4.15 0.48 -28.10
C PRO D 209 3.36 0.48 -26.81
N SER D 210 3.94 -0.08 -25.77
CA SER D 210 3.24 -0.13 -24.50
C SER D 210 3.61 1.01 -23.58
N SER D 211 4.66 1.73 -23.96
CA SER D 211 5.10 2.86 -23.14
C SER D 211 3.97 3.63 -22.57
N ASP D 212 4.13 4.02 -21.31
CA ASP D 212 3.13 4.79 -20.59
C ASP D 212 3.30 6.26 -20.92
N ALA D 213 4.26 6.56 -21.79
CA ALA D 213 4.54 7.94 -22.19
C ALA D 213 3.31 8.64 -22.73
N SER D 214 2.62 8.00 -23.66
CA SER D 214 1.44 8.59 -24.28
C SER D 214 0.36 9.06 -23.29
N LEU D 215 -0.13 8.20 -22.41
CA LEU D 215 -1.17 8.65 -21.47
C LEU D 215 -0.60 9.70 -20.53
N ASN D 216 0.64 9.52 -20.12
CA ASN D 216 1.29 10.45 -19.22
C ASN D 216 1.38 11.84 -19.81
N ILE D 217 1.71 11.92 -21.09
CA ILE D 217 1.86 13.22 -21.71
C ILE D 217 0.54 13.93 -21.91
N GLN D 218 -0.38 13.31 -22.64
CA GLN D 218 -1.65 13.98 -22.88
C GLN D 218 -2.53 14.13 -21.66
N CYS D 219 -2.04 13.70 -20.50
CA CYS D 219 -2.79 13.85 -19.26
C CYS D 219 -2.12 15.00 -18.54
N SER D 220 -0.82 15.16 -18.79
CA SER D 220 -0.04 16.24 -18.20
C SER D 220 -0.48 17.48 -18.95
N VAL D 221 -0.65 17.35 -20.26
CA VAL D 221 -1.09 18.47 -21.06
C VAL D 221 -2.47 18.88 -20.54
N ARG D 222 -3.34 17.90 -20.36
CA ARG D 222 -4.69 18.15 -19.84
C ARG D 222 -4.60 18.92 -18.53
N ALA D 223 -3.77 18.42 -17.61
CA ALA D 223 -3.59 19.05 -16.32
C ALA D 223 -3.00 20.45 -16.47
N ALA D 224 -2.05 20.60 -17.39
CA ALA D 224 -1.43 21.90 -17.63
C ALA D 224 -2.50 22.93 -17.97
N THR D 225 -3.71 22.46 -18.19
CA THR D 225 -4.85 23.31 -18.52
C THR D 225 -5.64 23.66 -17.28
N SER D 226 -5.74 22.68 -16.38
CA SER D 226 -6.48 22.83 -15.14
C SER D 226 -6.25 24.11 -14.34
N GLU D 227 -7.05 24.28 -13.30
CA GLU D 227 -6.96 25.45 -12.43
C GLU D 227 -5.98 25.26 -11.29
N ILE D 228 -5.31 24.12 -11.25
CA ILE D 228 -4.30 23.82 -10.21
C ILE D 228 -2.98 24.44 -10.63
N ALA D 229 -2.61 25.56 -10.01
CA ALA D 229 -1.38 26.26 -10.37
C ALA D 229 -0.27 26.08 -9.37
N GLU D 230 0.31 24.90 -9.36
CA GLU D 230 1.40 24.58 -8.47
C GLU D 230 2.29 23.68 -9.26
N VAL D 231 3.49 23.43 -8.76
CA VAL D 231 4.40 22.54 -9.45
C VAL D 231 3.94 21.14 -9.06
N THR D 232 3.59 20.33 -10.04
CA THR D 232 3.12 18.98 -9.76
C THR D 232 3.70 17.87 -10.65
N VAL D 233 3.38 16.66 -10.27
CA VAL D 233 3.82 15.46 -10.95
C VAL D 233 2.60 14.68 -11.37
N CYS D 234 2.52 14.38 -12.66
CA CYS D 234 1.39 13.63 -13.20
C CYS D 234 1.82 12.33 -13.88
N MET D 235 1.44 11.21 -13.27
CA MET D 235 1.76 9.88 -13.79
C MET D 235 0.58 8.93 -13.67
N HIS D 236 0.74 7.71 -14.18
CA HIS D 236 -0.33 6.72 -14.09
C HIS D 236 -0.75 6.56 -12.67
N ALA D 237 -2.02 6.28 -12.47
CA ALA D 237 -2.53 6.11 -11.13
C ALA D 237 -2.62 4.62 -10.84
N THR D 238 -2.38 3.82 -11.85
CA THR D 238 -2.47 2.39 -11.68
C THR D 238 -1.73 1.75 -12.86
N MET D 239 -1.71 0.43 -12.92
CA MET D 239 -1.03 -0.25 -14.01
C MET D 239 -1.92 -0.18 -15.22
N ASP D 240 -3.15 0.29 -15.06
CA ASP D 240 -4.06 0.40 -16.19
C ASP D 240 -3.85 1.67 -16.98
N ASP D 241 -4.10 1.60 -18.28
CA ASP D 241 -3.96 2.78 -19.14
C ASP D 241 -5.28 3.54 -19.15
N LEU D 242 -5.69 4.01 -17.98
CA LEU D 242 -6.94 4.71 -17.90
C LEU D 242 -6.77 6.10 -17.28
N SER D 243 -6.26 6.17 -16.06
CA SER D 243 -6.10 7.49 -15.44
C SER D 243 -4.70 7.82 -15.00
N CYS D 244 -4.53 9.08 -14.62
CA CYS D 244 -3.27 9.57 -14.11
C CYS D 244 -3.58 10.32 -12.81
N HIS D 245 -2.65 10.33 -11.87
CA HIS D 245 -2.88 11.05 -10.63
C HIS D 245 -2.06 12.34 -10.68
N LEU D 246 -2.66 13.47 -10.28
CA LEU D 246 -1.89 14.71 -10.29
C LEU D 246 -1.43 14.81 -8.87
N HIS D 247 -0.11 14.69 -8.68
CA HIS D 247 0.52 14.73 -7.38
C HIS D 247 1.13 16.09 -7.04
N ARG D 248 0.85 16.62 -5.86
CA ARG D 248 1.45 17.91 -5.50
C ARG D 248 2.97 17.73 -5.43
N GLY D 249 3.69 18.61 -6.13
CA GLY D 249 5.14 18.57 -6.19
C GLY D 249 5.98 18.23 -4.96
N VAL D 250 5.66 18.83 -3.83
CA VAL D 250 6.43 18.55 -2.62
C VAL D 250 5.88 17.41 -1.79
N LYS D 251 5.10 16.54 -2.43
CA LYS D 251 4.55 15.38 -1.74
C LYS D 251 4.38 14.15 -2.61
N VAL D 252 5.35 13.94 -3.51
CA VAL D 252 5.37 12.80 -4.41
C VAL D 252 6.69 12.11 -4.13
N ARG D 253 6.79 10.83 -4.48
CA ARG D 253 8.03 10.06 -4.31
C ARG D 253 7.94 8.79 -5.15
N LYS D 254 8.97 8.50 -5.93
CA LYS D 254 8.97 7.31 -6.79
C LYS D 254 9.07 6.11 -5.87
N MET D 255 7.95 5.46 -5.58
CA MET D 255 7.93 4.31 -4.65
C MET D 255 8.17 2.95 -5.23
N HIS D 256 8.45 2.85 -6.52
CA HIS D 256 8.70 1.55 -7.13
C HIS D 256 9.75 1.68 -8.21
N THR D 257 10.56 0.63 -8.42
CA THR D 257 11.61 0.71 -9.42
C THR D 257 11.16 0.48 -10.84
N SER D 258 9.94 -0.03 -11.07
CA SER D 258 9.50 -0.26 -12.45
C SER D 258 8.03 -0.03 -12.79
N ARG D 259 7.14 -0.34 -11.87
CA ARG D 259 5.70 -0.17 -12.11
C ARG D 259 5.25 1.18 -12.67
N ARG D 260 4.33 1.14 -13.62
CA ARG D 260 3.81 2.35 -14.23
C ARG D 260 3.27 3.28 -13.15
N ASP D 261 2.77 2.71 -12.06
CA ASP D 261 2.19 3.51 -10.99
C ASP D 261 3.20 3.70 -9.88
N THR D 262 4.46 3.91 -10.24
CA THR D 262 5.50 4.07 -9.23
C THR D 262 5.35 5.30 -8.35
N PHE D 263 4.86 6.41 -8.89
CA PHE D 263 4.71 7.62 -8.10
C PHE D 263 3.46 7.70 -7.28
N ARG D 264 3.67 7.89 -5.99
CA ARG D 264 2.58 8.01 -5.06
C ARG D 264 2.72 9.31 -4.28
N SER D 265 1.59 9.85 -3.84
CA SER D 265 1.58 11.04 -3.02
C SER D 265 1.94 10.45 -1.65
N MET D 266 2.81 11.11 -0.89
CA MET D 266 3.17 10.52 0.39
C MET D 266 2.37 10.97 1.60
N ASN D 267 2.66 12.14 2.13
CA ASN D 267 1.89 12.54 3.30
C ASN D 267 0.72 13.43 2.90
N ALA D 268 -0.02 12.93 1.91
CA ALA D 268 -1.17 13.61 1.34
C ALA D 268 -1.81 12.64 0.35
N LEU D 269 -2.88 13.08 -0.31
CA LEU D 269 -3.57 12.25 -1.29
C LEU D 269 -3.41 12.96 -2.62
N PRO D 270 -3.59 12.24 -3.72
CA PRO D 270 -3.45 12.85 -5.04
C PRO D 270 -4.30 14.12 -5.13
N LEU D 271 -3.78 15.18 -5.74
CA LEU D 271 -4.54 16.39 -5.83
C LEU D 271 -5.69 16.24 -6.80
N ALA D 272 -5.53 15.38 -7.80
CA ALA D 272 -6.58 15.21 -8.80
C ALA D 272 -6.49 13.90 -9.53
N GLU D 273 -7.40 13.72 -10.49
CA GLU D 273 -7.43 12.52 -11.30
C GLU D 273 -7.63 12.91 -12.76
N VAL D 274 -6.53 12.99 -13.52
CA VAL D 274 -6.60 13.39 -14.92
C VAL D 274 -6.83 12.31 -15.98
N THR D 275 -7.30 12.75 -17.13
CA THR D 275 -7.60 11.92 -18.31
C THR D 275 -7.37 12.85 -19.49
N PRO D 276 -7.09 12.33 -20.67
CA PRO D 276 -6.87 13.29 -21.76
C PRO D 276 -8.08 14.20 -21.99
N ASP D 277 -9.22 13.82 -21.41
CA ASP D 277 -10.46 14.57 -21.57
C ASP D 277 -10.71 15.60 -20.47
N GLY D 278 -10.33 15.28 -19.23
CA GLY D 278 -10.56 16.22 -18.14
C GLY D 278 -9.87 15.93 -16.82
N ILE D 279 -10.13 16.78 -15.83
CA ILE D 279 -9.54 16.64 -14.50
C ILE D 279 -10.64 16.34 -13.50
N LYS D 280 -10.27 15.85 -12.32
CA LYS D 280 -11.28 15.54 -11.31
C LYS D 280 -11.02 16.23 -9.96
N ILE D 281 -9.94 16.98 -9.84
CA ILE D 281 -9.65 17.72 -8.59
C ILE D 281 -10.18 17.11 -7.31
N LEU D 282 -9.49 16.10 -6.78
CA LEU D 282 -9.93 15.44 -5.55
C LEU D 282 -9.64 16.33 -4.35
N GLU D 283 -8.45 16.92 -4.34
CA GLU D 283 -8.06 17.84 -3.29
C GLU D 283 -8.86 19.09 -3.62
N GLU D 284 -9.35 19.80 -2.62
CA GLU D 284 -10.12 20.97 -2.94
C GLU D 284 -9.47 22.24 -2.43
N ASN D 285 -8.31 22.09 -1.81
CA ASN D 285 -7.59 23.23 -1.29
C ASN D 285 -6.24 23.31 -1.98
N TYR D 286 -6.12 24.19 -2.97
CA TYR D 286 -4.89 24.33 -3.74
C TYR D 286 -4.79 25.74 -4.31
N ARG D 287 -3.61 26.11 -4.80
CA ARG D 287 -3.41 27.43 -5.40
C ARG D 287 -4.19 27.47 -6.71
N LYS D 288 -5.14 28.41 -6.82
CA LYS D 288 -5.94 28.55 -8.04
C LYS D 288 -5.05 29.05 -9.17
N ARG D 289 -5.65 29.42 -10.28
CA ARG D 289 -4.85 29.88 -11.41
C ARG D 289 -4.24 31.27 -11.19
N GLY D 290 -4.82 32.31 -11.77
CA GLY D 290 -4.27 33.65 -11.63
C GLY D 290 -3.67 34.07 -10.29
N SER D 291 -4.35 33.68 -9.22
CA SER D 291 -3.98 33.98 -7.84
C SER D 291 -2.52 34.31 -7.51
N ASP D 292 -1.56 33.70 -8.18
CA ASP D 292 -0.16 34.01 -7.87
C ASP D 292 0.54 34.74 -9.00
N GLU D 293 1.64 35.40 -8.68
CA GLU D 293 2.39 36.10 -9.70
C GLU D 293 3.77 35.50 -9.87
N LEU D 294 4.10 35.21 -11.12
CA LEU D 294 5.35 34.60 -11.51
C LEU D 294 6.60 35.17 -10.86
N GLU D 295 7.14 34.52 -9.83
CA GLU D 295 8.39 35.00 -9.21
C GLU D 295 9.36 33.84 -9.36
N LEU D 296 10.66 34.11 -9.28
CA LEU D 296 11.64 33.03 -9.43
C LEU D 296 12.86 33.14 -8.53
N SER D 297 12.83 32.42 -7.42
CA SER D 297 13.93 32.41 -6.47
C SER D 297 14.93 31.34 -6.91
N ASP D 298 15.71 31.61 -7.95
CA ASP D 298 16.68 30.64 -8.46
C ASP D 298 17.97 30.43 -7.68
N ARG D 299 18.04 30.96 -6.45
CA ARG D 299 19.24 30.82 -5.63
C ARG D 299 19.21 29.50 -4.87
N VAL D 300 20.26 28.68 -5.02
CA VAL D 300 20.32 27.39 -4.32
C VAL D 300 21.74 27.06 -3.86
N GLU D 301 21.87 26.58 -2.63
CA GLU D 301 23.18 26.21 -2.11
C GLU D 301 23.53 24.77 -2.47
N GLU D 302 24.33 24.62 -3.52
CA GLU D 302 24.77 23.33 -4.02
C GLU D 302 25.26 22.38 -2.93
N ARG D 303 25.79 22.93 -1.85
CA ARG D 303 26.34 22.08 -0.79
C ARG D 303 25.45 21.82 0.39
N VAL D 304 24.87 20.62 0.43
CA VAL D 304 24.02 20.24 1.54
C VAL D 304 24.15 18.76 1.81
N ALA D 305 24.49 18.39 3.03
CA ALA D 305 24.61 16.98 3.36
C ALA D 305 23.20 16.43 3.45
N PHE D 306 23.08 15.14 3.19
CA PHE D 306 21.80 14.43 3.24
C PHE D 306 22.21 13.04 3.71
N ILE D 307 22.26 12.86 5.02
CA ILE D 307 22.74 11.59 5.58
C ILE D 307 21.68 10.70 6.20
N LYS D 308 21.55 9.52 5.66
CA LYS D 308 20.58 8.58 6.18
C LYS D 308 21.21 7.96 7.39
N SER D 309 20.52 7.98 8.51
CA SER D 309 21.07 7.39 9.71
C SER D 309 20.86 5.90 9.63
N TYR D 310 21.62 5.14 10.42
CA TYR D 310 21.48 3.70 10.44
C TYR D 310 22.35 3.17 11.54
N PRO D 311 22.11 1.92 11.97
CA PRO D 311 22.89 1.30 13.04
C PRO D 311 24.38 1.24 12.66
N GLY D 312 25.25 1.81 13.50
CA GLY D 312 26.67 1.79 13.19
C GLY D 312 27.20 3.07 12.57
N ILE D 313 26.33 3.93 12.07
CA ILE D 313 26.82 5.16 11.46
C ILE D 313 27.81 5.79 12.42
N SER D 314 28.83 6.43 11.86
CA SER D 314 29.87 7.08 12.63
C SER D 314 29.80 8.59 12.60
N PRO D 315 30.05 9.23 13.74
CA PRO D 315 30.01 10.69 13.84
C PRO D 315 30.96 11.29 12.80
N ASP D 316 32.03 10.56 12.51
CA ASP D 316 33.05 11.01 11.57
C ASP D 316 32.47 11.45 10.25
N ILE D 317 31.49 10.70 9.76
CA ILE D 317 30.87 11.04 8.51
C ILE D 317 30.27 12.43 8.66
N ILE D 318 29.56 12.64 9.77
CA ILE D 318 28.95 13.95 10.01
C ILE D 318 30.04 15.00 10.05
N LYS D 319 31.11 14.70 10.79
CA LYS D 319 32.25 15.60 10.92
C LYS D 319 32.86 15.97 9.58
N TRP D 320 33.42 14.97 8.90
CA TRP D 320 34.01 15.18 7.58
C TRP D 320 33.18 16.17 6.75
N HIS D 321 31.87 16.16 6.96
CA HIS D 321 30.98 17.07 6.25
C HIS D 321 31.12 18.50 6.72
N LEU D 322 31.22 18.68 8.03
CA LEU D 322 31.39 20.01 8.60
C LEU D 322 32.75 20.52 8.11
N ASP D 323 33.78 19.69 8.28
CA ASP D 323 35.14 20.02 7.84
C ASP D 323 35.17 20.42 6.38
N GLU D 324 34.44 19.69 5.54
CA GLU D 324 34.45 20.00 4.12
C GLU D 324 33.70 21.28 3.74
N GLY D 325 33.31 22.05 4.75
CA GLY D 325 32.61 23.28 4.47
C GLY D 325 31.15 23.11 4.12
N TYR D 326 30.53 22.03 4.57
CA TYR D 326 29.13 21.83 4.26
C TYR D 326 28.28 22.81 5.08
N ARG D 327 27.49 23.61 4.39
CA ARG D 327 26.66 24.61 5.06
C ARG D 327 25.43 24.07 5.82
N GLY D 328 24.99 22.86 5.45
CA GLY D 328 23.82 22.29 6.11
C GLY D 328 23.77 20.77 6.10
N ILE D 329 23.04 20.21 7.05
CA ILE D 329 22.88 18.76 7.15
C ILE D 329 21.42 18.31 7.33
N VAL D 330 20.95 17.42 6.45
CA VAL D 330 19.60 16.88 6.52
C VAL D 330 19.76 15.40 6.85
N ILE D 331 19.41 15.02 8.06
CA ILE D 331 19.54 13.64 8.49
C ILE D 331 18.24 12.91 8.29
N GLU D 332 18.33 11.68 7.78
CA GLU D 332 17.15 10.86 7.54
C GLU D 332 17.14 9.84 8.68
N GLY D 333 16.63 10.26 9.83
CA GLY D 333 16.60 9.39 10.99
C GLY D 333 15.69 8.18 11.01
N THR D 334 15.62 7.57 12.19
CA THR D 334 14.82 6.40 12.44
C THR D 334 13.48 6.88 12.96
N GLY D 335 12.42 6.14 12.62
CA GLY D 335 11.06 6.48 13.00
C GLY D 335 10.83 7.50 14.10
N LEU D 336 10.16 8.59 13.78
CA LEU D 336 9.85 9.68 14.73
C LEU D 336 10.88 10.78 14.81
N GLY D 337 12.02 10.58 14.16
CA GLY D 337 13.06 11.60 14.14
C GLY D 337 14.24 11.37 15.04
N HIS D 338 14.80 10.18 14.99
CA HIS D 338 15.95 9.82 15.81
C HIS D 338 17.22 9.56 15.03
N CYS D 339 18.29 9.28 15.77
CA CYS D 339 19.60 8.93 15.23
C CYS D 339 20.42 8.62 16.48
N PRO D 340 21.38 7.68 16.39
CA PRO D 340 22.23 7.25 17.50
C PRO D 340 22.70 8.36 18.43
N ASP D 341 22.73 8.09 19.73
CA ASP D 341 23.15 9.10 20.69
C ASP D 341 24.60 9.53 20.46
N THR D 342 25.43 8.61 20.00
CA THR D 342 26.84 8.89 19.74
C THR D 342 27.04 10.04 18.77
N LEU D 343 25.98 10.41 18.06
CA LEU D 343 26.04 11.49 17.10
C LEU D 343 25.80 12.85 17.74
N ILE D 344 25.20 12.85 18.94
CA ILE D 344 24.92 14.10 19.63
C ILE D 344 26.09 15.12 19.54
N PRO D 345 27.22 14.82 20.20
CA PRO D 345 28.38 15.71 20.20
C PRO D 345 28.61 16.42 18.87
N VAL D 346 28.68 15.62 17.82
CA VAL D 346 28.91 16.10 16.46
C VAL D 346 27.82 17.04 16.02
N ILE D 347 26.58 16.60 16.21
CA ILE D 347 25.43 17.39 15.81
C ILE D 347 25.39 18.69 16.58
N GLY D 348 25.92 18.67 17.79
CA GLY D 348 25.96 19.87 18.60
C GLY D 348 27.02 20.77 18.00
N GLU D 349 28.17 20.15 17.74
CA GLU D 349 29.32 20.83 17.14
C GLU D 349 28.89 21.54 15.86
N ALA D 350 28.06 20.88 15.07
CA ALA D 350 27.59 21.48 13.84
C ALA D 350 26.90 22.79 14.18
N HIS D 351 26.16 22.78 15.28
CA HIS D 351 25.44 23.97 15.71
C HIS D 351 26.43 25.07 16.10
N ASP D 352 27.41 24.71 16.92
CA ASP D 352 28.40 25.69 17.34
C ASP D 352 29.01 26.29 16.10
N MET D 353 28.99 25.55 15.00
CA MET D 353 29.55 26.02 13.75
C MET D 353 28.54 26.75 12.89
N GLY D 354 27.36 26.99 13.44
CA GLY D 354 26.34 27.69 12.68
C GLY D 354 25.89 26.92 11.45
N VAL D 355 25.91 25.60 11.55
CA VAL D 355 25.48 24.76 10.45
C VAL D 355 24.13 24.12 10.81
N PRO D 356 23.10 24.41 10.01
CA PRO D 356 21.77 23.87 10.27
C PRO D 356 21.73 22.34 10.15
N VAL D 357 20.97 21.69 11.02
CA VAL D 357 20.83 20.25 11.01
C VAL D 357 19.35 19.94 11.21
N ALA D 358 18.75 19.34 10.18
CA ALA D 358 17.33 18.99 10.22
C ALA D 358 17.14 17.50 10.30
N MET D 359 16.03 17.07 10.87
CA MET D 359 15.74 15.65 11.03
C MET D 359 14.46 15.27 10.31
N THR D 360 14.46 14.10 9.68
CA THR D 360 13.30 13.54 8.97
C THR D 360 13.34 12.04 9.22
N SER D 361 12.25 11.35 8.95
CA SER D 361 12.24 9.92 9.22
C SER D 361 12.33 9.03 7.97
N GLN D 362 13.14 7.98 8.08
CA GLN D 362 13.35 6.97 7.04
C GLN D 362 12.05 6.31 6.69
N CYS D 363 11.14 6.27 7.66
CA CYS D 363 9.87 5.63 7.48
C CYS D 363 9.09 6.22 6.33
N LEU D 364 9.38 7.48 5.99
CA LEU D 364 8.69 8.18 4.92
C LEU D 364 7.27 8.55 5.37
N ASN D 365 6.45 7.54 5.61
CA ASN D 365 5.08 7.78 6.05
C ASN D 365 5.05 8.26 7.50
N GLY D 366 4.69 9.51 7.75
CA GLY D 366 4.61 9.96 9.13
C GLY D 366 5.02 11.37 9.50
N ARG D 367 4.84 11.70 10.77
CA ARG D 367 5.21 13.01 11.27
C ARG D 367 6.25 12.83 12.36
N VAL D 368 7.34 13.58 12.28
CA VAL D 368 8.40 13.48 13.26
C VAL D 368 7.98 14.24 14.53
N ASN D 369 8.36 13.68 15.68
CA ASN D 369 8.04 14.29 16.96
C ASN D 369 9.15 13.99 17.93
N MET D 370 10.22 14.77 17.85
CA MET D 370 11.37 14.56 18.71
C MET D 370 11.16 14.95 20.17
N ASN D 371 9.91 14.97 20.59
CA ASN D 371 9.57 15.33 21.96
C ASN D 371 9.18 14.11 22.75
N VAL D 372 8.66 13.12 22.03
CA VAL D 372 8.21 11.91 22.68
C VAL D 372 9.27 11.20 23.52
N TYR D 373 10.40 10.82 22.91
CA TYR D 373 11.45 10.10 23.62
C TYR D 373 12.72 10.91 23.99
N SER D 374 13.48 10.41 24.96
CA SER D 374 14.69 11.12 25.38
C SER D 374 15.67 11.35 24.24
N THR D 375 16.07 10.28 23.56
CA THR D 375 17.00 10.39 22.45
C THR D 375 16.59 11.56 21.57
N GLY D 376 15.29 11.69 21.35
CA GLY D 376 14.81 12.79 20.53
C GLY D 376 15.00 14.13 21.21
N ARG D 377 14.60 14.24 22.47
CA ARG D 377 14.74 15.50 23.18
C ARG D 377 16.16 16.02 23.27
N ARG D 378 17.12 15.14 23.58
CA ARG D 378 18.52 15.53 23.64
C ARG D 378 18.97 15.98 22.26
N LEU D 379 18.45 15.33 21.23
CA LEU D 379 18.77 15.67 19.86
C LEU D 379 18.24 17.07 19.59
N LEU D 380 17.11 17.38 20.19
CA LEU D 380 16.51 18.70 20.04
C LEU D 380 17.39 19.65 20.83
N GLN D 381 17.86 19.15 21.97
CA GLN D 381 18.72 19.90 22.88
C GLN D 381 20.00 20.33 22.17
N ALA D 382 20.38 19.55 21.16
CA ALA D 382 21.57 19.82 20.39
C ALA D 382 21.31 20.71 19.18
N GLY D 383 20.11 21.26 19.08
CA GLY D 383 19.80 22.15 17.99
C GLY D 383 19.20 21.57 16.73
N VAL D 384 18.85 20.29 16.74
CA VAL D 384 18.25 19.63 15.58
C VAL D 384 16.89 20.23 15.21
N ILE D 385 16.61 20.37 13.92
CA ILE D 385 15.33 20.92 13.48
C ILE D 385 14.31 19.88 13.02
N PRO D 386 13.27 19.62 13.84
CA PRO D 386 12.28 18.63 13.42
C PRO D 386 11.63 19.17 12.16
N CYS D 387 11.34 18.31 11.20
CA CYS D 387 10.72 18.78 9.97
C CYS D 387 9.26 18.34 9.78
N ASP D 388 8.55 18.17 10.88
CA ASP D 388 7.16 17.79 10.76
C ASP D 388 6.96 16.50 9.95
N ASP D 389 6.24 16.56 8.84
CA ASP D 389 6.01 15.35 8.05
C ASP D 389 6.55 15.49 6.66
N MET D 390 7.56 16.32 6.52
CA MET D 390 8.19 16.56 5.21
C MET D 390 9.05 15.38 4.72
N LEU D 391 8.76 14.88 3.53
CA LEU D 391 9.54 13.76 2.99
C LEU D 391 11.01 14.11 3.02
N PRO D 392 11.85 13.16 3.43
CA PRO D 392 13.28 13.38 3.51
C PRO D 392 13.89 14.13 2.29
N GLU D 393 13.78 13.54 1.11
CA GLU D 393 14.36 14.18 -0.05
C GLU D 393 13.88 15.62 -0.22
N VAL D 394 12.69 15.92 0.27
CA VAL D 394 12.20 17.29 0.13
C VAL D 394 12.95 18.20 1.09
N ALA D 395 13.08 17.74 2.33
CA ALA D 395 13.80 18.48 3.37
C ALA D 395 15.20 18.79 2.84
N TYR D 396 15.79 17.84 2.12
CA TYR D 396 17.11 18.01 1.53
C TYR D 396 17.01 19.11 0.47
N VAL D 397 16.07 18.94 -0.46
CA VAL D 397 15.91 19.91 -1.51
C VAL D 397 15.63 21.30 -0.94
N LYS D 398 14.87 21.34 0.16
CA LYS D 398 14.54 22.62 0.76
C LYS D 398 15.77 23.31 1.34
N MET D 399 16.52 22.58 2.17
CA MET D 399 17.74 23.14 2.77
C MET D 399 18.57 23.78 1.68
N CYS D 400 18.75 23.08 0.58
CA CYS D 400 19.51 23.62 -0.52
C CYS D 400 18.95 24.97 -0.91
N TRP D 401 17.62 25.06 -1.02
CA TRP D 401 17.00 26.33 -1.39
C TRP D 401 17.12 27.39 -0.30
N VAL D 402 16.67 27.04 0.90
CA VAL D 402 16.73 27.96 2.03
C VAL D 402 18.14 28.50 2.28
N LEU D 403 19.14 27.63 2.33
CA LEU D 403 20.52 28.08 2.57
C LEU D 403 21.07 28.83 1.36
N GLY D 404 20.21 29.02 0.37
CA GLY D 404 20.59 29.76 -0.81
C GLY D 404 19.82 31.07 -0.77
N GLN D 405 19.01 31.21 0.28
CA GLN D 405 18.18 32.39 0.48
C GLN D 405 18.72 33.21 1.64
N THR D 406 19.59 32.61 2.43
CA THR D 406 20.16 33.29 3.57
C THR D 406 21.32 32.51 4.15
N ASP D 407 22.04 33.12 5.09
CA ASP D 407 23.14 32.44 5.72
C ASP D 407 23.04 32.60 7.22
N ASP D 408 21.87 33.06 7.67
CA ASP D 408 21.61 33.22 9.09
C ASP D 408 21.09 31.87 9.58
N PRO D 409 21.88 31.14 10.37
CA PRO D 409 21.43 29.83 10.85
C PRO D 409 20.01 29.92 11.36
N GLU D 410 19.83 30.78 12.35
CA GLU D 410 18.54 30.97 12.97
C GLU D 410 17.41 31.11 11.95
N MET D 411 17.60 31.90 10.90
CA MET D 411 16.52 32.07 9.94
C MET D 411 16.26 30.79 9.15
N ALA D 412 17.33 30.10 8.76
CA ALA D 412 17.18 28.86 8.01
C ALA D 412 16.30 27.90 8.79
N ARG D 413 16.53 27.83 10.10
CA ARG D 413 15.75 26.96 10.96
C ARG D 413 14.27 27.36 10.90
N GLU D 414 14.01 28.66 10.82
CA GLU D 414 12.63 29.16 10.75
C GLU D 414 11.98 28.82 9.43
N MET D 415 12.72 29.00 8.34
CA MET D 415 12.20 28.75 7.00
C MET D 415 11.96 27.27 6.73
N MET D 416 12.71 26.41 7.41
CA MET D 416 12.55 24.98 7.23
C MET D 416 11.18 24.56 7.75
N ARG D 417 10.85 25.05 8.95
CA ARG D 417 9.57 24.74 9.58
C ARG D 417 8.45 25.48 8.87
N GLU D 418 8.80 26.56 8.20
CA GLU D 418 7.82 27.37 7.49
C GLU D 418 7.23 26.69 6.30
N ASN D 419 5.94 26.36 6.35
CA ASN D 419 5.33 25.73 5.20
C ASN D 419 5.31 26.77 4.11
N ILE D 420 5.89 26.44 2.98
CA ILE D 420 6.00 27.38 1.89
C ILE D 420 5.31 26.93 0.62
N ALA D 421 5.35 25.65 0.32
CA ALA D 421 4.72 25.16 -0.91
C ALA D 421 3.78 23.99 -0.67
N GLY D 422 3.76 23.50 0.55
CA GLY D 422 2.90 22.38 0.86
C GLY D 422 3.72 21.23 1.38
N GLU D 423 5.00 21.48 1.66
CA GLU D 423 5.86 20.41 2.14
C GLU D 423 5.47 19.89 3.53
N ILE D 424 4.83 20.74 4.33
CA ILE D 424 4.40 20.31 5.66
C ILE D 424 2.89 20.30 5.74
N ASN D 425 2.31 19.31 6.40
CA ASN D 425 0.87 19.24 6.53
C ASN D 425 0.57 19.24 8.02
N GLU D 426 -0.13 20.27 8.51
CA GLU D 426 -0.41 20.34 9.94
C GLU D 426 -0.87 19.03 10.55
N ARG D 427 -1.88 18.40 9.95
CA ARG D 427 -2.45 17.16 10.47
C ARG D 427 -2.26 15.96 9.57
N THR D 428 -2.30 14.78 10.18
CA THR D 428 -2.11 13.53 9.45
C THR D 428 -3.41 12.74 9.38
N SER D 429 -3.94 12.58 8.18
CA SER D 429 -5.18 11.86 8.01
C SER D 429 -5.01 10.33 8.00
N ILE D 430 -6.02 9.63 8.52
CA ILE D 430 -5.99 8.17 8.52
C ILE D 430 -5.86 7.67 7.09
N ALA D 431 -6.28 8.51 6.14
CA ALA D 431 -6.25 8.16 4.73
C ALA D 431 -4.90 8.20 4.04
N TYR D 432 -3.87 8.61 4.76
CA TYR D 432 -2.51 8.72 4.21
C TYR D 432 -1.62 7.49 4.36
N PHE D 433 -2.17 6.36 4.77
CA PHE D 433 -1.33 5.18 4.91
C PHE D 433 -2.16 3.95 4.64
N ARG D 434 -2.47 3.71 3.37
CA ARG D 434 -3.27 2.57 2.98
C ARG D 434 -2.63 1.23 3.30
N GLY D 435 -1.39 1.06 2.88
CA GLY D 435 -0.70 -0.19 3.13
C GLY D 435 0.81 -0.08 3.02
N MET E 1 -32.86 25.80 56.73
CA MET E 1 -32.67 24.62 57.63
C MET E 1 -31.30 24.67 58.32
N ASP E 2 -30.94 25.87 58.79
CA ASP E 2 -29.67 26.16 59.46
C ASP E 2 -28.53 25.23 59.06
N TRP E 3 -28.05 25.45 57.85
CA TRP E 3 -26.97 24.66 57.26
C TRP E 3 -25.74 24.45 58.12
N GLU E 4 -25.21 25.53 58.67
CA GLU E 4 -24.02 25.46 59.50
C GLU E 4 -24.07 24.40 60.58
N LYS E 5 -25.28 24.04 61.04
CA LYS E 5 -25.43 23.05 62.09
C LYS E 5 -25.47 21.60 61.59
N VAL E 6 -26.02 21.39 60.41
CA VAL E 6 -26.12 20.05 59.85
C VAL E 6 -24.76 19.64 59.31
N GLY E 7 -23.86 20.61 59.19
CA GLY E 7 -22.53 20.34 58.67
C GLY E 7 -22.47 20.17 57.17
N LEU E 8 -23.12 21.07 56.44
CA LEU E 8 -23.14 21.00 54.98
C LEU E 8 -21.86 21.56 54.36
N LYS E 9 -21.30 20.76 53.46
CA LYS E 9 -20.09 21.12 52.71
C LYS E 9 -20.47 21.06 51.24
N MET E 10 -20.41 22.20 50.56
CA MET E 10 -20.75 22.23 49.14
C MET E 10 -19.51 22.54 48.30
N GLY E 11 -19.49 22.02 47.08
CA GLY E 11 -18.37 22.25 46.19
C GLY E 11 -18.85 22.34 44.76
N LEU E 12 -18.22 23.20 43.96
CA LEU E 12 -18.61 23.36 42.57
C LEU E 12 -17.52 22.96 41.58
N GLU E 13 -17.90 22.15 40.59
CA GLU E 13 -17.00 21.66 39.55
C GLU E 13 -17.59 22.06 38.20
N ILE E 14 -17.03 23.07 37.57
CA ILE E 14 -17.56 23.52 36.29
C ILE E 14 -16.53 23.31 35.18
N HIS E 15 -17.00 22.83 34.02
CA HIS E 15 -16.14 22.58 32.87
C HIS E 15 -16.71 23.37 31.69
N GLN E 16 -15.85 24.13 31.04
CA GLN E 16 -16.28 24.95 29.91
C GLN E 16 -15.52 24.63 28.62
N GLN E 17 -16.21 24.67 27.48
CA GLN E 17 -15.58 24.42 26.17
C GLN E 17 -15.06 25.77 25.71
N LEU E 18 -13.87 25.79 25.12
CA LEU E 18 -13.29 27.06 24.72
C LEU E 18 -13.52 27.67 23.33
N ASP E 19 -13.91 26.88 22.34
CA ASP E 19 -14.15 27.43 21.00
C ASP E 19 -12.93 28.17 20.44
N THR E 20 -11.90 27.39 20.16
CA THR E 20 -10.67 27.90 19.59
C THR E 20 -10.67 27.34 18.18
N GLU E 21 -9.83 27.88 17.30
CA GLU E 21 -9.79 27.38 15.93
C GLU E 21 -9.55 25.88 15.91
N SER E 22 -8.39 25.48 16.41
CA SER E 22 -8.02 24.07 16.45
C SER E 22 -8.20 23.50 17.85
N LYS E 23 -8.22 22.18 17.96
CA LYS E 23 -8.38 21.53 19.25
C LYS E 23 -7.18 21.78 20.15
N LEU E 24 -7.20 21.14 21.32
CA LEU E 24 -6.14 21.29 22.33
C LEU E 24 -4.73 20.88 21.90
N PHE E 25 -4.49 19.58 21.75
CA PHE E 25 -3.18 19.10 21.34
C PHE E 25 -3.22 18.52 19.91
N CYS E 26 -4.04 19.13 19.07
CA CYS E 26 -4.25 18.70 17.69
C CYS E 26 -4.75 19.91 16.88
N PRO E 27 -4.67 19.85 15.55
CA PRO E 27 -5.12 20.95 14.69
C PRO E 27 -6.56 20.90 14.28
N CYS E 28 -7.18 19.75 14.46
CA CYS E 28 -8.55 19.55 14.07
C CYS E 28 -9.52 20.59 14.61
N ARG E 29 -10.46 21.01 13.76
CA ARG E 29 -11.46 22.02 14.09
C ARG E 29 -12.29 21.65 15.33
N THR E 30 -12.85 22.67 15.97
CA THR E 30 -13.61 22.50 17.21
C THR E 30 -15.12 22.27 17.19
N GLU E 31 -15.66 21.83 16.06
CA GLU E 31 -17.10 21.59 15.96
C GLU E 31 -17.41 20.12 15.71
N LEU E 32 -18.53 19.63 16.25
CA LEU E 32 -18.91 18.24 16.06
C LEU E 32 -19.35 17.98 14.63
N THR E 33 -19.55 16.71 14.31
CA THR E 33 -20.00 16.36 12.97
C THR E 33 -21.02 15.26 13.07
N ASP E 34 -22.10 15.35 12.28
CA ASP E 34 -23.12 14.33 12.30
C ASP E 34 -22.98 13.43 11.10
N SER E 35 -22.18 13.88 10.13
CA SER E 35 -21.94 13.11 8.92
C SER E 35 -21.49 11.70 9.26
N GLU E 36 -21.57 10.80 8.30
CA GLU E 36 -21.17 9.42 8.50
C GLU E 36 -19.66 9.36 8.58
N PRO E 37 -19.13 8.71 9.63
CA PRO E 37 -17.68 8.56 9.85
C PRO E 37 -17.04 7.68 8.77
N ASP E 38 -15.87 8.09 8.28
CA ASP E 38 -15.20 7.33 7.22
C ASP E 38 -14.49 6.09 7.67
N HIS E 39 -14.17 6.00 8.96
CA HIS E 39 -13.42 4.85 9.46
C HIS E 39 -13.77 4.47 10.90
N ASP E 40 -14.05 3.20 11.11
CA ASP E 40 -14.39 2.66 12.41
C ASP E 40 -13.17 1.95 12.96
N ILE E 41 -12.60 2.47 14.03
CA ILE E 41 -11.43 1.84 14.60
C ILE E 41 -11.84 0.96 15.76
N VAL E 42 -11.39 -0.29 15.76
CA VAL E 42 -11.72 -1.23 16.84
C VAL E 42 -10.56 -1.26 17.84
N ARG E 43 -10.86 -1.11 19.11
CA ARG E 43 -9.79 -1.13 20.09
C ARG E 43 -10.17 -1.81 21.38
N ASN E 44 -9.17 -2.02 22.23
CA ASN E 44 -9.34 -2.63 23.53
C ASN E 44 -8.45 -1.86 24.49
N LEU E 45 -9.03 -1.35 25.58
CA LEU E 45 -8.26 -0.66 26.59
C LEU E 45 -7.80 -1.72 27.59
N ARG E 46 -6.82 -1.41 28.42
CA ARG E 46 -6.37 -2.43 29.36
C ARG E 46 -6.21 -2.01 30.82
N PRO E 47 -6.66 -2.90 31.73
CA PRO E 47 -6.59 -2.69 33.18
C PRO E 47 -5.14 -2.37 33.62
N THR E 48 -4.60 -3.18 34.54
CA THR E 48 -3.23 -3.06 35.04
C THR E 48 -3.01 -3.73 36.40
N ALA E 59 -11.57 -12.50 36.39
CA ALA E 59 -11.93 -11.12 36.09
C ALA E 59 -11.27 -10.65 34.79
N PHE E 60 -9.95 -10.85 34.69
CA PHE E 60 -9.20 -10.44 33.50
C PHE E 60 -9.69 -11.29 32.33
N GLU E 61 -11.01 -11.50 32.31
CA GLU E 61 -11.67 -12.28 31.29
C GLU E 61 -13.05 -11.68 31.07
N GLU E 62 -13.54 -10.96 32.07
CA GLU E 62 -14.84 -10.31 31.94
C GLU E 62 -14.67 -8.80 32.04
N ALA E 63 -13.56 -8.37 32.63
CA ALA E 63 -13.29 -6.95 32.73
C ALA E 63 -12.92 -6.52 31.32
N MET E 64 -12.02 -7.29 30.72
CA MET E 64 -11.54 -7.05 29.36
C MET E 64 -12.71 -6.81 28.43
N ARG E 65 -13.63 -7.76 28.39
CA ARG E 65 -14.79 -7.65 27.53
C ARG E 65 -15.55 -6.33 27.69
N LYS E 66 -15.40 -5.68 28.84
CA LYS E 66 -16.08 -4.40 29.08
C LYS E 66 -15.23 -3.24 28.60
N LEU E 67 -14.12 -3.56 27.93
CA LEU E 67 -13.22 -2.52 27.45
C LEU E 67 -13.10 -2.47 25.94
N HIS E 68 -13.92 -3.26 25.26
CA HIS E 68 -13.89 -3.28 23.81
C HIS E 68 -14.56 -2.00 23.32
N PHE E 69 -13.83 -1.23 22.52
CA PHE E 69 -14.34 0.04 22.02
C PHE E 69 -14.16 0.22 20.51
N HIS E 70 -15.15 0.81 19.85
CA HIS E 70 -15.09 1.09 18.41
C HIS E 70 -15.16 2.60 18.29
N TYR E 71 -14.17 3.19 17.65
CA TYR E 71 -14.12 4.63 17.49
C TYR E 71 -14.41 5.05 16.05
N GLU E 72 -15.23 6.08 15.90
CA GLU E 72 -15.60 6.62 14.59
C GLU E 72 -14.65 7.75 14.23
N ASN E 73 -14.00 7.61 13.09
CA ASN E 73 -13.04 8.60 12.62
C ASN E 73 -13.47 9.28 11.32
N TYR E 74 -12.89 10.44 11.04
CA TYR E 74 -13.18 11.16 9.80
C TYR E 74 -11.88 11.49 9.15
N HIS E 75 -11.80 11.30 7.83
CA HIS E 75 -10.58 11.60 7.11
C HIS E 75 -10.23 13.06 7.22
N GLU E 76 -11.22 13.93 7.38
CA GLU E 76 -10.94 15.35 7.47
C GLU E 76 -11.12 15.94 8.85
N GLU E 77 -12.28 15.74 9.47
CA GLU E 77 -12.52 16.33 10.79
C GLU E 77 -11.93 15.54 11.94
N THR E 78 -10.94 14.72 11.62
CA THR E 78 -10.24 13.90 12.60
C THR E 78 -8.82 13.65 12.10
N CYS E 79 -7.89 13.50 13.04
CA CYS E 79 -6.51 13.22 12.67
C CYS E 79 -5.99 12.04 13.49
N LEU E 80 -4.73 11.68 13.27
CA LEU E 80 -4.14 10.55 13.96
C LEU E 80 -3.98 10.71 15.46
N VAL E 81 -3.97 11.94 15.95
CA VAL E 81 -3.83 12.16 17.38
C VAL E 81 -5.06 11.63 18.09
N GLU E 82 -6.24 11.94 17.55
CA GLU E 82 -7.51 11.50 18.14
C GLU E 82 -7.56 9.98 18.19
N ALA E 83 -6.96 9.34 17.19
CA ALA E 83 -6.96 7.89 17.10
C ALA E 83 -5.93 7.22 17.99
N ASP E 84 -5.00 8.01 18.51
CA ASP E 84 -3.91 7.48 19.34
C ASP E 84 -2.91 6.82 18.39
N GLU E 85 -2.83 7.32 17.16
CA GLU E 85 -1.94 6.77 16.15
C GLU E 85 -0.83 7.75 15.76
N GLU E 86 -0.77 8.85 16.52
CA GLU E 86 0.20 9.92 16.31
C GLU E 86 0.32 10.69 17.61
N PRO E 87 1.55 10.94 18.08
CA PRO E 87 1.76 11.69 19.32
C PRO E 87 1.16 13.09 19.35
N PRO E 88 0.67 13.49 20.52
CA PRO E 88 0.05 14.79 20.81
C PRO E 88 0.92 15.94 20.36
N HIS E 89 0.40 16.83 19.53
CA HIS E 89 1.19 17.98 19.13
C HIS E 89 1.27 18.80 20.43
N PRO E 90 2.05 19.89 20.47
CA PRO E 90 2.17 20.69 21.69
C PRO E 90 0.93 21.49 22.03
N LEU E 91 0.95 22.06 23.23
CA LEU E 91 -0.14 22.88 23.77
C LEU E 91 -0.62 23.95 22.79
N ASN E 92 -1.94 24.07 22.67
CA ASN E 92 -2.57 25.05 21.78
C ASN E 92 -2.49 26.41 22.47
N PRO E 93 -1.63 27.30 21.96
CA PRO E 93 -1.47 28.63 22.53
C PRO E 93 -2.76 29.37 22.83
N GLU E 94 -3.64 29.51 21.83
CA GLU E 94 -4.90 30.21 22.03
C GLU E 94 -5.68 29.65 23.21
N ALA E 95 -5.59 28.35 23.43
CA ALA E 95 -6.30 27.74 24.53
C ALA E 95 -5.74 28.27 25.84
N LEU E 96 -4.43 28.16 26.01
CA LEU E 96 -3.76 28.63 27.22
C LEU E 96 -4.00 30.11 27.42
N GLU E 97 -4.25 30.84 26.35
CA GLU E 97 -4.52 32.27 26.46
C GLU E 97 -5.82 32.49 27.20
N ILE E 98 -6.91 31.95 26.67
CA ILE E 98 -8.22 32.08 27.32
C ILE E 98 -8.17 31.42 28.69
N ALA E 99 -7.52 30.27 28.76
CA ALA E 99 -7.41 29.58 30.03
C ALA E 99 -6.86 30.55 31.08
N VAL E 100 -5.83 31.30 30.69
CA VAL E 100 -5.22 32.27 31.61
C VAL E 100 -6.18 33.43 31.87
N THR E 101 -6.70 34.02 30.80
CA THR E 101 -7.63 35.15 30.92
C THR E 101 -8.66 34.83 32.00
N ILE E 102 -9.40 33.74 31.81
CA ILE E 102 -10.38 33.30 32.78
C ILE E 102 -9.74 33.22 34.16
N ALA E 103 -8.55 32.64 34.22
CA ALA E 103 -7.82 32.50 35.46
C ALA E 103 -7.66 33.85 36.15
N LEU E 104 -7.07 34.80 35.45
CA LEU E 104 -6.85 36.13 35.99
C LEU E 104 -8.15 36.78 36.43
N LEU E 105 -9.19 36.59 35.62
CA LEU E 105 -10.51 37.14 35.91
C LEU E 105 -11.09 36.55 37.21
N LEU E 106 -10.57 35.41 37.65
CA LEU E 106 -11.05 34.81 38.88
C LEU E 106 -10.06 35.11 40.00
N ASN E 107 -9.12 36.00 39.72
CA ASN E 107 -8.12 36.39 40.70
C ASN E 107 -7.26 35.21 41.13
N MET E 108 -6.91 34.36 40.18
CA MET E 108 -6.10 33.20 40.49
C MET E 108 -4.64 33.52 40.19
N ARG E 109 -3.75 32.62 40.59
CA ARG E 109 -2.32 32.83 40.36
C ARG E 109 -1.85 31.90 39.25
N VAL E 110 -1.68 32.47 38.07
CA VAL E 110 -1.24 31.74 36.89
C VAL E 110 0.09 31.04 37.18
N VAL E 111 0.15 29.74 36.86
CA VAL E 111 1.34 28.95 37.08
C VAL E 111 2.53 29.51 36.32
N ASP E 112 3.73 29.20 36.80
CA ASP E 112 4.95 29.69 36.16
C ASP E 112 5.31 28.83 34.95
N GLU E 113 5.06 27.53 35.09
CA GLU E 113 5.36 26.55 34.06
C GLU E 113 4.19 25.58 33.97
N PHE E 114 3.55 25.52 32.82
CA PHE E 114 2.43 24.61 32.65
C PHE E 114 2.88 23.22 32.24
N HIS E 115 2.37 22.20 32.93
CA HIS E 115 2.71 20.80 32.66
C HIS E 115 1.49 19.94 32.35
N THR E 116 1.42 19.34 31.16
CA THR E 116 0.30 18.49 30.82
C THR E 116 0.39 17.14 31.51
N MET E 117 -0.72 16.70 32.09
CA MET E 117 -0.81 15.44 32.81
C MET E 117 -1.66 14.42 32.08
N ARG E 118 -1.67 13.19 32.61
CA ARG E 118 -2.49 12.12 32.06
C ARG E 118 -3.44 11.63 33.13
N LYS E 119 -4.69 12.06 33.08
CA LYS E 119 -5.67 11.62 34.07
C LYS E 119 -6.18 10.25 33.67
N GLN E 120 -5.81 9.25 34.44
CA GLN E 120 -6.21 7.87 34.16
C GLN E 120 -7.72 7.81 33.93
N VAL E 121 -8.12 7.35 32.76
CA VAL E 121 -9.55 7.27 32.38
C VAL E 121 -9.86 6.06 31.49
N ILE E 122 -10.09 4.89 32.10
CA ILE E 122 -10.37 3.66 31.34
C ILE E 122 -11.84 3.54 30.93
N ASP E 123 -12.50 4.69 30.91
CA ASP E 123 -13.91 4.85 30.58
C ASP E 123 -14.27 4.58 29.10
N GLY E 124 -13.39 4.95 28.18
CA GLY E 124 -13.66 4.74 26.77
C GLY E 124 -13.83 6.06 26.06
N SER E 125 -14.13 7.09 26.85
CA SER E 125 -14.33 8.44 26.35
C SER E 125 -13.13 9.00 25.61
N ASN E 126 -11.96 8.43 25.84
CA ASN E 126 -10.78 8.89 25.14
C ASN E 126 -10.11 7.65 24.58
N THR E 127 -9.40 7.83 23.47
CA THR E 127 -8.75 6.72 22.80
C THR E 127 -7.43 6.26 23.38
N GLY E 128 -6.86 7.03 24.30
CA GLY E 128 -5.59 6.66 24.88
C GLY E 128 -5.63 5.85 26.18
N GLY E 129 -6.69 6.00 26.94
CA GLY E 129 -6.80 5.28 28.19
C GLY E 129 -6.56 6.28 29.31
N PHE E 130 -6.62 7.56 28.96
CA PHE E 130 -6.42 8.64 29.93
C PHE E 130 -6.75 9.99 29.30
N GLN E 131 -6.86 11.00 30.15
CA GLN E 131 -7.19 12.34 29.69
C GLN E 131 -6.04 13.28 29.94
N ARG E 132 -5.75 14.11 28.94
CA ARG E 132 -4.65 15.04 29.06
C ARG E 132 -5.11 16.32 29.76
N THR E 133 -4.65 16.52 30.99
CA THR E 133 -5.02 17.72 31.75
C THR E 133 -3.81 18.42 32.33
N GLY E 134 -3.94 19.73 32.52
CA GLY E 134 -2.86 20.50 33.10
C GLY E 134 -3.36 21.68 33.89
N LEU E 135 -2.80 21.90 35.06
CA LEU E 135 -3.21 22.99 35.92
C LEU E 135 -2.62 24.30 35.42
N VAL E 136 -3.44 25.35 35.30
CA VAL E 136 -2.94 26.63 34.83
C VAL E 136 -2.91 27.68 35.93
N ALA E 137 -3.86 27.60 36.86
CA ALA E 137 -3.90 28.57 37.95
C ALA E 137 -4.51 27.96 39.20
N THR E 138 -4.33 28.65 40.33
CA THR E 138 -4.84 28.18 41.61
C THR E 138 -5.14 29.36 42.52
N ASP E 139 -5.44 29.05 43.77
CA ASP E 139 -5.74 30.05 44.79
C ASP E 139 -6.40 31.31 44.22
N GLY E 140 -7.62 31.15 43.74
CA GLY E 140 -8.36 32.26 43.18
C GLY E 140 -9.47 32.61 44.14
N HIS E 141 -10.18 33.70 43.89
CA HIS E 141 -11.25 34.07 44.81
C HIS E 141 -12.32 34.94 44.17
N LEU E 142 -13.53 34.83 44.72
CA LEU E 142 -14.67 35.62 44.27
C LEU E 142 -15.38 36.18 45.49
N GLU E 143 -16.26 37.15 45.27
CA GLU E 143 -16.99 37.76 46.38
C GLU E 143 -18.51 37.68 46.22
N THR E 144 -19.16 37.17 47.25
CA THR E 144 -20.61 37.04 47.27
C THR E 144 -21.08 37.75 48.54
N PRO E 145 -22.32 38.26 48.54
CA PRO E 145 -22.81 38.94 49.73
C PRO E 145 -22.59 38.13 51.01
N GLN E 146 -22.63 36.80 50.88
CA GLN E 146 -22.43 35.94 52.03
C GLN E 146 -20.96 35.85 52.46
N GLY E 147 -20.07 36.48 51.71
CA GLY E 147 -18.65 36.45 52.04
C GLY E 147 -17.78 36.13 50.83
N THR E 148 -16.46 36.02 51.05
CA THR E 148 -15.51 35.72 49.98
C THR E 148 -15.31 34.22 49.79
N VAL E 149 -15.53 33.75 48.55
CA VAL E 149 -15.38 32.34 48.24
C VAL E 149 -14.14 32.07 47.38
N LYS E 150 -13.41 31.03 47.76
CA LYS E 150 -12.19 30.66 47.07
C LYS E 150 -12.36 29.69 45.91
N ILE E 151 -11.56 29.93 44.88
CA ILE E 151 -11.53 29.08 43.69
C ILE E 151 -10.17 28.38 43.73
N GLU E 152 -10.19 27.10 44.09
CA GLU E 152 -8.98 26.28 44.21
C GLU E 152 -8.10 26.13 42.98
N ASN E 153 -8.62 25.53 41.92
CA ASN E 153 -7.82 25.31 40.72
C ASN E 153 -8.54 25.52 39.38
N LEU E 154 -7.77 25.85 38.35
CA LEU E 154 -8.29 26.04 37.00
C LEU E 154 -7.44 25.17 36.05
N CYS E 155 -8.08 24.19 35.42
CA CYS E 155 -7.40 23.28 34.51
C CYS E 155 -7.83 23.44 33.04
N LEU E 156 -6.90 23.09 32.14
CA LEU E 156 -7.11 23.13 30.70
C LEU E 156 -6.89 21.67 30.28
N GLU E 157 -7.97 21.00 29.91
CA GLU E 157 -7.92 19.59 29.54
C GLU E 157 -8.67 19.35 28.24
N GLU E 158 -8.53 18.15 27.69
CA GLU E 158 -9.25 17.86 26.45
C GLU E 158 -10.56 17.19 26.76
N ASP E 159 -11.60 17.67 26.09
CA ASP E 159 -12.94 17.14 26.26
C ASP E 159 -12.84 15.68 25.83
N ALA E 160 -13.83 14.88 26.18
CA ALA E 160 -13.78 13.48 25.81
C ALA E 160 -14.58 13.22 24.55
N ALA E 161 -14.45 12.01 24.01
CA ALA E 161 -15.19 11.64 22.83
C ALA E 161 -16.64 11.40 23.30
N ARG E 162 -17.59 11.65 22.41
CA ARG E 162 -19.01 11.48 22.73
C ARG E 162 -19.52 10.12 22.28
N ARG E 163 -20.37 9.48 23.08
CA ARG E 163 -20.86 8.19 22.65
C ARG E 163 -21.92 8.33 21.58
N ILE E 164 -22.27 7.21 20.97
CA ILE E 164 -23.25 7.22 19.90
C ILE E 164 -24.12 5.97 19.88
N ARG E 165 -23.53 4.82 20.22
CA ARG E 165 -24.29 3.58 20.20
C ARG E 165 -23.72 2.56 21.18
N GLU E 166 -24.54 1.58 21.54
CA GLU E 166 -24.11 0.52 22.44
C GLU E 166 -24.64 -0.76 21.80
N THR E 167 -23.76 -1.69 21.49
CA THR E 167 -24.13 -2.93 20.83
C THR E 167 -23.60 -4.11 21.64
N GLY E 168 -23.80 -5.32 21.13
CA GLY E 168 -23.29 -6.48 21.83
C GLY E 168 -21.78 -6.47 21.86
N ASP E 169 -21.16 -5.71 20.93
CA ASP E 169 -19.70 -5.58 20.83
C ASP E 169 -19.25 -4.29 21.52
N GLY E 170 -19.94 -3.88 22.59
CA GLY E 170 -19.56 -2.68 23.33
C GLY E 170 -20.06 -1.33 22.85
N VAL E 171 -19.70 -0.29 23.59
CA VAL E 171 -20.10 1.08 23.23
C VAL E 171 -19.31 1.65 22.05
N VAL E 172 -19.85 2.71 21.43
CA VAL E 172 -19.24 3.35 20.27
C VAL E 172 -19.09 4.85 20.41
N PHE E 173 -17.85 5.33 20.33
CA PHE E 173 -17.55 6.75 20.47
C PHE E 173 -17.17 7.45 19.19
N ARG E 174 -17.46 8.74 19.10
CA ARG E 174 -17.09 9.51 17.92
C ARG E 174 -15.98 10.43 18.39
N LEU E 175 -14.90 10.52 17.61
CA LEU E 175 -13.78 11.32 18.01
C LEU E 175 -13.82 12.82 17.72
N ASP E 176 -14.96 13.33 17.29
CA ASP E 176 -15.04 14.75 16.99
C ASP E 176 -15.01 15.63 18.22
N ARG E 177 -15.66 15.24 19.30
CA ARG E 177 -15.64 16.07 20.50
C ARG E 177 -14.32 15.89 21.26
N LEU E 178 -13.70 14.71 21.13
CA LEU E 178 -12.44 14.41 21.82
C LEU E 178 -11.41 15.45 21.47
N GLY E 179 -10.82 16.06 22.50
CA GLY E 179 -9.79 17.05 22.27
C GLY E 179 -10.23 18.49 22.32
N ILE E 180 -11.52 18.73 22.34
CA ILE E 180 -12.00 20.10 22.41
C ILE E 180 -11.53 20.64 23.76
N PRO E 181 -10.84 21.79 23.76
CA PRO E 181 -10.31 22.45 24.95
C PRO E 181 -11.35 22.66 26.03
N LEU E 182 -10.97 22.31 27.26
CA LEU E 182 -11.86 22.43 28.41
C LEU E 182 -11.18 23.12 29.57
N VAL E 183 -11.95 23.79 30.41
CA VAL E 183 -11.39 24.45 31.56
C VAL E 183 -12.16 23.96 32.76
N GLU E 184 -11.51 23.20 33.64
CA GLU E 184 -12.20 22.72 34.82
C GLU E 184 -11.88 23.70 35.92
N ILE E 185 -12.92 24.36 36.40
CA ILE E 185 -12.80 25.33 37.50
C ILE E 185 -13.39 24.69 38.75
N THR E 186 -12.58 24.62 39.82
CA THR E 186 -13.00 24.04 41.09
C THR E 186 -13.07 25.13 42.15
N THR E 187 -13.86 24.92 43.19
CA THR E 187 -13.98 25.90 44.27
C THR E 187 -13.90 25.18 45.59
N ASP E 188 -13.71 25.93 46.68
CA ASP E 188 -13.62 25.31 47.99
C ASP E 188 -14.71 24.25 48.06
N PRO E 189 -14.38 23.04 48.55
CA PRO E 189 -15.39 21.98 48.64
C PRO E 189 -16.15 22.04 49.98
N SER E 190 -16.05 23.17 50.65
CA SER E 190 -16.71 23.38 51.93
C SER E 190 -17.38 24.76 51.88
N MET E 191 -18.56 24.85 51.27
CA MET E 191 -19.23 26.14 51.16
C MET E 191 -20.11 26.48 52.37
N SER E 192 -21.09 25.62 52.63
CA SER E 192 -22.00 25.79 53.75
C SER E 192 -23.21 26.69 53.46
N ASP E 193 -23.13 27.54 52.43
CA ASP E 193 -24.25 28.44 52.11
C ASP E 193 -24.81 28.23 50.70
N PRO E 194 -25.83 27.37 50.57
CA PRO E 194 -26.41 27.14 49.25
C PRO E 194 -26.65 28.42 48.47
N GLN E 195 -27.16 29.45 49.14
CA GLN E 195 -27.43 30.73 48.48
C GLN E 195 -26.13 31.28 47.88
N GLN E 196 -25.04 31.04 48.58
CA GLN E 196 -23.72 31.51 48.18
C GLN E 196 -23.14 30.73 47.00
N LEU E 197 -23.45 29.45 46.92
CA LEU E 197 -22.95 28.64 45.83
C LEU E 197 -23.56 29.15 44.54
N ARG E 198 -24.88 29.39 44.55
CA ARG E 198 -25.54 29.89 43.35
C ARG E 198 -24.88 31.19 42.91
N GLU E 199 -24.47 32.00 43.89
CA GLU E 199 -23.85 33.29 43.60
C GLU E 199 -22.51 33.13 42.88
N VAL E 200 -21.72 32.14 43.29
CA VAL E 200 -20.44 31.92 42.64
C VAL E 200 -20.69 31.24 41.29
N ALA E 201 -21.63 30.30 41.24
CA ALA E 201 -21.93 29.62 39.99
C ALA E 201 -22.29 30.67 38.94
N TYR E 202 -23.12 31.63 39.33
CA TYR E 202 -23.54 32.70 38.44
C TYR E 202 -22.34 33.52 37.99
N GLN E 203 -21.63 34.07 38.97
CA GLN E 203 -20.45 34.89 38.73
C GLN E 203 -19.53 34.24 37.72
N ILE E 204 -19.14 33.01 38.02
CA ILE E 204 -18.27 32.21 37.15
C ILE E 204 -18.87 32.23 35.75
N GLY E 205 -20.17 31.94 35.67
CA GLY E 205 -20.84 31.94 34.40
C GLY E 205 -20.65 33.22 33.62
N GLN E 206 -20.84 34.36 34.25
CA GLN E 206 -20.69 35.63 33.57
C GLN E 206 -19.26 35.89 33.12
N ILE E 207 -18.28 35.40 33.87
CA ILE E 207 -16.89 35.60 33.47
C ILE E 207 -16.57 34.70 32.29
N LEU E 208 -16.95 33.42 32.38
CA LEU E 208 -16.72 32.48 31.29
C LEU E 208 -17.33 33.06 30.03
N ARG E 209 -18.50 33.69 30.18
CA ARG E 209 -19.20 34.30 29.07
C ARG E 209 -18.58 35.63 28.67
N SER E 210 -17.47 35.97 29.31
CA SER E 210 -16.80 37.22 28.98
C SER E 210 -15.52 36.97 28.15
N THR E 211 -15.22 35.70 27.87
CA THR E 211 -14.04 35.32 27.08
C THR E 211 -14.45 34.48 25.87
N ARG E 212 -13.52 34.25 24.94
CA ARG E 212 -13.79 33.45 23.75
C ARG E 212 -14.16 32.05 24.22
N VAL E 213 -15.45 31.81 24.41
CA VAL E 213 -15.91 30.53 24.91
C VAL E 213 -17.05 29.96 24.07
N LYS E 214 -17.19 28.64 24.08
CA LYS E 214 -18.25 27.98 23.34
C LYS E 214 -19.59 28.32 23.97
N ARG E 215 -20.60 28.63 23.14
CA ARG E 215 -21.95 28.95 23.61
C ARG E 215 -22.94 27.97 22.96
N GLY E 216 -23.71 27.25 23.78
CA GLY E 216 -24.66 26.30 23.23
C GLY E 216 -25.03 25.14 24.15
N LEU E 217 -25.40 24.00 23.56
CA LEU E 217 -25.79 22.83 24.33
C LEU E 217 -24.69 22.23 25.24
N GLY E 218 -24.02 21.19 24.73
CA GLY E 218 -22.97 20.53 25.48
C GLY E 218 -21.90 21.40 26.09
N THR E 219 -21.88 22.67 25.69
CA THR E 219 -20.92 23.68 26.14
C THR E 219 -20.54 23.64 27.64
N ILE E 220 -21.44 24.11 28.49
CA ILE E 220 -21.16 24.15 29.92
C ILE E 220 -21.60 22.86 30.60
N ARG E 221 -21.06 22.61 31.79
CA ARG E 221 -21.39 21.43 32.58
C ARG E 221 -21.07 21.72 34.03
N GLN E 222 -22.11 21.88 34.85
CA GLN E 222 -21.90 22.16 36.26
C GLN E 222 -22.26 20.96 37.11
N ASP E 223 -21.39 20.63 38.04
CA ASP E 223 -21.61 19.51 38.94
C ASP E 223 -21.26 19.97 40.35
N LEU E 224 -22.22 19.96 41.26
CA LEU E 224 -21.90 20.37 42.61
C LEU E 224 -21.95 19.15 43.52
N ASN E 225 -21.20 19.18 44.61
CA ASN E 225 -21.17 18.07 45.54
C ASN E 225 -21.69 18.47 46.92
N ILE E 226 -22.78 17.83 47.31
CA ILE E 226 -23.41 18.11 48.59
C ILE E 226 -22.83 17.21 49.69
N SER E 227 -22.56 17.80 50.84
CA SER E 227 -22.01 17.07 51.99
C SER E 227 -22.85 17.32 53.23
N ILE E 228 -22.90 16.30 54.10
CA ILE E 228 -23.69 16.37 55.31
C ILE E 228 -22.89 15.81 56.47
N ARG E 229 -22.82 16.54 57.57
CA ARG E 229 -22.09 16.03 58.72
C ARG E 229 -22.81 14.73 59.06
N ASP E 230 -22.04 13.66 59.29
CA ASP E 230 -22.62 12.37 59.63
C ASP E 230 -23.49 11.88 58.47
N GLY E 231 -23.27 12.48 57.30
CA GLY E 231 -24.02 12.09 56.12
C GLY E 231 -23.10 11.40 55.13
N ALA E 232 -23.00 11.94 53.92
CA ALA E 232 -22.16 11.35 52.90
C ALA E 232 -21.88 12.29 51.73
N ARG E 233 -20.83 11.95 50.99
CA ARG E 233 -20.40 12.70 49.82
C ARG E 233 -21.19 12.24 48.61
N VAL E 234 -21.84 13.16 47.94
CA VAL E 234 -22.63 12.82 46.76
C VAL E 234 -22.51 13.94 45.75
N GLU E 235 -22.22 13.57 44.51
CA GLU E 235 -22.10 14.57 43.47
C GLU E 235 -23.32 14.61 42.57
N VAL E 236 -23.81 15.83 42.36
CA VAL E 236 -24.97 16.08 41.50
C VAL E 236 -24.44 16.39 40.11
N LYS E 237 -24.82 15.56 39.14
CA LYS E 237 -24.38 15.73 37.75
C LYS E 237 -25.30 16.52 36.84
N GLY E 238 -24.72 17.48 36.11
CA GLY E 238 -25.46 18.29 35.16
C GLY E 238 -26.62 19.06 35.73
N VAL E 239 -26.32 20.14 36.45
CA VAL E 239 -27.36 20.98 37.04
C VAL E 239 -27.61 22.19 36.15
N GLN E 240 -28.20 21.92 35.00
CA GLN E 240 -28.54 22.91 33.99
C GLN E 240 -28.86 24.30 34.53
N ASP E 241 -29.99 24.39 35.24
CA ASP E 241 -30.45 25.65 35.80
C ASP E 241 -29.83 25.98 37.14
N LEU E 242 -29.13 27.11 37.16
CA LEU E 242 -28.44 27.61 38.32
C LEU E 242 -29.40 28.15 39.39
N ASP E 243 -30.44 28.85 38.98
CA ASP E 243 -31.40 29.41 39.92
C ASP E 243 -32.06 28.33 40.76
N LEU E 244 -31.91 27.08 40.33
CA LEU E 244 -32.51 25.94 41.01
C LEU E 244 -31.54 25.24 41.98
N ILE E 245 -30.32 25.75 42.09
CA ILE E 245 -29.31 25.17 42.98
C ILE E 245 -29.78 25.06 44.45
N PRO E 246 -30.06 26.20 45.10
CA PRO E 246 -30.49 26.15 46.49
C PRO E 246 -31.55 25.09 46.80
N GLU E 247 -32.50 24.90 45.88
CA GLU E 247 -33.54 23.91 46.11
C GLU E 247 -33.01 22.48 46.10
N ILE E 248 -32.33 22.07 45.04
CA ILE E 248 -31.81 20.71 44.97
C ILE E 248 -30.91 20.40 46.16
N VAL E 249 -30.22 21.42 46.67
CA VAL E 249 -29.34 21.25 47.82
C VAL E 249 -30.22 20.90 49.01
N GLU E 250 -31.16 21.80 49.30
CA GLU E 250 -32.10 21.64 50.39
C GLU E 250 -32.74 20.28 50.30
N ARG E 251 -33.24 19.94 49.12
CA ARG E 251 -33.89 18.66 48.94
C ARG E 251 -32.90 17.51 49.15
N GLU E 252 -31.62 17.75 48.89
CA GLU E 252 -30.63 16.70 49.10
C GLU E 252 -30.43 16.50 50.59
N VAL E 253 -30.13 17.58 51.29
CA VAL E 253 -29.92 17.50 52.73
C VAL E 253 -31.09 16.75 53.37
N LYS E 254 -32.30 16.97 52.84
CA LYS E 254 -33.48 16.28 53.37
C LYS E 254 -33.30 14.78 53.18
N ARG E 255 -32.89 14.39 51.97
CA ARG E 255 -32.72 12.98 51.65
C ARG E 255 -31.62 12.32 52.48
N GLN E 256 -30.62 13.10 52.89
CA GLN E 256 -29.54 12.54 53.69
C GLN E 256 -30.09 12.25 55.07
N LEU E 257 -30.67 13.28 55.69
CA LEU E 257 -31.23 13.15 57.02
C LEU E 257 -32.28 12.05 57.07
N SER E 258 -33.12 11.99 56.06
CA SER E 258 -34.17 10.97 56.00
C SER E 258 -33.57 9.57 56.03
N LEU E 259 -32.49 9.37 55.29
CA LEU E 259 -31.83 8.06 55.24
C LEU E 259 -30.98 7.76 56.47
N VAL E 260 -30.65 8.78 57.25
CA VAL E 260 -29.86 8.54 58.46
C VAL E 260 -30.79 7.92 59.49
N GLU E 261 -32.07 7.81 59.16
CA GLU E 261 -33.06 7.25 60.07
C GLU E 261 -33.54 5.88 59.64
N ILE E 262 -33.64 5.67 58.33
CA ILE E 262 -34.09 4.40 57.80
C ILE E 262 -33.06 3.32 58.11
N ARG E 263 -31.82 3.73 58.31
CA ARG E 263 -30.75 2.79 58.64
C ARG E 263 -30.91 2.30 60.07
N ASP E 264 -31.08 3.25 60.99
CA ASP E 264 -31.22 2.94 62.41
C ASP E 264 -32.45 2.12 62.73
N THR E 265 -33.49 2.25 61.92
CA THR E 265 -34.72 1.50 62.14
C THR E 265 -34.49 0.05 61.71
N LEU E 266 -33.80 -0.09 60.58
CA LEU E 266 -33.48 -1.42 60.04
C LEU E 266 -32.63 -2.20 61.02
N GLN E 267 -31.79 -1.49 61.78
CA GLN E 267 -30.95 -2.15 62.77
C GLN E 267 -31.77 -2.35 64.05
N GLU E 268 -32.60 -1.37 64.37
CA GLU E 268 -33.44 -1.44 65.56
C GLU E 268 -34.18 -2.78 65.53
N ARG E 269 -34.56 -3.19 64.33
CA ARG E 269 -35.28 -4.45 64.14
C ARG E 269 -34.41 -5.49 63.44
N GLY E 270 -33.09 -5.31 63.52
CA GLY E 270 -32.16 -6.24 62.91
C GLY E 270 -32.64 -6.88 61.61
N ALA E 271 -33.01 -6.04 60.65
CA ALA E 271 -33.51 -6.51 59.36
C ALA E 271 -32.45 -7.29 58.60
N VAL E 272 -32.90 -8.22 57.76
CA VAL E 272 -31.99 -9.02 56.96
C VAL E 272 -32.51 -9.11 55.54
N VAL E 273 -31.59 -9.09 54.58
CA VAL E 273 -31.93 -9.13 53.16
C VAL E 273 -31.61 -10.50 52.57
N GLU E 274 -32.65 -11.26 52.22
CA GLU E 274 -32.44 -12.59 51.66
C GLU E 274 -32.54 -12.55 50.14
N ASP E 275 -31.46 -12.93 49.47
CA ASP E 275 -31.42 -12.94 48.00
C ASP E 275 -32.25 -14.06 47.38
N LYS E 276 -33.25 -14.53 48.13
CA LYS E 276 -34.12 -15.61 47.68
C LYS E 276 -35.26 -15.03 46.83
N ILE E 277 -35.27 -15.36 45.54
CA ILE E 277 -36.30 -14.88 44.64
C ILE E 277 -37.40 -15.94 44.48
N PHE E 278 -38.65 -15.54 44.66
CA PHE E 278 -39.76 -16.48 44.54
C PHE E 278 -40.56 -16.24 43.27
N ASP E 279 -41.03 -17.30 42.64
CA ASP E 279 -41.82 -17.16 41.42
C ASP E 279 -43.29 -17.07 41.77
N VAL E 280 -43.65 -15.99 42.46
CA VAL E 280 -45.03 -15.77 42.88
C VAL E 280 -45.93 -15.47 41.67
N SER E 281 -46.07 -16.45 40.77
CA SER E 281 -46.89 -16.27 39.58
C SER E 281 -48.28 -16.87 39.73
N GLU E 282 -48.36 -18.07 40.30
CA GLU E 282 -49.64 -18.73 40.46
C GLU E 282 -50.57 -17.94 41.39
N VAL E 283 -49.98 -17.07 42.20
CA VAL E 283 -50.75 -16.25 43.14
C VAL E 283 -51.60 -15.23 42.38
N PHE E 284 -51.31 -15.05 41.10
CA PHE E 284 -52.05 -14.10 40.29
C PHE E 284 -52.68 -14.74 39.06
N ALA E 285 -52.96 -16.05 39.15
CA ALA E 285 -53.59 -16.77 38.06
C ALA E 285 -54.69 -15.88 37.49
N ASP E 286 -55.61 -15.47 38.36
CA ASP E 286 -56.67 -14.57 37.93
C ASP E 286 -56.62 -13.31 38.76
N THR E 287 -55.89 -12.33 38.26
CA THR E 287 -55.74 -11.05 38.93
C THR E 287 -56.57 -9.96 38.28
N GLU E 288 -56.62 -8.81 38.93
CA GLU E 288 -57.40 -7.68 38.41
C GLU E 288 -56.50 -6.54 37.93
N SER E 289 -55.26 -6.87 37.57
CA SER E 289 -54.31 -5.86 37.09
C SER E 289 -53.68 -6.23 35.76
N ARG E 290 -54.05 -5.51 34.71
CA ARG E 290 -53.54 -5.74 33.36
C ARG E 290 -52.03 -5.93 33.39
N ILE E 291 -51.35 -4.94 33.98
CA ILE E 291 -49.91 -4.92 34.12
C ILE E 291 -49.27 -6.30 34.35
N ILE E 292 -49.77 -7.02 35.35
CA ILE E 292 -49.21 -8.34 35.65
C ILE E 292 -49.82 -9.47 34.83
N SER E 293 -51.15 -9.51 34.73
CA SER E 293 -51.81 -10.56 33.98
C SER E 293 -51.23 -10.69 32.57
N SER E 294 -50.75 -9.56 32.04
CA SER E 294 -50.16 -9.53 30.71
C SER E 294 -48.65 -9.70 30.80
N ALA E 295 -48.14 -9.77 32.01
CA ALA E 295 -46.71 -9.95 32.24
C ALA E 295 -46.34 -11.40 32.00
N GLU E 296 -45.21 -11.64 31.33
CA GLU E 296 -44.77 -13.01 31.06
C GLU E 296 -44.80 -13.80 32.36
N SER E 297 -43.77 -13.64 33.19
CA SER E 297 -43.71 -14.34 34.47
C SER E 297 -43.76 -13.27 35.56
N VAL E 298 -43.52 -13.67 36.81
CA VAL E 298 -43.52 -12.70 37.90
C VAL E 298 -42.85 -13.25 39.16
N LEU E 299 -41.84 -12.53 39.63
CA LEU E 299 -41.07 -12.93 40.80
C LEU E 299 -41.20 -11.89 41.91
N ALA E 300 -40.78 -12.26 43.12
CA ALA E 300 -40.84 -11.37 44.26
C ALA E 300 -39.78 -11.73 45.28
N VAL E 301 -39.42 -10.79 46.14
CA VAL E 301 -38.39 -11.02 47.15
C VAL E 301 -38.82 -10.44 48.50
N LYS E 302 -38.36 -11.06 49.59
CA LYS E 302 -38.71 -10.60 50.93
C LYS E 302 -37.56 -9.85 51.61
N LEU E 303 -37.92 -8.80 52.32
CA LEU E 303 -36.95 -7.98 53.04
C LEU E 303 -37.41 -7.94 54.49
N ARG E 304 -36.76 -8.74 55.33
CA ARG E 304 -37.09 -8.83 56.75
C ARG E 304 -37.09 -7.50 57.52
N GLY E 305 -38.23 -7.20 58.15
CA GLY E 305 -38.35 -5.97 58.93
C GLY E 305 -38.43 -4.68 58.12
N PHE E 306 -38.26 -4.79 56.81
CA PHE E 306 -38.30 -3.63 55.94
C PHE E 306 -39.68 -2.98 55.86
N ASP E 307 -40.69 -3.61 56.46
CA ASP E 307 -42.04 -3.07 56.39
C ASP E 307 -42.11 -1.63 56.87
N GLY E 308 -42.98 -0.87 56.22
CA GLY E 308 -43.19 0.52 56.57
C GLY E 308 -42.11 1.51 56.18
N LEU E 309 -40.97 1.03 55.68
CA LEU E 309 -39.92 1.97 55.30
C LEU E 309 -39.62 2.08 53.82
N ILE E 310 -40.18 1.17 53.02
CA ILE E 310 -39.96 1.23 51.57
C ILE E 310 -40.81 2.36 51.01
N GLY E 311 -41.88 2.71 51.72
CA GLY E 311 -42.77 3.76 51.26
C GLY E 311 -42.56 5.10 51.96
N VAL E 312 -41.63 5.16 52.90
CA VAL E 312 -41.34 6.38 53.63
C VAL E 312 -40.79 7.44 52.69
N GLU E 313 -41.41 8.62 52.69
CA GLU E 313 -40.96 9.69 51.83
C GLU E 313 -39.62 10.21 52.37
N ILE E 314 -38.53 9.82 51.72
CA ILE E 314 -37.18 10.22 52.12
C ILE E 314 -36.88 11.64 51.61
N GLN E 315 -37.53 11.98 50.50
CA GLN E 315 -37.33 13.26 49.85
C GLN E 315 -38.69 13.72 49.32
N PRO E 316 -38.96 15.04 49.40
CA PRO E 316 -40.22 15.63 48.92
C PRO E 316 -40.76 15.03 47.63
N GLY E 317 -41.54 13.96 47.74
CA GLY E 317 -42.11 13.36 46.55
C GLY E 317 -41.65 11.96 46.22
N ARG E 318 -40.42 11.64 46.57
CA ARG E 318 -39.86 10.30 46.29
C ARG E 318 -39.57 9.54 47.59
N ARG E 319 -39.64 8.22 47.51
CA ARG E 319 -39.41 7.38 48.68
C ARG E 319 -38.22 6.45 48.43
N LEU E 320 -37.85 5.69 49.45
CA LEU E 320 -36.75 4.73 49.33
C LEU E 320 -37.10 3.78 48.18
N GLY E 321 -38.33 3.29 48.19
CA GLY E 321 -38.78 2.39 47.15
C GLY E 321 -38.49 2.97 45.79
N THR E 322 -38.56 4.29 45.68
CA THR E 322 -38.30 4.96 44.42
C THR E 322 -36.83 4.70 44.09
N GLU E 323 -35.95 4.86 45.08
CA GLU E 323 -34.54 4.59 44.87
C GLU E 323 -34.42 3.17 44.38
N MET E 324 -35.04 2.25 45.10
CA MET E 324 -35.03 0.85 44.74
C MET E 324 -35.56 0.67 43.32
N ALA E 325 -36.66 1.36 43.02
CA ALA E 325 -37.26 1.30 41.70
C ALA E 325 -36.21 1.76 40.69
N ASP E 326 -35.43 2.75 41.10
CA ASP E 326 -34.37 3.31 40.28
C ASP E 326 -33.26 2.27 40.00
N TYR E 327 -32.71 1.68 41.06
CA TYR E 327 -31.67 0.67 40.89
C TYR E 327 -32.19 -0.51 40.09
N ALA E 328 -33.47 -0.83 40.29
CA ALA E 328 -34.12 -1.95 39.60
C ALA E 328 -34.43 -1.61 38.14
N LYS E 329 -34.77 -0.35 37.88
CA LYS E 329 -35.09 0.11 36.53
C LYS E 329 -34.07 -0.36 35.51
N LYS E 330 -32.80 -0.19 35.84
CA LYS E 330 -31.73 -0.62 34.95
C LYS E 330 -32.01 -2.11 34.74
N ARG E 331 -31.42 -2.71 33.71
CA ARG E 331 -31.69 -4.12 33.44
C ARG E 331 -33.12 -4.27 32.91
N GLY E 332 -33.79 -3.14 32.69
CA GLY E 332 -35.14 -3.16 32.16
C GLY E 332 -36.24 -3.49 33.15
N VAL E 333 -37.34 -2.75 33.07
CA VAL E 333 -38.51 -2.92 33.95
C VAL E 333 -39.22 -1.59 34.12
N SER E 334 -40.55 -1.60 34.14
CA SER E 334 -41.31 -0.37 34.31
C SER E 334 -41.06 0.18 35.71
N GLY E 335 -41.76 -0.39 36.69
CA GLY E 335 -41.59 0.06 38.06
C GLY E 335 -42.02 -1.00 39.06
N ILE E 336 -41.15 -1.27 40.02
CA ILE E 336 -41.39 -2.28 41.06
C ILE E 336 -42.64 -2.00 41.90
N PHE E 337 -43.29 -3.08 42.35
CA PHE E 337 -44.48 -2.98 43.19
C PHE E 337 -44.03 -3.42 44.58
N HIS E 338 -44.52 -2.76 45.63
CA HIS E 338 -44.07 -3.10 46.97
C HIS E 338 -45.06 -2.90 48.13
N THR E 339 -44.97 -3.81 49.09
CA THR E 339 -45.77 -3.83 50.31
C THR E 339 -46.38 -2.51 50.77
N ASP E 340 -45.52 -1.51 50.99
CA ASP E 340 -45.95 -0.21 51.49
C ASP E 340 -46.72 0.67 50.52
N GLU E 341 -46.92 0.20 49.28
CA GLU E 341 -47.66 0.95 48.27
C GLU E 341 -48.52 0.01 47.45
N LEU E 342 -48.44 -1.28 47.76
CA LEU E 342 -49.17 -2.33 47.06
C LEU E 342 -50.61 -2.60 47.52
N PRO E 343 -51.03 -2.08 48.68
CA PRO E 343 -52.41 -2.38 49.02
C PRO E 343 -53.37 -1.93 47.92
N ALA E 344 -52.91 -0.97 47.11
CA ALA E 344 -53.70 -0.43 46.02
C ALA E 344 -53.12 -0.90 44.68
N TYR E 345 -53.00 0.02 43.71
CA TYR E 345 -52.47 -0.30 42.39
C TYR E 345 -53.35 -1.26 41.60
N GLY E 346 -54.63 -1.33 41.95
CA GLY E 346 -55.53 -2.22 41.26
C GLY E 346 -55.40 -3.66 41.71
N ILE E 347 -55.12 -3.84 43.00
CA ILE E 347 -54.97 -5.16 43.58
C ILE E 347 -55.59 -5.20 44.98
N THR E 348 -56.47 -6.17 45.20
CA THR E 348 -57.18 -6.33 46.47
C THR E 348 -56.30 -6.93 47.57
N GLU E 349 -56.67 -6.67 48.82
CA GLU E 349 -55.91 -7.20 49.93
C GLU E 349 -55.96 -8.72 49.96
N GLU E 350 -57.03 -9.32 49.45
CA GLU E 350 -57.14 -10.77 49.39
C GLU E 350 -55.93 -11.25 48.60
N GLU E 351 -55.46 -10.39 47.70
CA GLU E 351 -54.29 -10.68 46.87
C GLU E 351 -53.04 -10.27 47.63
N VAL E 352 -53.09 -9.10 48.26
CA VAL E 352 -51.98 -8.57 49.04
C VAL E 352 -51.58 -9.60 50.10
N ARG E 353 -52.58 -10.27 50.68
CA ARG E 353 -52.35 -11.28 51.69
C ARG E 353 -51.83 -12.55 51.02
N GLY E 354 -52.17 -12.71 49.75
CA GLY E 354 -51.74 -13.88 49.01
C GLY E 354 -50.24 -13.88 48.71
N LEU E 355 -49.68 -12.70 48.47
CA LEU E 355 -48.26 -12.61 48.19
C LEU E 355 -47.45 -12.76 49.48
N ARG E 356 -47.86 -12.05 50.53
CA ARG E 356 -47.17 -12.12 51.82
C ARG E 356 -47.05 -13.58 52.26
N ASP E 357 -48.12 -14.34 52.01
CA ASP E 357 -48.17 -15.75 52.39
C ASP E 357 -47.25 -16.62 51.53
N ALA E 358 -47.43 -16.56 50.21
CA ALA E 358 -46.62 -17.34 49.27
C ALA E 358 -45.12 -17.11 49.41
N VAL E 359 -44.72 -15.89 49.78
CA VAL E 359 -43.32 -15.54 49.95
C VAL E 359 -42.85 -15.79 51.38
N GLY E 360 -43.79 -16.19 52.24
CA GLY E 360 -43.44 -16.44 53.63
C GLY E 360 -42.86 -15.19 54.25
N ALA E 361 -43.72 -14.21 54.48
CA ALA E 361 -43.28 -12.95 55.06
C ALA E 361 -44.06 -12.61 56.31
N SER E 362 -43.34 -12.25 57.37
CA SER E 362 -43.97 -11.88 58.63
C SER E 362 -44.71 -10.56 58.39
N GLN E 363 -45.48 -10.12 59.38
CA GLN E 363 -46.20 -8.86 59.21
C GLN E 363 -45.33 -7.68 59.60
N GLY E 364 -44.06 -7.97 59.88
CA GLY E 364 -43.14 -6.91 60.25
C GLY E 364 -42.22 -6.53 59.10
N ASP E 365 -42.12 -7.43 58.12
CA ASP E 365 -41.28 -7.22 56.95
C ASP E 365 -42.13 -6.87 55.72
N ALA E 366 -41.50 -6.61 54.59
CA ALA E 366 -42.21 -6.25 53.36
C ALA E 366 -41.74 -7.01 52.14
N VAL E 367 -42.55 -6.96 51.08
CA VAL E 367 -42.23 -7.65 49.84
C VAL E 367 -42.14 -6.69 48.65
N VAL E 368 -41.24 -6.99 47.73
CA VAL E 368 -41.03 -6.19 46.54
C VAL E 368 -41.14 -7.12 45.33
N MET E 369 -42.19 -6.94 44.54
CA MET E 369 -42.44 -7.79 43.38
C MET E 369 -42.14 -7.14 42.02
N VAL E 370 -41.89 -7.98 41.03
CA VAL E 370 -41.59 -7.51 39.68
C VAL E 370 -42.33 -8.35 38.61
N ALA E 371 -43.29 -7.72 37.93
CA ALA E 371 -44.06 -8.37 36.90
C ALA E 371 -43.45 -8.08 35.53
N HIS E 372 -42.71 -9.06 35.00
CA HIS E 372 -42.05 -8.91 33.71
C HIS E 372 -41.64 -10.30 33.21
N GLU E 373 -40.74 -10.36 32.24
CA GLU E 373 -40.30 -11.66 31.74
C GLU E 373 -39.24 -12.24 32.69
N ARG E 374 -39.47 -13.47 33.13
CA ARG E 374 -38.58 -14.17 34.07
C ARG E 374 -37.09 -13.86 33.98
N VAL E 375 -36.52 -13.96 32.78
CA VAL E 375 -35.09 -13.72 32.58
C VAL E 375 -34.57 -12.40 33.17
N THR E 376 -35.32 -11.32 32.99
CA THR E 376 -34.91 -10.00 33.50
C THR E 376 -35.42 -9.72 34.90
N ALA E 377 -36.69 -10.03 35.16
CA ALA E 377 -37.28 -9.82 36.47
C ALA E 377 -36.34 -10.37 37.53
N GLU E 378 -35.62 -11.44 37.18
CA GLU E 378 -34.69 -12.06 38.11
C GLU E 378 -33.49 -11.16 38.32
N ASN E 379 -32.99 -10.58 37.23
CA ASN E 379 -31.84 -9.70 37.31
C ASN E 379 -32.24 -8.34 37.88
N ALA E 380 -33.53 -8.02 37.79
CA ALA E 380 -34.07 -6.78 38.31
C ALA E 380 -34.19 -6.90 39.83
N LEU E 381 -34.78 -8.00 40.28
CA LEU E 381 -34.96 -8.24 41.71
C LEU E 381 -33.63 -8.39 42.43
N ARG E 382 -32.61 -8.88 41.74
CA ARG E 382 -31.32 -9.03 42.38
C ARG E 382 -30.75 -7.66 42.71
N GLU E 383 -31.22 -6.65 41.99
CA GLU E 383 -30.77 -5.29 42.22
C GLU E 383 -31.51 -4.66 43.39
N VAL E 384 -32.83 -4.83 43.40
CA VAL E 384 -33.65 -4.29 44.48
C VAL E 384 -33.09 -4.85 45.79
N ILE E 385 -32.47 -6.02 45.70
CA ILE E 385 -31.86 -6.68 46.86
C ILE E 385 -30.56 -5.95 47.20
N ARG E 386 -29.79 -5.64 46.16
CA ARG E 386 -28.53 -4.95 46.31
C ARG E 386 -28.75 -3.64 47.07
N ARG E 387 -29.75 -2.88 46.63
CA ARG E 387 -30.08 -1.61 47.25
C ARG E 387 -30.65 -1.83 48.64
N ALA E 388 -31.44 -2.89 48.77
CA ALA E 388 -32.04 -3.22 50.05
C ALA E 388 -30.93 -3.40 51.09
N GLU E 389 -29.91 -4.15 50.72
CA GLU E 389 -28.79 -4.41 51.61
C GLU E 389 -28.07 -3.10 51.95
N MET E 390 -28.02 -2.17 51.00
CA MET E 390 -27.37 -0.88 51.21
C MET E 390 -28.14 -0.04 52.21
N ALA E 391 -29.45 -0.27 52.25
CA ALA E 391 -30.34 0.44 53.16
C ALA E 391 -29.94 0.15 54.59
N ILE E 392 -29.51 -1.09 54.83
CA ILE E 392 -29.09 -1.52 56.15
C ILE E 392 -27.86 -0.72 56.56
N GLN E 393 -26.96 -0.49 55.60
CA GLN E 393 -25.73 0.26 55.84
C GLN E 393 -26.00 1.76 55.92
N GLY E 394 -26.90 2.23 55.06
CA GLY E 394 -27.23 3.65 55.06
C GLY E 394 -27.11 4.33 53.71
N VAL E 395 -26.59 5.55 53.73
CA VAL E 395 -26.39 6.37 52.54
C VAL E 395 -25.02 6.12 51.96
N PRO E 396 -24.93 5.98 50.65
CA PRO E 396 -23.55 5.76 50.20
C PRO E 396 -23.10 6.97 49.41
N GLU E 397 -21.79 7.21 49.38
CA GLU E 397 -21.33 8.32 48.56
C GLU E 397 -21.66 7.83 47.15
N GLU E 398 -22.40 8.62 46.39
CA GLU E 398 -22.77 8.19 45.05
C GLU E 398 -22.89 9.35 44.07
N THR E 399 -22.96 9.01 42.79
CA THR E 399 -23.09 9.99 41.71
C THR E 399 -24.54 9.99 41.24
N ARG E 400 -25.24 11.10 41.47
CA ARG E 400 -26.63 11.21 41.08
C ARG E 400 -26.88 12.41 40.18
N LYS E 401 -28.04 12.42 39.51
CA LYS E 401 -28.40 13.51 38.62
C LYS E 401 -29.60 14.29 39.16
N ALA E 402 -29.79 15.51 38.68
CA ALA E 402 -30.90 16.33 39.12
C ALA E 402 -32.14 16.08 38.27
N LEU E 403 -33.29 15.99 38.93
CA LEU E 403 -34.58 15.76 38.27
C LEU E 403 -35.23 17.08 37.85
N PRO E 404 -36.41 17.02 37.18
CA PRO E 404 -37.08 18.25 36.76
C PRO E 404 -37.19 19.20 37.93
N ASP E 405 -37.72 18.72 39.05
CA ASP E 405 -37.81 19.57 40.24
C ASP E 405 -36.45 19.56 40.94
N GLY E 406 -36.44 19.65 42.27
CA GLY E 406 -35.17 19.67 42.98
C GLY E 406 -34.57 18.34 43.40
N ASN E 407 -35.32 17.26 43.23
CA ASN E 407 -34.84 15.94 43.63
C ASN E 407 -33.68 15.43 42.77
N THR E 408 -33.21 14.21 43.05
CA THR E 408 -32.09 13.62 42.32
C THR E 408 -32.30 12.12 42.07
N GLN E 409 -31.40 11.51 41.28
CA GLN E 409 -31.52 10.08 40.97
C GLN E 409 -30.20 9.33 40.83
N TYR E 410 -30.13 8.12 41.40
CA TYR E 410 -28.92 7.30 41.34
C TYR E 410 -28.42 7.11 39.92
N LEU E 411 -27.11 7.07 39.77
CA LEU E 411 -26.51 6.86 38.46
C LEU E 411 -25.40 5.82 38.57
N ARG E 412 -24.38 6.11 39.36
CA ARG E 412 -23.27 5.19 39.52
C ARG E 412 -22.45 5.58 40.73
N PRO E 413 -21.54 4.70 41.18
CA PRO E 413 -20.69 4.96 42.34
C PRO E 413 -19.96 6.29 42.23
N LEU E 414 -19.27 6.67 43.30
CA LEU E 414 -18.52 7.92 43.31
C LEU E 414 -17.24 7.67 42.51
N PRO E 415 -16.83 8.64 41.69
CA PRO E 415 -15.61 8.48 40.89
C PRO E 415 -14.37 8.13 41.75
N THR E 416 -13.54 7.23 41.22
CA THR E 416 -12.33 6.76 41.87
C THR E 416 -11.26 7.83 41.98
N SER E 417 -10.43 7.74 43.01
CA SER E 417 -9.34 8.69 43.22
C SER E 417 -8.64 8.81 41.87
N SER E 418 -8.53 10.04 41.37
CA SER E 418 -7.91 10.30 40.08
C SER E 418 -6.40 10.03 40.01
N ARG E 419 -6.04 8.77 39.74
CA ARG E 419 -4.63 8.44 39.62
C ARG E 419 -4.11 9.09 38.35
N MET E 420 -2.91 9.67 38.42
CA MET E 420 -2.37 10.32 37.24
C MET E 420 -0.85 10.57 37.22
N TYR E 421 -0.24 10.33 36.05
CA TYR E 421 1.19 10.55 35.88
C TYR E 421 1.42 11.58 34.78
N LEU E 422 2.68 11.82 34.43
CA LEU E 422 2.99 12.85 33.44
C LEU E 422 2.88 12.47 31.97
N GLU E 423 2.30 13.37 31.17
CA GLU E 423 2.15 13.15 29.74
C GLU E 423 3.46 13.66 29.12
N THR E 424 4.38 12.74 28.91
CA THR E 424 5.70 13.04 28.40
C THR E 424 5.85 13.45 26.92
N ASP E 425 4.79 13.26 26.15
CA ASP E 425 4.83 13.60 24.73
C ASP E 425 4.75 15.10 24.48
N ILE E 426 4.17 15.81 25.42
CA ILE E 426 4.01 17.25 25.29
C ILE E 426 4.98 18.03 26.16
N PRO E 427 5.70 18.99 25.56
CA PRO E 427 6.68 19.82 26.27
C PRO E 427 6.02 20.71 27.30
N LEU E 428 6.85 21.35 28.12
CA LEU E 428 6.35 22.26 29.14
C LEU E 428 6.08 23.58 28.47
N PHE E 429 5.32 24.43 29.16
CA PHE E 429 5.03 25.74 28.65
C PHE E 429 5.31 26.74 29.76
N ARG E 430 6.27 27.61 29.53
CA ARG E 430 6.59 28.64 30.51
C ARG E 430 5.71 29.82 30.15
N ILE E 431 5.00 30.32 31.15
CA ILE E 431 4.10 31.44 30.97
C ILE E 431 4.81 32.77 31.20
N GLU E 432 5.48 33.24 30.15
CA GLU E 432 6.22 34.50 30.17
C GLU E 432 5.52 35.57 31.00
N ASP E 433 6.05 35.81 32.20
CA ASP E 433 5.52 36.81 33.12
C ASP E 433 5.23 38.10 32.33
N ASP E 434 6.05 38.31 31.29
CA ASP E 434 5.97 39.48 30.42
C ASP E 434 4.72 39.47 29.55
N LEU E 435 4.32 38.30 29.06
CA LEU E 435 3.12 38.20 28.24
C LEU E 435 1.89 38.02 29.12
N LEU E 436 2.13 37.69 30.38
CA LEU E 436 1.04 37.46 31.32
C LEU E 436 0.34 38.76 31.72
N GLU E 437 1.10 39.86 31.83
CA GLU E 437 0.49 41.13 32.18
C GLU E 437 -0.11 41.76 30.94
N GLY E 438 0.31 41.27 29.77
CA GLY E 438 -0.22 41.76 28.51
C GLY E 438 -1.69 41.40 28.39
N ILE E 439 -2.20 40.78 29.45
CA ILE E 439 -3.61 40.41 29.51
C ILE E 439 -4.03 40.95 30.86
N ARG E 440 -3.29 40.58 31.89
CA ARG E 440 -3.53 41.02 33.26
C ARG E 440 -4.17 42.41 33.31
N ARG E 441 -3.72 43.30 32.43
CA ARG E 441 -4.23 44.66 32.39
C ARG E 441 -5.06 44.91 31.13
N ASN E 442 -5.70 43.85 30.63
CA ASN E 442 -6.54 43.92 29.44
C ASN E 442 -7.69 42.91 29.50
N LEU E 443 -7.99 42.43 30.69
CA LEU E 443 -9.06 41.45 30.88
C LEU E 443 -10.30 41.90 30.11
N PRO E 444 -11.18 40.96 29.77
CA PRO E 444 -12.40 41.31 29.02
C PRO E 444 -13.51 41.77 29.96
N GLU E 445 -14.38 42.63 29.45
CA GLU E 445 -15.50 43.15 30.22
C GLU E 445 -16.55 42.06 30.30
N LEU E 446 -17.23 41.97 31.44
CA LEU E 446 -18.26 40.98 31.60
C LEU E 446 -19.42 41.38 30.71
N PRO E 447 -20.36 40.46 30.48
CA PRO E 447 -21.46 40.85 29.62
C PRO E 447 -22.11 42.11 30.21
N SER E 448 -22.45 42.05 31.49
CA SER E 448 -23.07 43.17 32.21
C SER E 448 -22.47 44.51 31.75
N GLU E 449 -21.14 44.58 31.73
CA GLU E 449 -20.41 45.78 31.33
C GLU E 449 -20.57 46.08 29.84
N LYS E 450 -20.60 45.03 29.02
CA LYS E 450 -20.78 45.22 27.58
C LYS E 450 -22.13 45.90 27.35
N LYS E 451 -23.18 45.34 27.95
CA LYS E 451 -24.54 45.86 27.84
C LYS E 451 -24.54 47.37 28.01
N GLU E 452 -24.22 47.79 29.22
CA GLU E 452 -24.18 49.19 29.61
C GLU E 452 -23.36 50.05 28.67
N ARG E 453 -22.11 49.64 28.44
CA ARG E 453 -21.21 50.39 27.57
C ARG E 453 -21.86 50.64 26.20
N ILE E 454 -22.26 49.56 25.52
CA ILE E 454 -22.90 49.70 24.20
C ILE E 454 -24.03 50.70 24.28
N MET E 455 -24.91 50.50 25.27
CA MET E 455 -26.05 51.39 25.50
C MET E 455 -25.53 52.83 25.61
N ARG E 456 -24.70 53.04 26.63
CA ARG E 456 -24.07 54.33 26.94
C ARG E 456 -23.50 55.08 25.74
N ASP E 457 -22.89 54.35 24.81
CA ASP E 457 -22.28 54.97 23.63
C ASP E 457 -22.90 54.63 22.28
N TYR E 458 -24.13 54.12 22.26
CA TYR E 458 -24.79 53.81 21.00
C TYR E 458 -26.27 54.13 21.01
N GLY E 459 -26.72 54.70 22.12
CA GLY E 459 -28.12 55.03 22.21
C GLY E 459 -29.00 53.79 22.16
N LEU E 460 -28.38 52.62 22.19
CA LEU E 460 -29.15 51.38 22.15
C LEU E 460 -29.94 51.18 23.44
N SER E 461 -31.19 50.75 23.29
CA SER E 461 -32.05 50.50 24.43
C SER E 461 -31.52 49.29 25.15
N GLU E 462 -31.99 49.07 26.36
CA GLU E 462 -31.52 47.94 27.14
C GLU E 462 -31.81 46.63 26.41
N ASP E 463 -33.04 46.45 25.94
CA ASP E 463 -33.37 45.20 25.25
C ASP E 463 -32.44 44.95 24.06
N LEU E 464 -32.23 45.97 23.24
CA LEU E 464 -31.37 45.84 22.07
C LEU E 464 -29.94 45.46 22.42
N ALA E 465 -29.35 46.16 23.39
CA ALA E 465 -27.98 45.88 23.83
C ALA E 465 -27.94 44.51 24.49
N SER E 466 -29.01 44.19 25.20
CA SER E 466 -29.10 42.90 25.87
C SER E 466 -28.99 41.84 24.80
N GLN E 467 -29.97 41.78 23.90
CA GLN E 467 -29.96 40.80 22.82
C GLN E 467 -28.63 40.74 22.09
N LEU E 468 -28.09 41.88 21.69
CA LEU E 468 -26.82 41.92 20.99
C LEU E 468 -25.75 41.14 21.74
N VAL E 469 -25.67 41.36 23.06
CA VAL E 469 -24.70 40.67 23.90
C VAL E 469 -25.05 39.20 23.99
N LYS E 470 -26.31 38.92 24.30
CA LYS E 470 -26.83 37.55 24.44
C LYS E 470 -26.45 36.69 23.24
N ARG E 471 -26.46 37.32 22.06
CA ARG E 471 -26.16 36.65 20.80
C ARG E 471 -24.72 36.83 20.35
N ASN E 472 -23.94 37.54 21.15
CA ASN E 472 -22.53 37.81 20.86
C ASN E 472 -22.27 38.37 19.46
N LEU E 473 -22.92 39.48 19.16
CA LEU E 473 -22.77 40.16 17.88
C LEU E 473 -22.34 41.59 18.16
N VAL E 474 -22.10 41.89 19.43
CA VAL E 474 -21.67 43.21 19.85
C VAL E 474 -20.44 43.61 19.05
N ASP E 475 -19.48 42.69 18.96
CA ASP E 475 -18.26 42.97 18.22
C ASP E 475 -18.53 43.32 16.76
N GLU E 476 -19.68 42.89 16.26
CA GLU E 476 -20.07 43.18 14.87
C GLU E 476 -20.59 44.62 14.79
N PHE E 477 -21.80 44.83 15.30
CA PHE E 477 -22.44 46.14 15.30
C PHE E 477 -21.45 47.30 15.42
N ASP E 486 -27.52 53.85 11.19
CA ASP E 486 -28.21 54.58 12.25
C ASP E 486 -28.16 53.85 13.59
N THR E 487 -27.11 53.06 13.79
CA THR E 487 -26.93 52.29 15.02
C THR E 487 -28.13 51.41 15.40
N THR E 488 -29.21 52.02 15.87
CA THR E 488 -30.41 51.30 16.27
C THR E 488 -30.82 50.27 15.22
N VAL E 489 -30.41 50.52 13.98
CA VAL E 489 -30.73 49.62 12.89
C VAL E 489 -29.65 48.56 12.70
N ILE E 490 -28.39 48.99 12.65
CA ILE E 490 -27.28 48.06 12.49
C ILE E 490 -27.44 46.94 13.51
N ALA E 491 -27.98 47.32 14.67
CA ALA E 491 -28.21 46.40 15.76
C ALA E 491 -29.48 45.58 15.55
N SER E 492 -30.59 46.27 15.34
CA SER E 492 -31.87 45.63 15.13
C SER E 492 -31.91 44.61 13.99
N LEU E 493 -30.84 44.51 13.20
CA LEU E 493 -30.83 43.52 12.13
C LEU E 493 -29.76 42.46 12.40
N LEU E 494 -29.25 42.45 13.63
CA LEU E 494 -28.25 41.50 14.08
C LEU E 494 -28.86 40.83 15.30
N ALA E 495 -29.62 41.62 16.05
CA ALA E 495 -30.26 41.16 17.28
C ALA E 495 -31.72 40.78 17.06
N TYR E 496 -32.28 41.21 15.93
CA TYR E 496 -33.67 40.90 15.64
C TYR E 496 -33.89 40.09 14.36
N THR E 497 -33.56 40.66 13.22
CA THR E 497 -33.78 39.97 11.96
C THR E 497 -32.93 38.74 11.69
N LEU E 498 -31.64 38.79 12.02
CA LEU E 498 -30.79 37.63 11.80
C LEU E 498 -31.29 36.47 12.65
N ARG E 499 -32.27 36.76 13.50
CA ARG E 499 -32.89 35.76 14.36
C ARG E 499 -33.95 35.09 13.50
N GLU E 500 -34.64 35.90 12.70
CA GLU E 500 -35.66 35.37 11.79
C GLU E 500 -34.94 34.58 10.73
N LEU E 501 -33.63 34.82 10.62
CA LEU E 501 -32.77 34.14 9.67
C LEU E 501 -32.83 32.64 9.91
N ARG E 502 -32.72 32.23 11.18
CA ARG E 502 -32.75 30.82 11.52
C ARG E 502 -34.18 30.29 11.43
N ARG E 503 -34.95 30.87 10.51
CA ARG E 503 -36.34 30.51 10.24
C ARG E 503 -36.53 30.05 8.79
N MET F 1 1.56 -35.01 -60.11
CA MET F 1 1.02 -33.79 -60.75
C MET F 1 2.16 -32.87 -61.23
N ASP F 2 3.23 -33.48 -61.75
CA ASP F 2 4.39 -32.75 -62.27
C ASP F 2 4.80 -31.55 -61.46
N TRP F 3 4.97 -31.74 -60.16
CA TRP F 3 5.34 -30.65 -59.27
C TRP F 3 6.35 -29.67 -59.85
N GLU F 4 7.52 -30.17 -60.22
CA GLU F 4 8.57 -29.32 -60.76
C GLU F 4 8.15 -28.53 -62.00
N LYS F 5 7.01 -28.89 -62.57
CA LYS F 5 6.50 -28.25 -63.77
C LYS F 5 5.55 -27.07 -63.50
N VAL F 6 4.84 -27.13 -62.39
CA VAL F 6 3.92 -26.07 -62.01
C VAL F 6 4.69 -25.05 -61.18
N GLY F 7 5.93 -25.40 -60.87
CA GLY F 7 6.79 -24.52 -60.11
C GLY F 7 6.43 -24.48 -58.65
N LEU F 8 6.13 -25.64 -58.09
CA LEU F 8 5.76 -25.72 -56.68
C LEU F 8 6.97 -25.44 -55.79
N LYS F 9 6.79 -24.52 -54.85
CA LYS F 9 7.83 -24.16 -53.91
C LYS F 9 7.17 -24.18 -52.53
N MET F 10 7.58 -25.13 -51.70
CA MET F 10 7.01 -25.24 -50.38
C MET F 10 8.02 -24.84 -49.31
N GLY F 11 7.52 -24.54 -48.12
CA GLY F 11 8.39 -24.15 -47.02
C GLY F 11 7.79 -24.61 -45.72
N LEU F 12 8.60 -24.81 -44.68
CA LEU F 12 8.07 -25.26 -43.42
C LEU F 12 8.53 -24.39 -42.26
N GLU F 13 7.59 -23.97 -41.42
CA GLU F 13 7.92 -23.17 -40.25
C GLU F 13 7.30 -23.87 -39.06
N ILE F 14 8.16 -24.44 -38.22
CA ILE F 14 7.75 -25.19 -37.04
C ILE F 14 8.09 -24.45 -35.74
N HIS F 15 7.10 -24.32 -34.85
CA HIS F 15 7.33 -23.68 -33.57
C HIS F 15 7.16 -24.76 -32.50
N GLN F 16 8.09 -24.84 -31.55
CA GLN F 16 8.02 -25.86 -30.51
C GLN F 16 8.23 -25.27 -29.09
N GLN F 17 7.37 -25.64 -28.14
CA GLN F 17 7.49 -25.18 -26.76
C GLN F 17 8.60 -25.97 -26.12
N LEU F 18 9.27 -25.41 -25.12
CA LEU F 18 10.39 -26.12 -24.53
C LEU F 18 10.28 -26.95 -23.26
N ASP F 19 9.45 -26.57 -22.31
CA ASP F 19 9.37 -27.39 -21.10
C ASP F 19 10.64 -27.20 -20.28
N THR F 20 10.82 -25.98 -19.84
CA THR F 20 11.95 -25.57 -19.03
C THR F 20 11.28 -25.30 -17.69
N GLU F 21 12.03 -25.29 -16.60
CA GLU F 21 11.42 -25.05 -15.30
C GLU F 21 10.80 -23.66 -15.25
N SER F 22 11.60 -22.67 -15.64
CA SER F 22 11.22 -21.25 -15.66
C SER F 22 10.97 -20.79 -17.11
N LYS F 23 10.21 -19.72 -17.29
CA LYS F 23 9.97 -19.22 -18.65
C LYS F 23 11.27 -18.66 -19.24
N LEU F 24 11.21 -18.06 -20.42
CA LEU F 24 12.45 -17.57 -21.03
C LEU F 24 13.11 -16.35 -20.42
N PHE F 25 12.42 -15.22 -20.38
CA PHE F 25 13.03 -14.03 -19.79
C PHE F 25 12.36 -13.64 -18.49
N CYS F 26 11.98 -14.66 -17.72
CA CYS F 26 11.29 -14.48 -16.46
C CYS F 26 11.34 -15.83 -15.73
N PRO F 27 11.13 -15.84 -14.41
CA PRO F 27 11.17 -17.06 -13.60
C PRO F 27 9.89 -17.87 -13.40
N CYS F 28 8.78 -17.38 -13.93
CA CYS F 28 7.51 -18.07 -13.78
C CYS F 28 7.51 -19.44 -14.44
N ARG F 29 6.74 -20.35 -13.85
CA ARG F 29 6.63 -21.73 -14.34
C ARG F 29 6.10 -21.78 -15.76
N THR F 30 6.39 -22.86 -16.48
CA THR F 30 5.97 -22.97 -17.86
C THR F 30 4.68 -23.71 -18.13
N GLU F 31 3.73 -23.65 -17.19
CA GLU F 31 2.46 -24.34 -17.37
C GLU F 31 1.30 -23.37 -17.36
N LEU F 32 0.25 -23.70 -18.09
CA LEU F 32 -0.93 -22.84 -18.13
C LEU F 32 -1.78 -23.10 -16.91
N THR F 33 -2.76 -22.22 -16.68
CA THR F 33 -3.62 -22.39 -15.52
C THR F 33 -5.02 -22.01 -15.91
N ASP F 34 -5.98 -22.70 -15.29
CA ASP F 34 -7.40 -22.47 -15.53
C ASP F 34 -7.97 -21.59 -14.43
N SER F 35 -7.26 -21.53 -13.31
CA SER F 35 -7.67 -20.73 -12.18
C SER F 35 -8.13 -19.35 -12.58
N GLU F 36 -8.93 -18.74 -11.72
CA GLU F 36 -9.44 -17.42 -12.00
C GLU F 36 -8.35 -16.37 -11.81
N PRO F 37 -8.15 -15.52 -12.81
CA PRO F 37 -7.15 -14.46 -12.81
C PRO F 37 -7.25 -13.58 -11.56
N ASP F 38 -6.10 -13.25 -10.95
CA ASP F 38 -6.12 -12.43 -9.76
C ASP F 38 -6.28 -10.97 -10.09
N HIS F 39 -5.87 -10.58 -11.28
CA HIS F 39 -5.98 -9.18 -11.67
C HIS F 39 -6.11 -8.97 -13.17
N ASP F 40 -7.07 -8.14 -13.56
CA ASP F 40 -7.31 -7.86 -14.96
C ASP F 40 -6.70 -6.50 -15.24
N ILE F 41 -5.75 -6.44 -16.15
CA ILE F 41 -5.11 -5.18 -16.47
C ILE F 41 -5.54 -4.68 -17.83
N VAL F 42 -5.98 -3.42 -17.87
CA VAL F 42 -6.47 -2.78 -19.07
C VAL F 42 -5.39 -1.96 -19.72
N ARG F 43 -5.15 -2.22 -21.00
CA ARG F 43 -4.11 -1.50 -21.71
C ARG F 43 -4.49 -1.12 -23.13
N ASN F 44 -3.59 -0.38 -23.76
CA ASN F 44 -3.79 0.08 -25.11
C ASN F 44 -2.43 0.12 -25.81
N LEU F 45 -2.28 -0.62 -26.90
CA LEU F 45 -1.03 -0.60 -27.63
C LEU F 45 -1.09 0.62 -28.51
N ARG F 46 0.03 1.01 -29.12
CA ARG F 46 0.06 2.20 -29.95
C ARG F 46 0.71 2.07 -31.32
N PRO F 47 0.02 2.55 -32.36
CA PRO F 47 0.41 2.58 -33.78
C PRO F 47 1.85 3.03 -34.00
N THR F 48 2.04 3.92 -34.98
CA THR F 48 3.37 4.47 -35.31
C THR F 48 3.28 5.75 -36.13
N ARG F 57 -5.08 8.99 -40.80
CA ARG F 57 -5.18 10.09 -39.86
C ARG F 57 -6.60 10.16 -39.30
N ALA F 58 -7.56 9.66 -40.08
CA ALA F 58 -8.95 9.64 -39.67
C ALA F 58 -9.22 8.30 -39.01
N ALA F 59 -8.20 7.46 -39.01
CA ALA F 59 -8.29 6.14 -38.40
C ALA F 59 -7.64 6.10 -37.03
N PHE F 60 -6.73 7.05 -36.75
CA PHE F 60 -6.06 7.14 -35.45
C PHE F 60 -7.15 7.46 -34.43
N GLU F 61 -8.31 6.88 -34.68
CA GLU F 61 -9.50 7.07 -33.87
C GLU F 61 -10.26 5.76 -33.94
N GLU F 62 -10.00 4.99 -34.98
CA GLU F 62 -10.65 3.69 -35.16
C GLU F 62 -9.62 2.59 -34.94
N ALA F 63 -8.38 2.86 -35.32
CA ALA F 63 -7.28 1.90 -35.15
C ALA F 63 -7.06 1.69 -33.67
N MET F 64 -6.89 2.81 -32.97
CA MET F 64 -6.67 2.80 -31.53
C MET F 64 -7.72 1.93 -30.83
N ARG F 65 -8.99 2.20 -31.10
CA ARG F 65 -10.08 1.46 -30.50
C ARG F 65 -9.90 -0.06 -30.64
N LYS F 66 -9.19 -0.48 -31.67
CA LYS F 66 -8.96 -1.90 -31.91
C LYS F 66 -7.68 -2.38 -31.23
N LEU F 67 -7.12 -1.52 -30.38
CA LEU F 67 -5.91 -1.89 -29.68
C LEU F 67 -6.08 -1.89 -28.19
N HIS F 68 -7.32 -1.94 -27.73
CA HIS F 68 -7.62 -1.98 -26.30
C HIS F 68 -7.64 -3.44 -25.88
N PHE F 69 -6.80 -3.79 -24.93
CA PHE F 69 -6.70 -5.17 -24.45
C PHE F 69 -6.81 -5.32 -22.95
N HIS F 70 -7.33 -6.47 -22.51
CA HIS F 70 -7.44 -6.76 -21.08
C HIS F 70 -6.52 -7.93 -20.87
N TYR F 71 -5.62 -7.82 -19.89
CA TYR F 71 -4.69 -8.90 -19.62
C TYR F 71 -5.00 -9.51 -18.28
N GLU F 72 -5.15 -10.83 -18.26
CA GLU F 72 -5.43 -11.55 -17.04
C GLU F 72 -4.12 -11.89 -16.37
N ASN F 73 -3.98 -11.57 -15.08
CA ASN F 73 -2.76 -11.86 -14.36
C ASN F 73 -3.00 -12.73 -13.14
N TYR F 74 -1.94 -13.40 -12.68
CA TYR F 74 -2.01 -14.24 -11.49
C TYR F 74 -0.92 -13.84 -10.49
N HIS F 75 -1.31 -13.66 -9.23
CA HIS F 75 -0.38 -13.27 -8.17
C HIS F 75 0.77 -14.24 -8.01
N GLU F 76 0.55 -15.47 -8.46
CA GLU F 76 1.56 -16.51 -8.35
C GLU F 76 2.13 -16.94 -9.69
N GLU F 77 1.24 -17.39 -10.57
CA GLU F 77 1.60 -17.86 -11.90
C GLU F 77 2.08 -16.78 -12.86
N THR F 78 2.18 -15.56 -12.40
CA THR F 78 2.62 -14.46 -13.26
C THR F 78 3.47 -13.46 -12.45
N CYS F 79 4.27 -12.65 -13.13
CA CYS F 79 5.08 -11.67 -12.45
C CYS F 79 4.96 -10.37 -13.20
N LEU F 80 5.69 -9.36 -12.77
CA LEU F 80 5.66 -8.09 -13.46
C LEU F 80 6.22 -8.13 -14.88
N VAL F 81 7.00 -9.16 -15.20
CA VAL F 81 7.59 -9.27 -16.54
C VAL F 81 6.50 -9.47 -17.57
N GLU F 82 5.61 -10.43 -17.30
CA GLU F 82 4.52 -10.72 -18.21
C GLU F 82 3.63 -9.49 -18.39
N ALA F 83 3.53 -8.67 -17.36
CA ALA F 83 2.68 -7.50 -17.39
C ALA F 83 3.34 -6.24 -17.97
N ASP F 84 4.63 -6.33 -18.30
CA ASP F 84 5.37 -5.20 -18.84
C ASP F 84 5.45 -4.13 -17.74
N GLU F 85 5.65 -4.59 -16.51
CA GLU F 85 5.77 -3.71 -15.36
C GLU F 85 7.17 -3.86 -14.71
N GLU F 86 7.99 -4.72 -15.30
CA GLU F 86 9.34 -5.00 -14.83
C GLU F 86 10.14 -5.50 -16.02
N PRO F 87 11.31 -4.90 -16.29
CA PRO F 87 12.16 -5.30 -17.43
C PRO F 87 12.43 -6.81 -17.50
N PRO F 88 12.59 -7.35 -18.70
CA PRO F 88 12.84 -8.79 -18.80
C PRO F 88 14.15 -9.20 -18.11
N HIS F 89 14.15 -10.38 -17.49
CA HIS F 89 15.36 -10.87 -16.84
C HIS F 89 16.23 -11.44 -17.95
N PRO F 90 17.50 -11.74 -17.66
CA PRO F 90 18.47 -12.29 -18.61
C PRO F 90 18.04 -13.59 -19.21
N LEU F 91 18.56 -13.89 -20.41
CA LEU F 91 18.25 -15.11 -21.14
C LEU F 91 18.30 -16.37 -20.28
N ASN F 92 17.24 -17.18 -20.34
CA ASN F 92 17.17 -18.41 -19.56
C ASN F 92 18.14 -19.45 -20.16
N PRO F 93 19.21 -19.77 -19.42
CA PRO F 93 20.22 -20.73 -19.86
C PRO F 93 19.69 -22.08 -20.32
N GLU F 94 18.82 -22.69 -19.52
CA GLU F 94 18.27 -23.99 -19.86
C GLU F 94 17.64 -23.98 -21.24
N ALA F 95 16.95 -22.89 -21.54
CA ALA F 95 16.32 -22.77 -22.82
C ALA F 95 17.40 -22.78 -23.89
N LEU F 96 18.29 -21.80 -23.85
CA LEU F 96 19.34 -21.72 -24.84
C LEU F 96 20.04 -23.07 -25.03
N GLU F 97 20.16 -23.87 -23.97
CA GLU F 97 20.84 -25.17 -24.10
C GLU F 97 20.06 -26.13 -24.99
N ILE F 98 18.77 -26.23 -24.76
CA ILE F 98 17.95 -27.10 -25.57
C ILE F 98 17.98 -26.54 -26.99
N ALA F 99 17.76 -25.24 -27.11
CA ALA F 99 17.76 -24.61 -28.41
C ALA F 99 19.02 -24.97 -29.17
N VAL F 100 20.17 -24.85 -28.52
CA VAL F 100 21.44 -25.16 -29.16
C VAL F 100 21.46 -26.62 -29.58
N THR F 101 21.21 -27.52 -28.63
CA THR F 101 21.18 -28.97 -28.91
C THR F 101 20.34 -29.25 -30.15
N ILE F 102 19.09 -28.80 -30.11
CA ILE F 102 18.20 -28.96 -31.24
C ILE F 102 18.95 -28.51 -32.49
N ALA F 103 19.47 -27.30 -32.46
CA ALA F 103 20.16 -26.77 -33.63
C ALA F 103 21.26 -27.69 -34.12
N LEU F 104 22.09 -28.13 -33.18
CA LEU F 104 23.19 -29.02 -33.52
C LEU F 104 22.64 -30.30 -34.12
N LEU F 105 21.53 -30.79 -33.57
CA LEU F 105 20.89 -32.00 -34.07
C LEU F 105 20.42 -31.81 -35.51
N LEU F 106 20.39 -30.56 -35.97
CA LEU F 106 19.95 -30.28 -37.32
C LEU F 106 21.13 -29.94 -38.17
N ASN F 107 22.32 -30.12 -37.61
CA ASN F 107 23.55 -29.81 -38.32
C ASN F 107 23.60 -28.32 -38.59
N MET F 108 23.08 -27.52 -37.67
CA MET F 108 23.09 -26.09 -37.86
C MET F 108 24.37 -25.54 -37.30
N ARG F 109 24.66 -24.27 -37.59
CA ARG F 109 25.87 -23.64 -37.09
C ARG F 109 25.50 -22.62 -36.03
N VAL F 110 25.63 -23.03 -34.77
CA VAL F 110 25.29 -22.20 -33.64
C VAL F 110 26.06 -20.88 -33.69
N VAL F 111 25.38 -19.80 -33.33
CA VAL F 111 25.95 -18.45 -33.31
C VAL F 111 27.05 -18.29 -32.26
N ASP F 112 27.92 -17.32 -32.49
CA ASP F 112 29.00 -17.01 -31.57
C ASP F 112 28.48 -16.17 -30.41
N GLU F 113 27.49 -15.32 -30.69
CA GLU F 113 26.92 -14.44 -29.66
C GLU F 113 25.42 -14.33 -29.89
N PHE F 114 24.63 -14.66 -28.89
CA PHE F 114 23.17 -14.59 -28.99
C PHE F 114 22.63 -13.21 -28.62
N HIS F 115 21.88 -12.59 -29.54
CA HIS F 115 21.30 -11.25 -29.34
C HIS F 115 19.76 -11.25 -29.37
N THR F 116 19.13 -10.86 -28.27
CA THR F 116 17.67 -10.82 -28.20
C THR F 116 17.15 -9.63 -29.02
N MET F 117 16.04 -9.80 -29.72
CA MET F 117 15.48 -8.73 -30.54
C MET F 117 14.00 -8.53 -30.20
N ARG F 118 13.37 -7.57 -30.85
CA ARG F 118 11.96 -7.30 -30.62
C ARG F 118 11.17 -7.34 -31.92
N LYS F 119 10.52 -8.44 -32.24
CA LYS F 119 9.75 -8.48 -33.47
C LYS F 119 8.48 -7.71 -33.24
N GLN F 120 8.32 -6.65 -34.01
CA GLN F 120 7.16 -5.77 -33.90
C GLN F 120 5.87 -6.56 -34.00
N VAL F 121 5.02 -6.48 -32.99
CA VAL F 121 3.76 -7.21 -32.99
C VAL F 121 2.66 -6.50 -32.19
N ILE F 122 1.81 -5.74 -32.88
CA ILE F 122 0.74 -5.02 -32.21
C ILE F 122 -0.55 -5.81 -32.16
N ASP F 123 -0.41 -7.12 -32.26
CA ASP F 123 -1.51 -8.08 -32.29
C ASP F 123 -2.28 -8.21 -30.96
N GLY F 124 -1.58 -7.99 -29.85
CA GLY F 124 -2.22 -8.08 -28.54
C GLY F 124 -1.78 -9.28 -27.70
N SER F 125 -1.17 -10.27 -28.35
CA SER F 125 -0.70 -11.51 -27.71
C SER F 125 0.56 -11.26 -26.90
N ASN F 126 1.14 -10.09 -27.12
CA ASN F 126 2.35 -9.67 -26.45
C ASN F 126 1.95 -8.45 -25.66
N THR F 127 2.37 -8.39 -24.42
CA THR F 127 2.01 -7.31 -23.52
C THR F 127 2.83 -6.03 -23.74
N GLY F 128 3.94 -6.13 -24.47
CA GLY F 128 4.77 -4.97 -24.71
C GLY F 128 4.65 -4.36 -26.10
N GLY F 129 3.99 -5.07 -27.00
CA GLY F 129 3.84 -4.58 -28.35
C GLY F 129 4.89 -5.18 -29.25
N PHE F 130 5.57 -6.19 -28.73
CA PHE F 130 6.62 -6.85 -29.48
C PHE F 130 6.86 -8.21 -28.88
N GLN F 131 7.56 -9.06 -29.62
CA GLN F 131 7.88 -10.39 -29.15
C GLN F 131 9.39 -10.46 -29.08
N ARG F 132 9.94 -11.03 -28.02
CA ARG F 132 11.39 -11.15 -27.91
C ARG F 132 11.86 -12.40 -28.60
N THR F 133 12.70 -12.22 -29.61
CA THR F 133 13.21 -13.35 -30.37
C THR F 133 14.68 -13.17 -30.57
N GLY F 134 15.36 -14.28 -30.78
CA GLY F 134 16.79 -14.23 -31.01
C GLY F 134 17.17 -15.39 -31.89
N LEU F 135 18.17 -15.16 -32.74
CA LEU F 135 18.67 -16.17 -33.67
C LEU F 135 19.71 -17.05 -32.95
N VAL F 136 19.57 -18.39 -33.00
CA VAL F 136 20.57 -19.22 -32.35
C VAL F 136 21.41 -20.01 -33.31
N ALA F 137 20.82 -20.52 -34.38
CA ALA F 137 21.56 -21.30 -35.35
C ALA F 137 21.16 -20.93 -36.76
N THR F 138 21.94 -21.39 -37.73
CA THR F 138 21.66 -21.12 -39.14
C THR F 138 22.21 -22.23 -40.00
N ASP F 139 22.10 -22.04 -41.30
CA ASP F 139 22.59 -22.97 -42.31
C ASP F 139 22.71 -24.42 -41.84
N GLY F 140 21.58 -25.08 -41.65
CA GLY F 140 21.59 -26.47 -41.23
C GLY F 140 20.98 -27.29 -42.35
N HIS F 141 20.88 -28.60 -42.20
CA HIS F 141 20.29 -29.40 -43.27
C HIS F 141 19.86 -30.76 -42.79
N LEU F 142 18.94 -31.36 -43.54
CA LEU F 142 18.45 -32.67 -43.22
C LEU F 142 18.62 -33.60 -44.42
N GLU F 143 18.39 -34.89 -44.20
CA GLU F 143 18.55 -35.87 -45.24
C GLU F 143 17.23 -36.58 -45.53
N THR F 144 16.77 -36.51 -46.78
CA THR F 144 15.54 -37.20 -47.15
C THR F 144 15.70 -37.94 -48.47
N PRO F 145 14.96 -39.04 -48.63
CA PRO F 145 15.01 -39.85 -49.85
C PRO F 145 15.05 -38.95 -51.08
N GLN F 146 14.21 -37.91 -51.03
CA GLN F 146 14.08 -36.95 -52.11
C GLN F 146 15.31 -36.06 -52.31
N GLY F 147 16.22 -36.08 -51.35
CA GLY F 147 17.41 -35.25 -51.47
C GLY F 147 17.69 -34.55 -50.16
N THR F 148 18.76 -33.76 -50.13
CA THR F 148 19.12 -33.03 -48.93
C THR F 148 18.38 -31.70 -48.84
N VAL F 149 17.68 -31.48 -47.73
CA VAL F 149 16.94 -30.25 -47.49
C VAL F 149 17.67 -29.37 -46.47
N LYS F 150 17.87 -28.09 -46.81
CA LYS F 150 18.56 -27.16 -45.93
C LYS F 150 17.63 -26.55 -44.89
N ILE F 151 18.14 -26.35 -43.68
CA ILE F 151 17.37 -25.72 -42.62
C ILE F 151 17.99 -24.34 -42.40
N GLU F 152 17.26 -23.30 -42.83
CA GLU F 152 17.71 -21.93 -42.75
C GLU F 152 17.97 -21.29 -41.40
N ASN F 153 16.97 -21.25 -40.52
CA ASN F 153 17.18 -20.61 -39.23
C ASN F 153 16.59 -21.33 -38.04
N LEU F 154 17.12 -20.99 -36.86
CA LEU F 154 16.68 -21.57 -35.59
C LEU F 154 16.65 -20.42 -34.58
N CYS F 155 15.45 -20.07 -34.13
CA CYS F 155 15.31 -18.97 -33.18
C CYS F 155 14.64 -19.37 -31.88
N LEU F 156 14.97 -18.65 -30.81
CA LEU F 156 14.41 -18.87 -29.48
C LEU F 156 13.62 -17.61 -29.16
N GLU F 157 12.30 -17.77 -29.00
CA GLU F 157 11.41 -16.64 -28.73
C GLU F 157 10.39 -16.98 -27.63
N GLU F 158 9.68 -15.98 -27.14
CA GLU F 158 8.70 -16.22 -26.11
C GLU F 158 7.40 -16.56 -26.82
N ASP F 159 6.63 -17.50 -26.28
CA ASP F 159 5.35 -17.84 -26.89
C ASP F 159 4.45 -16.66 -26.47
N ALA F 160 3.35 -16.45 -27.19
CA ALA F 160 2.45 -15.33 -26.89
C ALA F 160 1.38 -15.65 -25.89
N ALA F 161 0.76 -14.61 -25.33
CA ALA F 161 -0.31 -14.84 -24.38
C ALA F 161 -1.39 -15.54 -25.17
N ARG F 162 -2.37 -16.11 -24.51
CA ARG F 162 -3.42 -16.79 -25.22
C ARG F 162 -4.71 -16.02 -25.06
N ARG F 163 -5.58 -16.13 -26.06
CA ARG F 163 -6.88 -15.45 -26.08
C ARG F 163 -7.88 -16.18 -25.21
N ILE F 164 -8.78 -15.45 -24.57
CA ILE F 164 -9.79 -16.08 -23.73
C ILE F 164 -11.19 -15.65 -24.11
N ARG F 165 -11.36 -14.37 -24.42
CA ARG F 165 -12.66 -13.82 -24.79
C ARG F 165 -12.55 -12.59 -25.66
N GLU F 166 -13.68 -12.22 -26.26
CA GLU F 166 -13.76 -11.03 -27.10
C GLU F 166 -15.07 -10.35 -26.70
N THR F 167 -14.98 -9.11 -26.25
CA THR F 167 -16.15 -8.37 -25.84
C THR F 167 -16.14 -6.98 -26.42
N GLY F 168 -17.25 -6.28 -26.27
CA GLY F 168 -17.33 -4.92 -26.79
C GLY F 168 -16.06 -4.15 -26.48
N ASP F 169 -15.49 -4.39 -25.29
CA ASP F 169 -14.25 -3.70 -24.88
C ASP F 169 -13.00 -4.50 -25.26
N GLY F 170 -13.01 -5.02 -26.49
CA GLY F 170 -11.87 -5.76 -27.03
C GLY F 170 -11.51 -7.16 -26.54
N VAL F 171 -10.41 -7.66 -27.08
CA VAL F 171 -9.88 -8.98 -26.76
C VAL F 171 -9.31 -9.12 -25.34
N VAL F 172 -9.36 -10.34 -24.82
CA VAL F 172 -8.85 -10.63 -23.48
C VAL F 172 -7.86 -11.79 -23.49
N PHE F 173 -6.57 -11.50 -23.30
CA PHE F 173 -5.55 -12.54 -23.29
C PHE F 173 -5.17 -12.91 -21.86
N ARG F 174 -4.61 -14.10 -21.68
CA ARG F 174 -4.14 -14.60 -20.40
C ARG F 174 -2.62 -14.67 -20.50
N LEU F 175 -1.93 -14.23 -19.45
CA LEU F 175 -0.48 -14.19 -19.48
C LEU F 175 0.28 -15.47 -19.19
N ASP F 176 -0.41 -16.54 -18.81
CA ASP F 176 0.26 -17.79 -18.49
C ASP F 176 1.16 -18.35 -19.59
N ARG F 177 0.71 -18.32 -20.83
CA ARG F 177 1.55 -18.82 -21.90
C ARG F 177 2.61 -17.81 -22.30
N LEU F 178 2.35 -16.54 -22.03
CA LEU F 178 3.30 -15.47 -22.37
C LEU F 178 4.64 -15.79 -21.72
N GLY F 179 5.69 -15.89 -22.53
CA GLY F 179 6.99 -16.18 -21.95
C GLY F 179 7.52 -17.59 -22.07
N ILE F 180 6.68 -18.59 -22.33
CA ILE F 180 7.14 -19.97 -22.46
C ILE F 180 8.11 -20.05 -23.66
N PRO F 181 9.26 -20.71 -23.49
CA PRO F 181 10.25 -20.84 -24.56
C PRO F 181 9.73 -21.48 -25.83
N LEU F 182 10.25 -21.05 -26.96
CA LEU F 182 9.83 -21.53 -28.26
C LEU F 182 10.99 -21.56 -29.24
N VAL F 183 11.01 -22.50 -30.18
CA VAL F 183 12.05 -22.49 -31.20
C VAL F 183 11.37 -22.46 -32.56
N GLU F 184 11.69 -21.46 -33.38
CA GLU F 184 11.11 -21.34 -34.71
C GLU F 184 12.13 -21.95 -35.65
N ILE F 185 11.77 -23.03 -36.32
CA ILE F 185 12.69 -23.64 -37.25
C ILE F 185 12.14 -23.39 -38.64
N THR F 186 12.90 -22.71 -39.49
CA THR F 186 12.47 -22.47 -40.86
C THR F 186 13.35 -23.29 -41.78
N THR F 187 12.76 -23.77 -42.87
CA THR F 187 13.47 -24.57 -43.85
C THR F 187 13.51 -23.82 -45.16
N ASP F 188 14.26 -24.33 -46.11
CA ASP F 188 14.34 -23.70 -47.42
C ASP F 188 12.92 -23.48 -47.93
N PRO F 189 12.62 -22.28 -48.44
CA PRO F 189 11.31 -21.91 -48.98
C PRO F 189 10.94 -22.54 -50.31
N SER F 190 11.88 -23.25 -50.92
CA SER F 190 11.65 -23.88 -52.20
C SER F 190 11.88 -25.37 -52.08
N MET F 191 10.85 -26.11 -51.68
CA MET F 191 11.01 -27.55 -51.52
C MET F 191 10.84 -28.25 -52.87
N SER F 192 9.60 -28.27 -53.38
CA SER F 192 9.27 -28.88 -54.68
C SER F 192 8.66 -30.28 -54.67
N ASP F 193 8.85 -31.05 -53.61
CA ASP F 193 8.25 -32.39 -53.56
C ASP F 193 7.39 -32.61 -52.30
N PRO F 194 6.07 -32.69 -52.46
CA PRO F 194 5.16 -32.90 -51.33
C PRO F 194 5.62 -34.01 -50.39
N GLN F 195 5.98 -35.15 -50.96
CA GLN F 195 6.42 -36.26 -50.14
C GLN F 195 7.65 -35.88 -49.33
N GLN F 196 8.45 -34.96 -49.87
CA GLN F 196 9.68 -34.50 -49.22
C GLN F 196 9.37 -33.58 -48.06
N LEU F 197 8.33 -32.77 -48.21
CA LEU F 197 7.96 -31.87 -47.15
C LEU F 197 7.54 -32.68 -45.92
N ARG F 198 6.77 -33.73 -46.14
CA ARG F 198 6.31 -34.54 -45.03
C ARG F 198 7.48 -35.24 -44.35
N GLU F 199 8.51 -35.56 -45.14
CA GLU F 199 9.67 -36.25 -44.60
C GLU F 199 10.43 -35.34 -43.66
N VAL F 200 10.60 -34.08 -44.06
CA VAL F 200 11.30 -33.11 -43.25
C VAL F 200 10.52 -32.82 -41.98
N ALA F 201 9.24 -32.52 -42.13
CA ALA F 201 8.41 -32.23 -40.98
C ALA F 201 8.51 -33.35 -39.97
N TYR F 202 8.46 -34.59 -40.44
CA TYR F 202 8.53 -35.73 -39.57
C TYR F 202 9.85 -35.81 -38.83
N GLN F 203 10.95 -35.79 -39.58
CA GLN F 203 12.29 -35.88 -38.98
C GLN F 203 12.51 -34.79 -37.95
N ILE F 204 12.08 -33.56 -38.27
CA ILE F 204 12.23 -32.44 -37.35
C ILE F 204 11.52 -32.83 -36.06
N GLY F 205 10.28 -33.30 -36.19
CA GLY F 205 9.51 -33.71 -35.03
C GLY F 205 10.25 -34.71 -34.18
N GLN F 206 10.73 -35.78 -34.81
CA GLN F 206 11.48 -36.78 -34.10
C GLN F 206 12.74 -36.20 -33.43
N ILE F 207 13.36 -35.20 -34.05
CA ILE F 207 14.52 -34.56 -33.43
C ILE F 207 14.04 -33.76 -32.21
N LEU F 208 13.02 -32.94 -32.39
CA LEU F 208 12.51 -32.18 -31.27
C LEU F 208 12.14 -33.12 -30.12
N ARG F 209 11.54 -34.26 -30.42
CA ARG F 209 11.17 -35.20 -29.36
C ARG F 209 12.43 -35.81 -28.74
N SER F 210 13.59 -35.47 -29.29
CA SER F 210 14.83 -36.01 -28.74
C SER F 210 15.40 -35.13 -27.67
N THR F 211 14.74 -34.01 -27.38
CA THR F 211 15.22 -33.08 -26.37
C THR F 211 14.13 -32.68 -25.40
N ARG F 212 14.51 -31.94 -24.36
CA ARG F 212 13.53 -31.53 -23.37
C ARG F 212 12.54 -30.62 -24.03
N VAL F 213 11.42 -31.18 -24.49
CA VAL F 213 10.39 -30.42 -25.16
C VAL F 213 9.01 -30.69 -24.56
N LYS F 214 8.11 -29.71 -24.62
CA LYS F 214 6.75 -29.90 -24.10
C LYS F 214 6.07 -30.93 -24.99
N ARG F 215 5.25 -31.79 -24.42
CA ARG F 215 4.54 -32.77 -25.21
C ARG F 215 3.09 -32.55 -24.85
N GLY F 216 2.21 -32.54 -25.83
CA GLY F 216 0.81 -32.30 -25.54
C GLY F 216 0.13 -31.48 -26.62
N LEU F 217 -0.93 -30.77 -26.27
CA LEU F 217 -1.67 -29.99 -27.24
C LEU F 217 -0.98 -28.77 -27.83
N GLY F 218 -1.28 -27.59 -27.26
CA GLY F 218 -0.70 -26.35 -27.77
C GLY F 218 0.74 -26.51 -28.22
N THR F 219 1.44 -27.40 -27.52
CA THR F 219 2.82 -27.75 -27.75
C THR F 219 3.44 -27.40 -29.10
N ILE F 220 3.23 -28.22 -30.12
CA ILE F 220 3.86 -27.91 -31.39
C ILE F 220 2.91 -27.16 -32.30
N ARG F 221 3.46 -26.62 -33.38
CA ARG F 221 2.70 -25.83 -34.36
C ARG F 221 3.47 -25.88 -35.65
N GLN F 222 2.82 -26.33 -36.71
CA GLN F 222 3.47 -26.43 -38.01
C GLN F 222 2.71 -25.66 -39.09
N ASP F 223 3.40 -24.76 -39.78
CA ASP F 223 2.77 -23.98 -40.85
C ASP F 223 3.51 -24.13 -42.17
N LEU F 224 2.86 -24.71 -43.17
CA LEU F 224 3.51 -24.88 -44.46
C LEU F 224 3.16 -23.72 -45.33
N ASN F 225 4.03 -23.42 -46.29
CA ASN F 225 3.82 -22.32 -47.21
C ASN F 225 3.89 -22.86 -48.63
N ILE F 226 2.73 -23.11 -49.22
CA ILE F 226 2.63 -23.64 -50.58
C ILE F 226 2.72 -22.49 -51.58
N SER F 227 3.26 -22.77 -52.77
CA SER F 227 3.43 -21.77 -53.82
C SER F 227 3.46 -22.42 -55.20
N ILE F 228 3.20 -21.65 -56.24
CA ILE F 228 3.21 -22.18 -57.60
C ILE F 228 3.50 -21.10 -58.60
N ARG F 229 4.28 -21.41 -59.63
CA ARG F 229 4.62 -20.39 -60.61
C ARG F 229 3.31 -19.76 -61.06
N ASP F 230 3.36 -18.46 -61.35
CA ASP F 230 2.16 -17.71 -61.77
C ASP F 230 0.97 -18.02 -60.87
N GLY F 231 1.26 -18.29 -59.62
CA GLY F 231 0.24 -18.56 -58.63
C GLY F 231 0.54 -17.53 -57.55
N ALA F 232 0.62 -17.97 -56.29
CA ALA F 232 0.89 -17.05 -55.20
C ALA F 232 1.24 -17.76 -53.91
N ARG F 233 1.91 -17.04 -53.02
CA ARG F 233 2.28 -17.59 -51.72
C ARG F 233 1.07 -17.57 -50.81
N VAL F 234 0.85 -18.70 -50.15
CA VAL F 234 -0.27 -18.86 -49.25
C VAL F 234 0.26 -19.63 -48.06
N GLU F 235 0.02 -19.15 -46.84
CA GLU F 235 0.49 -19.83 -45.65
C GLU F 235 -0.66 -20.69 -45.13
N VAL F 236 -0.41 -21.97 -44.89
CA VAL F 236 -1.45 -22.83 -44.36
C VAL F 236 -1.08 -23.07 -42.89
N LYS F 237 -1.95 -22.61 -41.99
CA LYS F 237 -1.72 -22.74 -40.56
C LYS F 237 -2.35 -23.93 -39.87
N GLY F 238 -1.62 -24.46 -38.88
CA GLY F 238 -2.07 -25.58 -38.10
C GLY F 238 -2.39 -26.88 -38.81
N VAL F 239 -1.36 -27.57 -39.29
CA VAL F 239 -1.56 -28.84 -39.96
C VAL F 239 -1.19 -29.96 -39.01
N GLN F 240 -1.97 -30.13 -37.95
CA GLN F 240 -1.72 -31.16 -36.95
C GLN F 240 -1.16 -32.49 -37.44
N ASP F 241 -1.81 -33.09 -38.43
CA ASP F 241 -1.37 -34.37 -38.96
C ASP F 241 -0.40 -34.28 -40.14
N LEU F 242 0.82 -34.78 -39.94
CA LEU F 242 1.82 -34.76 -40.98
C LEU F 242 1.49 -35.69 -42.13
N ASP F 243 0.92 -36.85 -41.82
CA ASP F 243 0.58 -37.80 -42.86
C ASP F 243 -0.25 -37.20 -43.94
N LEU F 244 -0.95 -36.12 -43.60
CA LEU F 244 -1.84 -35.47 -44.54
C LEU F 244 -1.26 -34.28 -45.30
N ILE F 245 0.00 -33.97 -45.08
CA ILE F 245 0.62 -32.85 -45.78
C ILE F 245 0.55 -33.04 -47.29
N PRO F 246 1.02 -34.19 -47.80
CA PRO F 246 0.99 -34.46 -49.25
C PRO F 246 -0.35 -34.05 -49.84
N GLU F 247 -1.40 -34.59 -49.23
CA GLU F 247 -2.77 -34.36 -49.63
C GLU F 247 -3.20 -32.88 -49.67
N ILE F 248 -2.96 -32.15 -48.59
CA ILE F 248 -3.35 -30.75 -48.56
C ILE F 248 -2.55 -29.92 -49.54
N VAL F 249 -1.34 -30.35 -49.87
CA VAL F 249 -0.52 -29.62 -50.84
C VAL F 249 -1.16 -29.80 -52.21
N GLU F 250 -1.27 -31.06 -52.60
CA GLU F 250 -1.85 -31.41 -53.88
C GLU F 250 -3.17 -30.66 -54.07
N ARG F 251 -4.02 -30.69 -53.05
CA ARG F 251 -5.31 -29.99 -53.12
C ARG F 251 -5.17 -28.48 -53.21
N GLU F 252 -4.06 -27.94 -52.72
CA GLU F 252 -3.85 -26.50 -52.79
C GLU F 252 -3.40 -26.16 -54.20
N VAL F 253 -2.54 -27.01 -54.75
CA VAL F 253 -2.04 -26.82 -56.10
C VAL F 253 -3.25 -26.73 -57.07
N LYS F 254 -4.25 -27.57 -56.84
CA LYS F 254 -5.44 -27.58 -57.66
C LYS F 254 -6.19 -26.25 -57.55
N ARG F 255 -6.40 -25.79 -56.32
CA ARG F 255 -7.12 -24.54 -56.08
C ARG F 255 -6.44 -23.34 -56.73
N GLN F 256 -5.11 -23.31 -56.77
CA GLN F 256 -4.46 -22.19 -57.42
C GLN F 256 -4.54 -22.33 -58.94
N LEU F 257 -4.50 -23.57 -59.42
CA LEU F 257 -4.62 -23.83 -60.85
C LEU F 257 -6.04 -23.44 -61.30
N SER F 258 -7.03 -23.87 -60.52
CA SER F 258 -8.43 -23.56 -60.83
C SER F 258 -8.62 -22.06 -60.84
N LEU F 259 -8.04 -21.39 -59.83
CA LEU F 259 -8.14 -19.95 -59.73
C LEU F 259 -7.45 -19.25 -60.89
N VAL F 260 -6.43 -19.91 -61.43
CA VAL F 260 -5.66 -19.38 -62.57
C VAL F 260 -6.47 -19.52 -63.84
N GLU F 261 -7.04 -20.70 -64.06
CA GLU F 261 -7.89 -20.94 -65.22
C GLU F 261 -8.98 -19.89 -65.19
N ILE F 262 -9.49 -19.62 -63.99
CA ILE F 262 -10.55 -18.64 -63.83
C ILE F 262 -10.03 -17.24 -64.14
N ARG F 263 -8.73 -17.02 -63.97
CA ARG F 263 -8.15 -15.71 -64.27
C ARG F 263 -8.16 -15.52 -65.78
N ASP F 264 -7.67 -16.54 -66.46
CA ASP F 264 -7.59 -16.50 -67.89
C ASP F 264 -8.93 -16.37 -68.61
N THR F 265 -10.00 -16.87 -68.00
CA THR F 265 -11.30 -16.75 -68.63
C THR F 265 -11.86 -15.38 -68.38
N LEU F 266 -11.58 -14.81 -67.21
CA LEU F 266 -12.08 -13.49 -66.91
C LEU F 266 -11.45 -12.50 -67.87
N GLN F 267 -10.24 -12.82 -68.34
CA GLN F 267 -9.55 -11.95 -69.28
C GLN F 267 -10.05 -12.27 -70.69
N GLU F 268 -10.27 -13.55 -70.99
CA GLU F 268 -10.78 -14.00 -72.29
C GLU F 268 -11.97 -13.09 -72.59
N ARG F 269 -12.77 -12.83 -71.56
CA ARG F 269 -13.96 -12.00 -71.73
C ARG F 269 -13.84 -10.65 -71.04
N GLY F 270 -12.60 -10.17 -70.92
CA GLY F 270 -12.34 -8.87 -70.32
C GLY F 270 -13.34 -8.43 -69.26
N ALA F 271 -13.50 -9.25 -68.23
CA ALA F 271 -14.41 -8.98 -67.14
C ALA F 271 -14.04 -7.69 -66.42
N VAL F 272 -15.05 -7.06 -65.83
CA VAL F 272 -14.87 -5.82 -65.09
C VAL F 272 -15.63 -5.92 -63.78
N VAL F 273 -15.07 -5.37 -62.73
CA VAL F 273 -15.71 -5.40 -61.43
C VAL F 273 -16.14 -4.01 -61.01
N GLU F 274 -17.45 -3.77 -60.97
CA GLU F 274 -17.97 -2.46 -60.58
C GLU F 274 -18.37 -2.41 -59.12
N ASP F 275 -17.76 -1.50 -58.36
CA ASP F 275 -18.08 -1.38 -56.94
C ASP F 275 -19.43 -0.73 -56.71
N LYS F 276 -20.32 -0.84 -57.69
CA LYS F 276 -21.65 -0.26 -57.57
C LYS F 276 -22.58 -1.23 -56.83
N ILE F 277 -23.04 -0.85 -55.64
CA ILE F 277 -23.95 -1.72 -54.89
C ILE F 277 -25.40 -1.25 -55.09
N PHE F 278 -26.29 -2.20 -55.38
CA PHE F 278 -27.69 -1.90 -55.61
C PHE F 278 -28.57 -2.37 -54.47
N ASP F 279 -29.60 -1.59 -54.17
CA ASP F 279 -30.54 -1.93 -53.09
C ASP F 279 -31.67 -2.79 -53.65
N VAL F 280 -31.31 -3.95 -54.18
CA VAL F 280 -32.26 -4.89 -54.75
C VAL F 280 -33.21 -5.45 -53.68
N SER F 281 -33.98 -4.57 -53.04
CA SER F 281 -34.90 -4.99 -51.98
C SER F 281 -36.34 -5.16 -52.45
N GLU F 282 -36.81 -4.21 -53.25
CA GLU F 282 -38.17 -4.22 -53.74
C GLU F 282 -38.39 -5.42 -54.64
N VAL F 283 -37.32 -6.00 -55.14
CA VAL F 283 -37.40 -7.15 -56.01
C VAL F 283 -37.87 -8.39 -55.25
N PHE F 284 -37.81 -8.32 -53.93
CA PHE F 284 -38.21 -9.43 -53.07
C PHE F 284 -39.34 -9.08 -52.11
N ALA F 285 -40.14 -8.07 -52.47
CA ALA F 285 -41.26 -7.65 -51.63
C ALA F 285 -42.00 -8.89 -51.16
N ASP F 286 -42.39 -9.73 -52.12
CA ASP F 286 -43.10 -10.97 -51.86
C ASP F 286 -42.20 -12.14 -52.28
N THR F 287 -41.29 -12.57 -51.42
CA THR F 287 -40.40 -13.68 -51.76
C THR F 287 -40.80 -15.00 -51.12
N GLU F 288 -40.14 -16.09 -51.53
CA GLU F 288 -40.44 -17.40 -50.98
C GLU F 288 -39.29 -17.98 -50.13
N SER F 289 -38.39 -17.12 -49.66
CA SER F 289 -37.27 -17.57 -48.83
C SER F 289 -37.20 -16.77 -47.54
N ARG F 290 -37.46 -17.45 -46.42
CA ARG F 290 -37.45 -16.83 -45.11
C ARG F 290 -36.19 -16.00 -44.90
N ILE F 291 -35.04 -16.58 -45.21
CA ILE F 291 -33.74 -15.93 -45.05
C ILE F 291 -33.73 -14.45 -45.44
N ILE F 292 -34.25 -14.15 -46.63
CA ILE F 292 -34.30 -12.77 -47.13
C ILE F 292 -35.50 -11.99 -46.58
N SER F 293 -36.68 -12.57 -46.70
CA SER F 293 -37.93 -11.96 -46.23
C SER F 293 -37.78 -11.40 -44.82
N SER F 294 -37.02 -12.11 -44.01
CA SER F 294 -36.77 -11.72 -42.63
C SER F 294 -35.49 -10.88 -42.51
N ALA F 295 -34.85 -10.66 -43.65
CA ALA F 295 -33.63 -9.88 -43.67
C ALA F 295 -33.98 -8.40 -43.65
N GLU F 296 -33.24 -7.65 -42.85
CA GLU F 296 -33.42 -6.21 -42.71
C GLU F 296 -33.55 -5.64 -44.13
N SER F 297 -32.43 -5.27 -44.75
CA SER F 297 -32.45 -4.77 -46.13
C SER F 297 -31.76 -5.81 -47.02
N VAL F 298 -31.48 -5.47 -48.26
CA VAL F 298 -30.84 -6.43 -49.15
C VAL F 298 -30.18 -5.72 -50.33
N LEU F 299 -28.88 -5.93 -50.49
CA LEU F 299 -28.11 -5.32 -51.56
C LEU F 299 -27.52 -6.39 -52.49
N ALA F 300 -27.05 -5.96 -53.66
CA ALA F 300 -26.47 -6.87 -54.65
C ALA F 300 -25.44 -6.14 -55.52
N VAL F 301 -24.52 -6.90 -56.11
CA VAL F 301 -23.50 -6.30 -56.97
C VAL F 301 -23.30 -7.14 -58.23
N LYS F 302 -22.92 -6.47 -59.33
CA LYS F 302 -22.69 -7.19 -60.57
C LYS F 302 -21.22 -7.33 -60.91
N LEU F 303 -20.89 -8.49 -61.46
CA LEU F 303 -19.53 -8.79 -61.83
C LEU F 303 -19.59 -9.15 -63.32
N ARG F 304 -19.18 -8.23 -64.17
CA ARG F 304 -19.21 -8.43 -65.61
C ARG F 304 -18.43 -9.63 -66.12
N GLY F 305 -19.10 -10.49 -66.89
CA GLY F 305 -18.49 -11.68 -67.45
C GLY F 305 -18.20 -12.79 -66.46
N PHE F 306 -18.41 -12.51 -65.17
CA PHE F 306 -18.15 -13.48 -64.10
C PHE F 306 -19.05 -14.70 -64.12
N ASP F 307 -20.03 -14.66 -65.00
CA ASP F 307 -20.96 -15.76 -65.08
C ASP F 307 -20.28 -17.11 -65.26
N GLY F 308 -20.87 -18.12 -64.65
CA GLY F 308 -20.36 -19.48 -64.75
C GLY F 308 -19.07 -19.76 -64.05
N LEU F 309 -18.45 -18.77 -63.44
CA LEU F 309 -17.17 -18.99 -62.79
C LEU F 309 -17.17 -18.89 -61.28
N ILE F 310 -18.22 -18.29 -60.71
CA ILE F 310 -18.30 -18.17 -59.27
C ILE F 310 -18.70 -19.50 -58.63
N GLY F 311 -19.33 -20.35 -59.43
CA GLY F 311 -19.73 -21.63 -58.92
C GLY F 311 -18.83 -22.79 -59.34
N VAL F 312 -17.79 -22.51 -60.10
CA VAL F 312 -16.90 -23.57 -60.55
C VAL F 312 -16.12 -24.11 -59.37
N GLU F 313 -16.12 -25.43 -59.23
CA GLU F 313 -15.40 -26.05 -58.14
C GLU F 313 -13.90 -25.92 -58.37
N ILE F 314 -13.28 -25.01 -57.62
CA ILE F 314 -11.84 -24.76 -57.71
C ILE F 314 -11.07 -25.78 -56.88
N GLN F 315 -11.74 -26.33 -55.88
CA GLN F 315 -11.16 -27.31 -54.99
C GLN F 315 -12.26 -28.30 -54.61
N PRO F 316 -11.92 -29.60 -54.56
CA PRO F 316 -12.88 -30.67 -54.21
C PRO F 316 -13.87 -30.31 -53.11
N GLY F 317 -15.00 -29.73 -53.49
CA GLY F 317 -16.01 -29.38 -52.51
C GLY F 317 -16.29 -27.89 -52.36
N ARG F 318 -15.27 -27.05 -52.52
CA ARG F 318 -15.42 -25.59 -52.41
C ARG F 318 -15.28 -24.92 -53.78
N ARG F 319 -15.94 -23.77 -53.94
CA ARG F 319 -15.91 -23.02 -55.19
C ARG F 319 -15.33 -21.63 -54.96
N LEU F 320 -15.13 -20.88 -56.05
CA LEU F 320 -14.60 -19.51 -55.92
C LEU F 320 -15.56 -18.74 -55.03
N GLY F 321 -16.84 -18.91 -55.33
CA GLY F 321 -17.87 -18.25 -54.56
C GLY F 321 -17.65 -18.49 -53.10
N THR F 322 -17.16 -19.68 -52.77
CA THR F 322 -16.90 -20.00 -51.36
C THR F 322 -15.83 -19.05 -50.86
N GLU F 323 -14.81 -18.84 -51.67
CA GLU F 323 -13.74 -17.94 -51.27
C GLU F 323 -14.38 -16.58 -51.00
N MET F 324 -15.15 -16.11 -51.99
CA MET F 324 -15.81 -14.82 -51.85
C MET F 324 -16.66 -14.83 -50.59
N ALA F 325 -17.42 -15.90 -50.42
CA ALA F 325 -18.26 -16.04 -49.25
C ALA F 325 -17.40 -15.91 -48.00
N ASP F 326 -16.21 -16.49 -48.03
CA ASP F 326 -15.38 -16.38 -46.85
C ASP F 326 -14.86 -14.95 -46.70
N TYR F 327 -14.45 -14.31 -47.80
CA TYR F 327 -13.95 -12.93 -47.73
C TYR F 327 -15.06 -12.01 -47.19
N ALA F 328 -16.28 -12.30 -47.63
CA ALA F 328 -17.40 -11.49 -47.23
C ALA F 328 -17.91 -11.83 -45.85
N LYS F 329 -17.79 -13.09 -45.41
CA LYS F 329 -18.30 -13.45 -44.10
C LYS F 329 -17.71 -12.60 -42.98
N LYS F 330 -16.46 -12.18 -43.11
CA LYS F 330 -15.91 -11.28 -42.10
C LYS F 330 -16.84 -10.08 -42.17
N ARG F 331 -16.82 -9.22 -41.16
CA ARG F 331 -17.71 -8.07 -41.18
C ARG F 331 -19.16 -8.54 -40.99
N GLY F 332 -19.31 -9.82 -40.64
CA GLY F 332 -20.63 -10.40 -40.40
C GLY F 332 -21.49 -10.69 -41.62
N VAL F 333 -22.16 -11.84 -41.59
CA VAL F 333 -23.06 -12.32 -42.65
C VAL F 333 -23.04 -13.84 -42.69
N SER F 334 -24.18 -14.46 -42.97
CA SER F 334 -24.27 -15.91 -43.06
C SER F 334 -23.45 -16.40 -44.24
N GLY F 335 -24.04 -16.33 -45.43
CA GLY F 335 -23.37 -16.77 -46.65
C GLY F 335 -23.99 -16.13 -47.89
N ILE F 336 -23.17 -15.49 -48.73
CA ILE F 336 -23.64 -14.83 -49.95
C ILE F 336 -24.38 -15.74 -50.92
N PHE F 337 -25.34 -15.16 -51.64
CA PHE F 337 -26.13 -15.90 -52.63
C PHE F 337 -25.59 -15.41 -53.97
N HIS F 338 -25.50 -16.30 -54.96
CA HIS F 338 -25.00 -15.85 -56.24
C HIS F 338 -25.44 -16.63 -57.48
N THR F 339 -25.64 -15.87 -58.56
CA THR F 339 -26.05 -16.34 -59.86
C THR F 339 -25.82 -17.80 -60.23
N ASP F 340 -24.59 -18.29 -60.07
CA ASP F 340 -24.27 -19.67 -60.43
C ASP F 340 -24.77 -20.72 -59.46
N GLU F 341 -25.41 -20.31 -58.37
CA GLU F 341 -25.94 -21.26 -57.40
C GLU F 341 -27.28 -20.77 -56.89
N LEU F 342 -27.72 -19.63 -57.39
CA LEU F 342 -28.98 -19.06 -56.94
C LEU F 342 -30.21 -19.48 -57.74
N PRO F 343 -30.07 -20.34 -58.76
CA PRO F 343 -31.30 -20.71 -59.48
C PRO F 343 -32.22 -21.41 -58.47
N ALA F 344 -31.58 -21.98 -57.45
CA ALA F 344 -32.22 -22.72 -56.38
C ALA F 344 -32.27 -21.91 -55.08
N TYR F 345 -32.01 -22.61 -53.97
CA TYR F 345 -32.00 -22.01 -52.64
C TYR F 345 -33.36 -21.48 -52.21
N GLY F 346 -34.42 -22.03 -52.80
CA GLY F 346 -35.77 -21.59 -52.46
C GLY F 346 -36.17 -20.28 -53.12
N ILE F 347 -35.73 -20.11 -54.37
CA ILE F 347 -36.03 -18.90 -55.14
C ILE F 347 -36.27 -19.33 -56.59
N THR F 348 -37.40 -18.92 -57.17
CA THR F 348 -37.70 -19.30 -58.54
C THR F 348 -37.09 -18.40 -59.60
N GLU F 349 -37.01 -18.93 -60.82
CA GLU F 349 -36.44 -18.22 -61.96
C GLU F 349 -37.04 -16.83 -62.15
N GLU F 350 -38.36 -16.75 -62.04
CA GLU F 350 -39.04 -15.46 -62.20
C GLU F 350 -38.37 -14.44 -61.28
N GLU F 351 -37.80 -14.93 -60.19
CA GLU F 351 -37.13 -14.09 -59.21
C GLU F 351 -35.69 -13.90 -59.66
N VAL F 352 -35.07 -15.00 -60.10
CA VAL F 352 -33.69 -14.97 -60.58
C VAL F 352 -33.58 -13.96 -61.72
N ARG F 353 -34.59 -13.95 -62.59
CA ARG F 353 -34.62 -13.03 -63.71
C ARG F 353 -34.88 -11.61 -63.19
N GLY F 354 -35.54 -11.53 -62.04
CA GLY F 354 -35.83 -10.24 -61.45
C GLY F 354 -34.60 -9.53 -60.93
N LEU F 355 -33.65 -10.30 -60.42
CA LEU F 355 -32.41 -9.76 -59.88
C LEU F 355 -31.53 -9.28 -61.04
N ARG F 356 -31.30 -10.18 -62.00
CA ARG F 356 -30.47 -9.86 -63.15
C ARG F 356 -30.94 -8.56 -63.78
N ASP F 357 -32.26 -8.40 -63.88
CA ASP F 357 -32.87 -7.22 -64.47
C ASP F 357 -32.63 -5.95 -63.66
N ALA F 358 -33.04 -5.95 -62.39
CA ALA F 358 -32.90 -4.79 -61.52
C ALA F 358 -31.46 -4.30 -61.36
N VAL F 359 -30.52 -5.24 -61.45
CA VAL F 359 -29.10 -4.97 -61.31
C VAL F 359 -28.48 -4.58 -62.64
N GLY F 360 -29.25 -4.76 -63.70
CA GLY F 360 -28.75 -4.45 -65.03
C GLY F 360 -27.56 -5.33 -65.29
N ALA F 361 -27.84 -6.61 -65.52
CA ALA F 361 -26.78 -7.55 -65.77
C ALA F 361 -27.01 -8.34 -67.04
N SER F 362 -26.00 -8.41 -67.89
CA SER F 362 -26.11 -9.15 -69.14
C SER F 362 -26.17 -10.63 -68.82
N GLN F 363 -26.40 -11.44 -69.85
CA GLN F 363 -26.49 -12.88 -69.66
C GLN F 363 -25.12 -13.53 -69.60
N GLY F 364 -24.08 -12.72 -69.71
CA GLY F 364 -22.73 -13.24 -69.67
C GLY F 364 -22.04 -13.03 -68.33
N ASP F 365 -22.57 -12.12 -67.52
CA ASP F 365 -21.99 -11.86 -66.21
C ASP F 365 -22.90 -12.43 -65.12
N ALA F 366 -22.50 -12.25 -63.86
CA ALA F 366 -23.30 -12.78 -62.75
C ALA F 366 -23.48 -11.80 -61.59
N VAL F 367 -24.40 -12.12 -60.70
CA VAL F 367 -24.68 -11.27 -59.55
C VAL F 367 -24.48 -11.98 -58.22
N VAL F 368 -24.03 -11.21 -57.23
CA VAL F 368 -23.79 -11.73 -55.90
C VAL F 368 -24.55 -10.84 -54.90
N MET F 369 -25.58 -11.40 -54.27
CA MET F 369 -26.38 -10.64 -53.33
C MET F 369 -26.16 -10.99 -51.85
N VAL F 370 -26.55 -10.07 -50.99
CA VAL F 370 -26.39 -10.23 -49.55
C VAL F 370 -27.64 -9.78 -48.80
N ALA F 371 -28.36 -10.74 -48.20
CA ALA F 371 -29.58 -10.43 -47.44
C ALA F 371 -29.22 -10.25 -45.96
N HIS F 372 -29.12 -8.99 -45.54
CA HIS F 372 -28.75 -8.68 -44.16
C HIS F 372 -29.14 -7.24 -43.88
N GLU F 373 -28.63 -6.67 -42.78
CA GLU F 373 -28.97 -5.30 -42.46
C GLU F 373 -28.07 -4.37 -43.28
N ARG F 374 -28.70 -3.46 -44.01
CA ARG F 374 -28.01 -2.50 -44.89
C ARG F 374 -26.60 -2.05 -44.47
N VAL F 375 -26.45 -1.60 -43.24
CA VAL F 375 -25.15 -1.11 -42.77
C VAL F 375 -23.98 -2.06 -43.02
N THR F 376 -24.19 -3.36 -42.78
CA THR F 376 -23.13 -4.35 -42.96
C THR F 376 -23.12 -4.98 -44.36
N ALA F 377 -24.30 -5.32 -44.87
CA ALA F 377 -24.38 -5.92 -46.20
C ALA F 377 -23.60 -5.07 -47.18
N GLU F 378 -23.50 -3.78 -46.89
CA GLU F 378 -22.76 -2.85 -47.72
C GLU F 378 -21.28 -3.12 -47.56
N ASN F 379 -20.85 -3.30 -46.31
CA ASN F 379 -19.46 -3.59 -45.99
C ASN F 379 -19.06 -4.97 -46.48
N ALA F 380 -20.03 -5.89 -46.47
CA ALA F 380 -19.80 -7.27 -46.92
C ALA F 380 -19.67 -7.34 -48.44
N LEU F 381 -20.56 -6.66 -49.16
CA LEU F 381 -20.49 -6.66 -50.61
C LEU F 381 -19.23 -5.95 -51.09
N ARG F 382 -18.74 -5.00 -50.30
CA ARG F 382 -17.53 -4.29 -50.68
C ARG F 382 -16.36 -5.28 -50.74
N GLU F 383 -16.44 -6.32 -49.92
CA GLU F 383 -15.40 -7.34 -49.86
C GLU F 383 -15.50 -8.34 -51.01
N VAL F 384 -16.70 -8.81 -51.29
CA VAL F 384 -16.89 -9.75 -52.37
C VAL F 384 -16.46 -9.09 -53.69
N ILE F 385 -16.40 -7.76 -53.68
CA ILE F 385 -15.96 -7.01 -54.85
C ILE F 385 -14.42 -7.04 -54.82
N ARG F 386 -13.86 -6.88 -53.62
CA ARG F 386 -12.41 -6.89 -53.44
C ARG F 386 -11.84 -8.19 -53.97
N ARG F 387 -12.45 -9.31 -53.55
CA ARG F 387 -12.00 -10.63 -54.00
C ARG F 387 -12.31 -10.79 -55.49
N ALA F 388 -13.46 -10.29 -55.91
CA ALA F 388 -13.84 -10.39 -57.31
C ALA F 388 -12.73 -9.77 -58.13
N GLU F 389 -12.25 -8.60 -57.71
CA GLU F 389 -11.17 -7.92 -58.42
C GLU F 389 -9.91 -8.78 -58.44
N MET F 390 -9.66 -9.48 -57.33
CA MET F 390 -8.49 -10.32 -57.22
C MET F 390 -8.59 -11.49 -58.20
N ALA F 391 -9.80 -11.98 -58.45
CA ALA F 391 -9.95 -13.11 -59.36
C ALA F 391 -9.49 -12.75 -60.76
N ILE F 392 -9.60 -11.47 -61.09
CA ILE F 392 -9.18 -10.96 -62.39
C ILE F 392 -7.66 -11.09 -62.47
N GLN F 393 -6.99 -10.84 -61.35
CA GLN F 393 -5.53 -10.94 -61.29
C GLN F 393 -5.06 -12.38 -61.10
N GLY F 394 -5.78 -13.15 -60.31
CA GLY F 394 -5.40 -14.55 -60.10
C GLY F 394 -5.37 -14.99 -58.65
N VAL F 395 -4.37 -15.80 -58.30
CA VAL F 395 -4.24 -16.29 -56.93
C VAL F 395 -3.58 -15.22 -56.07
N PRO F 396 -4.28 -14.76 -54.99
CA PRO F 396 -3.90 -13.75 -53.99
C PRO F 396 -3.23 -14.36 -52.77
N GLU F 397 -2.18 -13.71 -52.28
CA GLU F 397 -1.45 -14.21 -51.12
C GLU F 397 -2.28 -14.09 -49.86
N GLU F 398 -2.51 -15.21 -49.17
CA GLU F 398 -3.32 -15.18 -47.96
C GLU F 398 -2.96 -16.24 -46.92
N THR F 399 -3.45 -16.07 -45.69
CA THR F 399 -3.20 -17.05 -44.63
C THR F 399 -4.48 -17.88 -44.52
N ARG F 400 -4.37 -19.17 -44.80
CA ARG F 400 -5.53 -20.04 -44.72
C ARG F 400 -5.29 -21.10 -43.65
N LYS F 401 -6.32 -21.87 -43.33
CA LYS F 401 -6.18 -22.94 -42.35
C LYS F 401 -6.59 -24.24 -43.03
N ALA F 402 -6.11 -25.36 -42.51
CA ALA F 402 -6.43 -26.65 -43.08
C ALA F 402 -7.74 -27.15 -42.50
N LEU F 403 -8.52 -27.85 -43.31
CA LEU F 403 -9.80 -28.38 -42.84
C LEU F 403 -9.66 -29.86 -42.49
N PRO F 404 -10.78 -30.54 -42.17
CA PRO F 404 -10.66 -31.96 -41.85
C PRO F 404 -10.02 -32.71 -43.02
N ASP F 405 -10.55 -32.43 -44.21
CA ASP F 405 -10.03 -33.02 -45.45
C ASP F 405 -8.78 -32.26 -45.85
N GLY F 406 -8.36 -32.40 -47.10
CA GLY F 406 -7.16 -31.70 -47.49
C GLY F 406 -7.33 -30.25 -47.86
N ASN F 407 -8.57 -29.76 -47.90
CA ASN F 407 -8.81 -28.37 -48.28
C ASN F 407 -8.35 -27.37 -47.23
N THR F 408 -8.49 -26.10 -47.56
CA THR F 408 -8.10 -25.04 -46.64
C THR F 408 -9.17 -23.98 -46.71
N GLN F 409 -9.01 -22.93 -45.93
CA GLN F 409 -9.99 -21.87 -45.91
C GLN F 409 -9.38 -20.53 -45.55
N TYR F 410 -9.89 -19.48 -46.15
CA TYR F 410 -9.35 -18.14 -45.92
C TYR F 410 -9.51 -17.72 -44.47
N LEU F 411 -8.50 -17.00 -43.97
CA LEU F 411 -8.52 -16.52 -42.60
C LEU F 411 -8.24 -15.04 -42.61
N ARG F 412 -7.13 -14.67 -43.21
CA ARG F 412 -6.77 -13.28 -43.23
C ARG F 412 -5.62 -13.11 -44.19
N PRO F 413 -5.25 -11.86 -44.49
CA PRO F 413 -4.15 -11.62 -45.41
C PRO F 413 -2.87 -12.32 -44.98
N LEU F 414 -1.79 -12.03 -45.69
CA LEU F 414 -0.52 -12.63 -45.35
C LEU F 414 0.19 -11.72 -44.36
N PRO F 415 1.03 -12.30 -43.47
CA PRO F 415 1.76 -11.51 -42.47
C PRO F 415 2.64 -10.47 -43.13
N THR F 416 2.61 -9.23 -42.65
CA THR F 416 3.45 -8.17 -43.21
C THR F 416 4.89 -8.45 -42.84
N SER F 417 5.81 -7.87 -43.61
CA SER F 417 7.22 -8.06 -43.34
C SER F 417 7.48 -7.72 -41.87
N SER F 418 8.17 -8.63 -41.18
CA SER F 418 8.48 -8.48 -39.76
C SER F 418 9.50 -7.40 -39.41
N ARG F 419 9.00 -6.22 -39.05
CA ARG F 419 9.88 -5.11 -38.64
C ARG F 419 10.39 -5.44 -37.24
N MET F 420 11.70 -5.35 -37.03
CA MET F 420 12.23 -5.63 -35.69
C MET F 420 13.54 -4.96 -35.32
N TYR F 421 13.58 -4.41 -34.10
CA TYR F 421 14.75 -3.74 -33.59
C TYR F 421 15.26 -4.37 -32.28
N LEU F 422 16.40 -3.86 -31.79
CA LEU F 422 17.06 -4.37 -30.58
C LEU F 422 16.34 -4.35 -29.26
N GLU F 423 16.37 -5.46 -28.54
CA GLU F 423 15.79 -5.54 -27.20
C GLU F 423 16.94 -5.22 -26.26
N THR F 424 17.14 -3.93 -26.00
CA THR F 424 18.23 -3.49 -25.15
C THR F 424 18.23 -3.98 -23.70
N ASP F 425 17.07 -4.36 -23.18
CA ASP F 425 16.98 -4.80 -21.79
C ASP F 425 17.79 -6.02 -21.41
N ILE F 426 17.84 -6.99 -22.31
CA ILE F 426 18.54 -8.24 -22.07
C ILE F 426 19.94 -8.24 -22.69
N PRO F 427 20.93 -8.67 -21.90
CA PRO F 427 22.34 -8.77 -22.25
C PRO F 427 22.63 -9.69 -23.42
N LEU F 428 23.85 -9.66 -23.90
CA LEU F 428 24.18 -10.53 -25.00
C LEU F 428 24.64 -11.83 -24.35
N PHE F 429 24.50 -12.95 -25.05
CA PHE F 429 24.94 -14.22 -24.48
C PHE F 429 26.02 -14.78 -25.37
N ARG F 430 27.20 -14.97 -24.81
CA ARG F 430 28.29 -15.50 -25.60
C ARG F 430 28.23 -17.00 -25.41
N ILE F 431 28.30 -17.73 -26.51
CA ILE F 431 28.23 -19.17 -26.49
C ILE F 431 29.62 -19.78 -26.59
N GLU F 432 30.34 -19.83 -25.47
CA GLU F 432 31.69 -20.37 -25.46
C GLU F 432 31.79 -21.75 -26.11
N ASP F 433 32.59 -21.82 -27.18
CA ASP F 433 32.77 -23.06 -27.92
C ASP F 433 33.07 -24.22 -27.02
N ASP F 434 33.73 -23.94 -25.91
CA ASP F 434 34.06 -25.01 -24.98
C ASP F 434 32.83 -25.79 -24.52
N LEU F 435 31.79 -25.06 -24.13
CA LEU F 435 30.58 -25.73 -23.67
C LEU F 435 29.73 -26.20 -24.86
N LEU F 436 30.00 -25.65 -26.04
CA LEU F 436 29.25 -26.03 -27.21
C LEU F 436 29.56 -27.45 -27.61
N GLU F 437 30.81 -27.86 -27.40
CA GLU F 437 31.29 -29.23 -27.71
C GLU F 437 30.76 -30.23 -26.67
N GLY F 438 30.71 -29.79 -25.42
CA GLY F 438 30.21 -30.65 -24.36
C GLY F 438 28.78 -31.02 -24.66
N ILE F 439 28.35 -30.69 -25.87
CA ILE F 439 26.99 -30.96 -26.36
C ILE F 439 27.08 -31.66 -27.70
N ARG F 440 27.67 -31.00 -28.69
CA ARG F 440 27.78 -31.57 -30.02
C ARG F 440 28.32 -32.99 -30.02
N ARG F 441 29.00 -33.38 -28.95
CA ARG F 441 29.55 -34.72 -28.86
C ARG F 441 28.74 -35.53 -27.85
N ASN F 442 27.52 -35.06 -27.59
CA ASN F 442 26.63 -35.74 -26.66
C ASN F 442 25.18 -35.45 -27.01
N LEU F 443 24.90 -35.30 -28.30
CA LEU F 443 23.56 -35.04 -28.77
C LEU F 443 22.68 -36.21 -28.34
N PRO F 444 21.38 -35.96 -28.12
CA PRO F 444 20.45 -37.01 -27.70
C PRO F 444 20.13 -38.02 -28.80
N GLU F 445 19.73 -39.20 -28.39
CA GLU F 445 19.36 -40.26 -29.32
C GLU F 445 17.92 -39.99 -29.74
N LEU F 446 17.58 -40.28 -30.99
CA LEU F 446 16.21 -40.07 -31.45
C LEU F 446 15.30 -41.03 -30.72
N PRO F 447 13.99 -40.85 -30.85
CA PRO F 447 13.08 -41.77 -30.18
C PRO F 447 13.33 -43.19 -30.67
N SER F 448 13.39 -43.37 -31.98
CA SER F 448 13.65 -44.70 -32.54
C SER F 448 14.82 -45.38 -31.84
N GLU F 449 15.92 -44.66 -31.72
CA GLU F 449 17.10 -45.19 -31.06
C GLU F 449 16.77 -45.57 -29.62
N LYS F 450 16.07 -44.70 -28.92
CA LYS F 450 15.70 -44.96 -27.54
C LYS F 450 14.98 -46.29 -27.47
N LYS F 451 13.99 -46.49 -28.33
CA LYS F 451 13.20 -47.71 -28.32
C LYS F 451 14.02 -48.98 -28.49
N GLU F 452 14.83 -49.03 -29.54
CA GLU F 452 15.63 -50.21 -29.79
C GLU F 452 16.68 -50.44 -28.71
N ARG F 453 17.42 -49.38 -28.37
CA ARG F 453 18.43 -49.45 -27.34
C ARG F 453 17.84 -50.02 -26.07
N ILE F 454 16.75 -49.41 -25.63
CA ILE F 454 16.07 -49.83 -24.42
C ILE F 454 15.55 -51.26 -24.56
N MET F 455 15.13 -51.66 -25.76
CA MET F 455 14.64 -53.02 -25.99
C MET F 455 15.83 -53.96 -25.84
N ARG F 456 16.78 -53.74 -26.74
CA ARG F 456 18.02 -54.48 -26.85
C ARG F 456 18.76 -54.67 -25.53
N ASP F 457 18.58 -53.75 -24.57
CA ASP F 457 19.28 -53.84 -23.30
C ASP F 457 18.42 -54.01 -22.04
N TYR F 458 17.18 -54.49 -22.19
CA TYR F 458 16.28 -54.70 -21.06
C TYR F 458 15.24 -55.78 -21.35
N GLY F 459 15.33 -56.35 -22.55
CA GLY F 459 14.41 -57.39 -22.93
C GLY F 459 13.00 -56.89 -23.12
N LEU F 460 12.80 -55.57 -23.08
CA LEU F 460 11.47 -55.02 -23.27
C LEU F 460 11.00 -55.31 -24.69
N SER F 461 9.74 -55.71 -24.81
CA SER F 461 9.16 -56.01 -26.10
C SER F 461 9.05 -54.69 -26.84
N GLU F 462 8.86 -54.76 -28.15
CA GLU F 462 8.72 -53.55 -28.96
C GLU F 462 7.58 -52.71 -28.40
N ASP F 463 6.45 -53.36 -28.13
CA ASP F 463 5.27 -52.69 -27.60
C ASP F 463 5.56 -51.92 -26.31
N LEU F 464 6.02 -52.62 -25.27
CA LEU F 464 6.30 -51.97 -23.99
C LEU F 464 7.32 -50.84 -24.15
N ALA F 465 8.35 -51.06 -24.96
CA ALA F 465 9.37 -50.02 -25.17
C ALA F 465 8.78 -48.87 -25.96
N SER F 466 7.93 -49.19 -26.93
CA SER F 466 7.31 -48.16 -27.75
C SER F 466 6.55 -47.21 -26.85
N GLN F 467 5.66 -47.76 -26.03
CA GLN F 467 4.86 -46.98 -25.09
C GLN F 467 5.70 -46.18 -24.10
N LEU F 468 6.67 -46.86 -23.50
CA LEU F 468 7.52 -46.21 -22.52
C LEU F 468 8.18 -44.97 -23.10
N VAL F 469 8.50 -44.98 -24.38
CA VAL F 469 9.11 -43.83 -25.01
C VAL F 469 8.02 -42.84 -25.33
N LYS F 470 6.93 -43.34 -25.91
CA LYS F 470 5.78 -42.51 -26.29
C LYS F 470 5.32 -41.64 -25.12
N ARG F 471 5.42 -42.20 -23.92
CA ARG F 471 4.99 -41.50 -22.71
C ARG F 471 6.12 -40.80 -21.98
N ASN F 472 7.32 -40.81 -22.56
CA ASN F 472 8.45 -40.12 -21.94
C ASN F 472 8.76 -40.64 -20.52
N LEU F 473 8.96 -41.94 -20.36
CA LEU F 473 9.24 -42.45 -19.03
C LEU F 473 10.47 -43.34 -19.09
N VAL F 474 11.06 -43.43 -20.27
CA VAL F 474 12.24 -44.24 -20.46
C VAL F 474 13.31 -43.88 -19.45
N ASP F 475 13.37 -42.59 -19.11
CA ASP F 475 14.33 -42.07 -18.14
C ASP F 475 14.06 -42.60 -16.74
N GLU F 476 12.80 -42.86 -16.45
CA GLU F 476 12.45 -43.38 -15.14
C GLU F 476 12.77 -44.87 -15.11
N PHE F 477 12.11 -45.63 -15.99
CA PHE F 477 12.34 -47.06 -16.08
C PHE F 477 13.77 -47.44 -15.78
N ASP F 486 11.86 -56.74 -12.18
CA ASP F 486 11.82 -57.68 -13.28
C ASP F 486 11.90 -56.93 -14.60
N THR F 487 12.23 -55.65 -14.54
CA THR F 487 12.32 -54.85 -15.75
C THR F 487 10.98 -54.82 -16.48
N THR F 488 10.63 -55.92 -17.13
CA THR F 488 9.36 -56.00 -17.85
C THR F 488 8.20 -55.61 -16.93
N VAL F 489 8.50 -55.54 -15.64
CA VAL F 489 7.51 -55.16 -14.62
C VAL F 489 7.57 -53.67 -14.32
N ILE F 490 8.77 -53.17 -14.06
CA ILE F 490 8.96 -51.75 -13.78
C ILE F 490 8.45 -50.92 -14.95
N ALA F 491 8.56 -51.49 -16.16
CA ALA F 491 8.10 -50.80 -17.35
C ALA F 491 6.59 -50.92 -17.43
N SER F 492 6.07 -52.15 -17.37
CA SER F 492 4.64 -52.38 -17.45
C SER F 492 3.87 -51.61 -16.37
N LEU F 493 4.58 -50.92 -15.49
CA LEU F 493 3.96 -50.15 -14.42
C LEU F 493 3.92 -48.65 -14.74
N LEU F 494 4.71 -48.23 -15.71
CA LEU F 494 4.73 -46.82 -16.10
C LEU F 494 4.18 -46.67 -17.51
N ALA F 495 4.18 -47.77 -18.26
CA ALA F 495 3.68 -47.74 -19.62
C ALA F 495 2.25 -48.23 -19.67
N TYR F 496 1.86 -49.02 -18.67
CA TYR F 496 0.51 -49.56 -18.64
C TYR F 496 -0.32 -49.08 -17.47
N THR F 497 0.12 -49.37 -16.26
CA THR F 497 -0.59 -48.99 -15.05
C THR F 497 -0.86 -47.49 -14.91
N LEU F 498 0.21 -46.69 -14.91
CA LEU F 498 0.10 -45.25 -14.76
C LEU F 498 -0.86 -44.59 -15.73
N ARG F 499 -1.15 -45.25 -16.84
CA ARG F 499 -2.07 -44.68 -17.80
C ARG F 499 -3.47 -44.99 -17.32
N GLU F 500 -3.61 -46.14 -16.66
CA GLU F 500 -4.88 -46.59 -16.12
C GLU F 500 -5.23 -45.71 -14.94
N LEU F 501 -4.21 -45.11 -14.35
CA LEU F 501 -4.42 -44.24 -13.21
C LEU F 501 -4.91 -42.86 -13.64
N ARG F 502 -4.76 -42.53 -14.92
CA ARG F 502 -5.22 -41.26 -15.43
C ARG F 502 -6.70 -41.41 -15.72
N ARG F 503 -7.36 -42.29 -14.98
CA ARG F 503 -8.76 -42.51 -15.17
C ARG F 503 -9.43 -42.68 -13.81
N GLU F 504 -8.60 -42.86 -12.79
CA GLU F 504 -9.06 -42.99 -11.40
C GLU F 504 -7.92 -42.58 -10.47
N GLY F 505 -7.55 -41.31 -10.53
CA GLY F 505 -6.49 -40.81 -9.69
C GLY F 505 -5.86 -39.51 -10.20
N HIS F 506 -4.75 -39.12 -9.59
CA HIS F 506 -4.04 -37.89 -9.94
C HIS F 506 -2.54 -38.18 -9.94
N ASP F 507 -2.16 -39.27 -10.60
CA ASP F 507 -0.77 -39.71 -10.66
C ASP F 507 0.27 -38.63 -10.95
N VAL F 508 -0.18 -37.45 -11.36
CA VAL F 508 0.73 -36.35 -11.64
C VAL F 508 1.23 -35.78 -10.32
N ASP F 509 1.70 -36.66 -9.42
CA ASP F 509 2.17 -36.23 -8.10
C ASP F 509 3.68 -36.07 -8.00
N GLY F 510 4.43 -37.06 -8.46
CA GLY F 510 5.87 -36.97 -8.38
C GLY F 510 6.58 -38.22 -8.86
N LEU F 511 7.05 -38.17 -10.09
CA LEU F 511 7.77 -39.30 -10.68
C LEU F 511 9.13 -39.40 -9.96
N GLY F 512 9.34 -40.51 -9.27
CA GLY F 512 10.57 -40.69 -8.53
C GLY F 512 10.26 -40.35 -7.09
N LEU F 513 9.05 -39.82 -6.87
CA LEU F 513 8.62 -39.45 -5.54
C LEU F 513 8.22 -40.73 -4.83
N ASP F 514 6.92 -41.04 -4.80
CA ASP F 514 6.47 -42.26 -4.15
C ASP F 514 7.14 -43.44 -4.85
N GLU F 515 7.35 -43.30 -6.16
CA GLU F 515 7.97 -44.36 -6.95
C GLU F 515 9.26 -44.86 -6.33
N LEU F 516 10.15 -43.93 -6.01
CA LEU F 516 11.44 -44.28 -5.40
C LEU F 516 11.19 -45.27 -4.27
N ARG F 517 10.50 -44.80 -3.24
CA ARG F 517 10.18 -45.58 -2.07
C ARG F 517 9.51 -46.91 -2.40
N ASP F 518 8.30 -46.82 -2.95
CA ASP F 518 7.51 -48.00 -3.28
C ASP F 518 8.23 -49.02 -4.16
N ALA F 519 8.97 -48.54 -5.16
CA ALA F 519 9.68 -49.45 -6.03
C ALA F 519 10.62 -50.30 -5.20
N ILE F 520 11.15 -49.73 -4.12
CA ILE F 520 12.05 -50.46 -3.23
C ILE F 520 11.27 -51.56 -2.54
N LYS F 521 10.19 -51.16 -1.86
CA LYS F 521 9.35 -52.10 -1.13
C LYS F 521 8.66 -53.13 -2.01
N LEU F 522 9.36 -53.59 -3.03
CA LEU F 522 8.83 -54.60 -3.92
C LEU F 522 9.89 -55.68 -3.87
N LEU F 523 10.98 -55.36 -3.18
CA LEU F 523 12.08 -56.29 -2.99
C LEU F 523 11.85 -56.98 -1.66
N GLU F 524 10.85 -56.49 -0.92
CA GLU F 524 10.51 -57.05 0.39
C GLU F 524 9.05 -56.76 0.77
N VAL F 525 8.22 -57.80 0.77
CA VAL F 525 6.81 -57.64 1.13
C VAL F 525 6.08 -56.67 0.19
N GLY F 526 5.29 -57.22 -0.72
CA GLY F 526 4.57 -56.39 -1.67
C GLY F 526 4.67 -57.07 -3.02
N LYS F 527 3.69 -57.91 -3.34
CA LYS F 527 3.67 -58.65 -4.60
C LYS F 527 3.53 -57.73 -5.80
N ILE F 528 4.21 -58.10 -6.89
CA ILE F 528 4.19 -57.37 -8.15
C ILE F 528 2.90 -56.57 -8.30
N SER F 529 1.80 -57.29 -8.29
CA SER F 529 0.45 -56.75 -8.46
C SER F 529 -0.07 -55.76 -7.41
N LYS F 530 0.67 -55.57 -6.32
CA LYS F 530 0.25 -54.64 -5.27
C LYS F 530 0.47 -53.19 -5.69
N ASP F 531 1.51 -52.98 -6.50
CA ASP F 531 1.88 -51.65 -6.99
C ASP F 531 0.69 -50.79 -7.39
N ALA F 532 -0.01 -51.22 -8.43
CA ALA F 532 -1.17 -50.50 -8.96
C ALA F 532 -2.26 -50.26 -7.93
N LEU F 533 -1.84 -49.95 -6.70
CA LEU F 533 -2.75 -49.69 -5.61
C LEU F 533 -1.97 -48.96 -4.52
N ARG F 534 -0.77 -49.45 -4.24
CA ARG F 534 0.09 -48.84 -3.23
C ARG F 534 0.33 -47.38 -3.58
N ASP F 535 1.15 -47.15 -4.59
CA ASP F 535 1.48 -45.81 -5.04
C ASP F 535 0.21 -44.98 -5.16
N ILE F 536 -0.82 -45.57 -5.76
CA ILE F 536 -2.09 -44.91 -5.97
C ILE F 536 -2.52 -44.05 -4.79
N VAL F 537 -2.47 -44.62 -3.60
CA VAL F 537 -2.84 -43.91 -2.38
C VAL F 537 -2.19 -42.53 -2.43
N ALA F 538 -0.93 -42.51 -2.84
CA ALA F 538 -0.16 -41.27 -2.97
C ALA F 538 -0.68 -40.42 -4.13
#